data_7R9Z
# 
_entry.id   7R9Z 
# 
_audit_conform.dict_name       mmcif_pdbx.dic 
_audit_conform.dict_version    5.380 
_audit_conform.dict_location   http://mmcif.pdb.org/dictionaries/ascii/mmcif_pdbx.dic 
# 
loop_
_database_2.database_id 
_database_2.database_code 
_database_2.pdbx_database_accession 
_database_2.pdbx_DOI 
PDB   7R9Z         pdb_00007r9z 10.2210/pdb7r9z/pdb 
WWPDB D_1000257857 ?            ?                   
# 
_pdbx_database_status.status_code                     REL 
_pdbx_database_status.status_code_sf                  REL 
_pdbx_database_status.status_code_mr                  ? 
_pdbx_database_status.entry_id                        7R9Z 
_pdbx_database_status.recvd_initial_deposition_date   2021-06-29 
_pdbx_database_status.SG_entry                        N 
_pdbx_database_status.deposit_site                    RCSB 
_pdbx_database_status.process_site                    RCSB 
_pdbx_database_status.status_code_cs                  ? 
_pdbx_database_status.status_code_nmr_data            ? 
_pdbx_database_status.methods_development_category    ? 
_pdbx_database_status.pdb_format_compatible           Y 
# 
loop_
_audit_author.name 
_audit_author.pdbx_ordinal 
_audit_author.identifier_ORCID 
'Rouge, L.'     1 0000-0002-7953-5803 
'Steffek, M.'   2 ?                   
'Helgason, E.'  3 ?                   
'Dueber, E.'    4 ?                   
'Mulvihill, M.' 5 ?                   
# 
_citation.abstract                  ? 
_citation.abstract_id_CAS           ? 
_citation.book_id_ISBN              ? 
_citation.book_publisher            ? 
_citation.book_publisher_city       ? 
_citation.book_title                ? 
_citation.coordinate_linkage        ? 
_citation.country                   US 
_citation.database_id_Medline       ? 
_citation.details                   ? 
_citation.id                        primary 
_citation.journal_abbrev            Biochemistry 
_citation.journal_id_ASTM           BICHAW 
_citation.journal_id_CSD            0033 
_citation.journal_id_ISSN           0006-2960 
_citation.journal_full              ? 
_citation.journal_issue             ? 
_citation.journal_volume            62 
_citation.language                  ? 
_citation.page_first                633 
_citation.page_last                 644 
_citation.title                     'A Multifaceted Hit-Finding Approach Reveals Novel LC3 Family Ligands.' 
_citation.year                      2023 
_citation.database_id_CSD           ? 
_citation.pdbx_database_id_DOI      10.1021/acs.biochem.1c00682 
_citation.pdbx_database_id_PubMed   34985287 
_citation.pdbx_database_id_patent   ? 
_citation.unpublished_flag          ? 
# 
loop_
_citation_author.citation_id 
_citation_author.name 
_citation_author.ordinal 
_citation_author.identifier_ORCID 
primary 'Steffek, M.'     1  ?                   
primary 'Helgason, E.'    2  ?                   
primary 'Popovych, N.'    3  ?                   
primary 'Rouge, L.'       4  ?                   
primary 'Bruning, J.M.'   5  ?                   
primary 'Li, K.S.'        6  ?                   
primary 'Burdick, D.J.'   7  0000-0003-3475-7397 
primary 'Cai, J.'         8  ?                   
primary 'Crawford, T.'    9  ?                   
primary 'Xue, J.'         10 ?                   
primary 'Decurtins, W.'   11 ?                   
primary 'Fang, C.'        12 ?                   
primary 'Grubers, F.'     13 ?                   
primary 'Holliday, M.J.'  14 ?                   
primary 'Langley, A.'     15 ?                   
primary 'Petersen, A.'    16 ?                   
primary 'Satz, A.L.'      17 0000-0003-1284-1977 
primary 'Song, A.'        18 ?                   
primary 'Stoffler, D.'    19 ?                   
primary 'Strebel, Q.'     20 ?                   
primary 'Tom, J.Y.K.'     21 ?                   
primary 'Skelton, N.'     22 ?                   
primary 'Staben, S.T.'    23 ?                   
primary 'Wichert, M.'     24 ?                   
primary 'Mulvihill, M.M.' 25 ?                   
primary 'Dueber, E.C.'    26 0000-0001-6165-1083 
# 
_cell.angle_alpha                  90.000 
_cell.angle_alpha_esd              ? 
_cell.angle_beta                   90.000 
_cell.angle_beta_esd               ? 
_cell.angle_gamma                  90.000 
_cell.angle_gamma_esd              ? 
_cell.entry_id                     7R9Z 
_cell.details                      ? 
_cell.formula_units_Z              ? 
_cell.length_a                     93.463 
_cell.length_a_esd                 ? 
_cell.length_b                     93.463 
_cell.length_b_esd                 ? 
_cell.length_c                     32.322 
_cell.length_c_esd                 ? 
_cell.volume                       282343.413 
_cell.volume_esd                   ? 
_cell.Z_PDB                        8 
_cell.reciprocal_angle_alpha       ? 
_cell.reciprocal_angle_beta        ? 
_cell.reciprocal_angle_gamma       ? 
_cell.reciprocal_angle_alpha_esd   ? 
_cell.reciprocal_angle_beta_esd    ? 
_cell.reciprocal_angle_gamma_esd   ? 
_cell.reciprocal_length_a          ? 
_cell.reciprocal_length_b          ? 
_cell.reciprocal_length_c          ? 
_cell.reciprocal_length_a_esd      ? 
_cell.reciprocal_length_b_esd      ? 
_cell.reciprocal_length_c_esd      ? 
_cell.pdbx_unique_axis             ? 
# 
_symmetry.entry_id                         7R9Z 
_symmetry.cell_setting                     ? 
_symmetry.Int_Tables_number                80 
_symmetry.space_group_name_Hall            'I 4bw' 
_symmetry.space_group_name_H-M             'I 41' 
_symmetry.pdbx_full_space_group_name_H-M   ? 
# 
loop_
_entity.id 
_entity.type 
_entity.src_method 
_entity.pdbx_description 
_entity.formula_weight 
_entity.pdbx_number_of_molecules 
_entity.pdbx_ec 
_entity.pdbx_mutation 
_entity.pdbx_fragment 
_entity.details 
1 polymer     man 'Microtubule-associated proteins 1A/1B light chain 3A' 14290.405 1  ? ? ? ? 
2 non-polymer syn '(5-fluoro-1H-indol-3-yl)acetic acid'                  193.174   1  ? ? ? ? 
3 water       nat water                                                  18.015    69 ? ? ? ? 
# 
_entity_name_com.entity_id   1 
_entity_name_com.name        
;Autophagy-related protein LC3 A,Autophagy-related ubiquitin-like modifier LC3 A,MAP1 light chain 3-like protein 1,MAP1A/MAP1B light chain 3 A,MAP1A/MAP1B LC3 A,Microtubule-associated protein 1 light chain 3 alpha
;
# 
_entity_poly.entity_id                      1 
_entity_poly.type                           'polypeptide(L)' 
_entity_poly.nstd_linkage                   no 
_entity_poly.nstd_monomer                   no 
_entity_poly.pdbx_seq_one_letter_code       
;GSMPSDRPFKQRRSFADRCKEVQQIRDQHPSKIPVIIERYKGEKQLPVLDKTKFLVPDHVNMSELVKIIRRRLQLNPTQA
FFLLVNQHSMVSVSTPIADIYEQEKDEDGFLYMVYASQETFG
;
_entity_poly.pdbx_seq_one_letter_code_can   
;GSMPSDRPFKQRRSFADRCKEVQQIRDQHPSKIPVIIERYKGEKQLPVLDKTKFLVPDHVNMSELVKIIRRRLQLNPTQA
FFLLVNQHSMVSVSTPIADIYEQEKDEDGFLYMVYASQETFG
;
_entity_poly.pdbx_strand_id                 A 
_entity_poly.pdbx_target_identifier         ? 
# 
loop_
_entity_poly_seq.entity_id 
_entity_poly_seq.num 
_entity_poly_seq.mon_id 
_entity_poly_seq.hetero 
1 1   GLY n 
1 2   SER n 
1 3   MET n 
1 4   PRO n 
1 5   SER n 
1 6   ASP n 
1 7   ARG n 
1 8   PRO n 
1 9   PHE n 
1 10  LYS n 
1 11  GLN n 
1 12  ARG n 
1 13  ARG n 
1 14  SER n 
1 15  PHE n 
1 16  ALA n 
1 17  ASP n 
1 18  ARG n 
1 19  CYS n 
1 20  LYS n 
1 21  GLU n 
1 22  VAL n 
1 23  GLN n 
1 24  GLN n 
1 25  ILE n 
1 26  ARG n 
1 27  ASP n 
1 28  GLN n 
1 29  HIS n 
1 30  PRO n 
1 31  SER n 
1 32  LYS n 
1 33  ILE n 
1 34  PRO n 
1 35  VAL n 
1 36  ILE n 
1 37  ILE n 
1 38  GLU n 
1 39  ARG n 
1 40  TYR n 
1 41  LYS n 
1 42  GLY n 
1 43  GLU n 
1 44  LYS n 
1 45  GLN n 
1 46  LEU n 
1 47  PRO n 
1 48  VAL n 
1 49  LEU n 
1 50  ASP n 
1 51  LYS n 
1 52  THR n 
1 53  LYS n 
1 54  PHE n 
1 55  LEU n 
1 56  VAL n 
1 57  PRO n 
1 58  ASP n 
1 59  HIS n 
1 60  VAL n 
1 61  ASN n 
1 62  MET n 
1 63  SER n 
1 64  GLU n 
1 65  LEU n 
1 66  VAL n 
1 67  LYS n 
1 68  ILE n 
1 69  ILE n 
1 70  ARG n 
1 71  ARG n 
1 72  ARG n 
1 73  LEU n 
1 74  GLN n 
1 75  LEU n 
1 76  ASN n 
1 77  PRO n 
1 78  THR n 
1 79  GLN n 
1 80  ALA n 
1 81  PHE n 
1 82  PHE n 
1 83  LEU n 
1 84  LEU n 
1 85  VAL n 
1 86  ASN n 
1 87  GLN n 
1 88  HIS n 
1 89  SER n 
1 90  MET n 
1 91  VAL n 
1 92  SER n 
1 93  VAL n 
1 94  SER n 
1 95  THR n 
1 96  PRO n 
1 97  ILE n 
1 98  ALA n 
1 99  ASP n 
1 100 ILE n 
1 101 TYR n 
1 102 GLU n 
1 103 GLN n 
1 104 GLU n 
1 105 LYS n 
1 106 ASP n 
1 107 GLU n 
1 108 ASP n 
1 109 GLY n 
1 110 PHE n 
1 111 LEU n 
1 112 TYR n 
1 113 MET n 
1 114 VAL n 
1 115 TYR n 
1 116 ALA n 
1 117 SER n 
1 118 GLN n 
1 119 GLU n 
1 120 THR n 
1 121 PHE n 
1 122 GLY n 
# 
_entity_src_gen.entity_id                          1 
_entity_src_gen.pdbx_src_id                        1 
_entity_src_gen.pdbx_alt_source_flag               sample 
_entity_src_gen.pdbx_seq_type                      'Biological sequence' 
_entity_src_gen.pdbx_beg_seq_num                   1 
_entity_src_gen.pdbx_end_seq_num                   122 
_entity_src_gen.gene_src_common_name               Human 
_entity_src_gen.gene_src_genus                     ? 
_entity_src_gen.pdbx_gene_src_gene                 MAP1LC3A 
_entity_src_gen.gene_src_species                   ? 
_entity_src_gen.gene_src_strain                    ? 
_entity_src_gen.gene_src_tissue                    ? 
_entity_src_gen.gene_src_tissue_fraction           ? 
_entity_src_gen.gene_src_details                   ? 
_entity_src_gen.pdbx_gene_src_fragment             ? 
_entity_src_gen.pdbx_gene_src_scientific_name      'Homo sapiens' 
_entity_src_gen.pdbx_gene_src_ncbi_taxonomy_id     9606 
_entity_src_gen.pdbx_gene_src_variant              ? 
_entity_src_gen.pdbx_gene_src_cell_line            ? 
_entity_src_gen.pdbx_gene_src_atcc                 ? 
_entity_src_gen.pdbx_gene_src_organ                ? 
_entity_src_gen.pdbx_gene_src_organelle            ? 
_entity_src_gen.pdbx_gene_src_cell                 ? 
_entity_src_gen.pdbx_gene_src_cellular_location    ? 
_entity_src_gen.host_org_common_name               ? 
_entity_src_gen.pdbx_host_org_scientific_name      'Escherichia coli' 
_entity_src_gen.pdbx_host_org_ncbi_taxonomy_id     562 
_entity_src_gen.host_org_genus                     ? 
_entity_src_gen.pdbx_host_org_gene                 ? 
_entity_src_gen.pdbx_host_org_organ                ? 
_entity_src_gen.host_org_species                   ? 
_entity_src_gen.pdbx_host_org_tissue               ? 
_entity_src_gen.pdbx_host_org_tissue_fraction      ? 
_entity_src_gen.pdbx_host_org_strain               ? 
_entity_src_gen.pdbx_host_org_variant              ? 
_entity_src_gen.pdbx_host_org_cell_line            ? 
_entity_src_gen.pdbx_host_org_atcc                 ? 
_entity_src_gen.pdbx_host_org_culture_collection   ? 
_entity_src_gen.pdbx_host_org_cell                 ? 
_entity_src_gen.pdbx_host_org_organelle            ? 
_entity_src_gen.pdbx_host_org_cellular_location    ? 
_entity_src_gen.pdbx_host_org_vector_type          ? 
_entity_src_gen.pdbx_host_org_vector               ? 
_entity_src_gen.host_org_details                   ? 
_entity_src_gen.expression_system_id               ? 
_entity_src_gen.plasmid_name                       ? 
_entity_src_gen.plasmid_details                    ? 
_entity_src_gen.pdbx_description                   ? 
# 
_struct_ref.id                         1 
_struct_ref.db_name                    UNP 
_struct_ref.db_code                    MLP3A_HUMAN 
_struct_ref.pdbx_db_accession          Q9H492 
_struct_ref.pdbx_db_isoform            ? 
_struct_ref.entity_id                  1 
_struct_ref.pdbx_seq_one_letter_code   
;MPSDRPFKQRRSFADRCKEVQQIRDQHPSKIPVIIERYKGEKQLPVLDKTKFLVPDHVNMSELVKIIRRRLQLNPTQAFF
LLVNQHSMVSVSTPIADIYEQEKDEDGFLYMVYASQETFG
;
_struct_ref.pdbx_align_begin           1 
# 
_struct_ref_seq.align_id                      1 
_struct_ref_seq.ref_id                        1 
_struct_ref_seq.pdbx_PDB_id_code              7R9Z 
_struct_ref_seq.pdbx_strand_id                A 
_struct_ref_seq.seq_align_beg                 3 
_struct_ref_seq.pdbx_seq_align_beg_ins_code   ? 
_struct_ref_seq.seq_align_end                 122 
_struct_ref_seq.pdbx_seq_align_end_ins_code   ? 
_struct_ref_seq.pdbx_db_accession             Q9H492 
_struct_ref_seq.db_align_beg                  1 
_struct_ref_seq.pdbx_db_align_beg_ins_code    ? 
_struct_ref_seq.db_align_end                  120 
_struct_ref_seq.pdbx_db_align_end_ins_code    ? 
_struct_ref_seq.pdbx_auth_seq_align_beg       1 
_struct_ref_seq.pdbx_auth_seq_align_end       120 
# 
loop_
_struct_ref_seq_dif.align_id 
_struct_ref_seq_dif.pdbx_pdb_id_code 
_struct_ref_seq_dif.mon_id 
_struct_ref_seq_dif.pdbx_pdb_strand_id 
_struct_ref_seq_dif.seq_num 
_struct_ref_seq_dif.pdbx_pdb_ins_code 
_struct_ref_seq_dif.pdbx_seq_db_name 
_struct_ref_seq_dif.pdbx_seq_db_accession_code 
_struct_ref_seq_dif.db_mon_id 
_struct_ref_seq_dif.pdbx_seq_db_seq_num 
_struct_ref_seq_dif.details 
_struct_ref_seq_dif.pdbx_auth_seq_num 
_struct_ref_seq_dif.pdbx_ordinal 
1 7R9Z GLY A 1 ? UNP Q9H492 ? ? 'expression tag' -1 1 
1 7R9Z SER A 2 ? UNP Q9H492 ? ? 'expression tag' 0  2 
# 
loop_
_chem_comp.id 
_chem_comp.type 
_chem_comp.mon_nstd_flag 
_chem_comp.name 
_chem_comp.pdbx_synonyms 
_chem_comp.formula 
_chem_comp.formula_weight 
2LZ non-polymer         . '(5-fluoro-1H-indol-3-yl)acetic acid' ? 'C10 H8 F N O2'  193.174 
ALA 'L-peptide linking' y ALANINE                               ? 'C3 H7 N O2'     89.093  
ARG 'L-peptide linking' y ARGININE                              ? 'C6 H15 N4 O2 1' 175.209 
ASN 'L-peptide linking' y ASPARAGINE                            ? 'C4 H8 N2 O3'    132.118 
ASP 'L-peptide linking' y 'ASPARTIC ACID'                       ? 'C4 H7 N O4'     133.103 
CYS 'L-peptide linking' y CYSTEINE                              ? 'C3 H7 N O2 S'   121.158 
GLN 'L-peptide linking' y GLUTAMINE                             ? 'C5 H10 N2 O3'   146.144 
GLU 'L-peptide linking' y 'GLUTAMIC ACID'                       ? 'C5 H9 N O4'     147.129 
GLY 'peptide linking'   y GLYCINE                               ? 'C2 H5 N O2'     75.067  
HIS 'L-peptide linking' y HISTIDINE                             ? 'C6 H10 N3 O2 1' 156.162 
HOH non-polymer         . WATER                                 ? 'H2 O'           18.015  
ILE 'L-peptide linking' y ISOLEUCINE                            ? 'C6 H13 N O2'    131.173 
LEU 'L-peptide linking' y LEUCINE                               ? 'C6 H13 N O2'    131.173 
LYS 'L-peptide linking' y LYSINE                                ? 'C6 H15 N2 O2 1' 147.195 
MET 'L-peptide linking' y METHIONINE                            ? 'C5 H11 N O2 S'  149.211 
PHE 'L-peptide linking' y PHENYLALANINE                         ? 'C9 H11 N O2'    165.189 
PRO 'L-peptide linking' y PROLINE                               ? 'C5 H9 N O2'     115.130 
SER 'L-peptide linking' y SERINE                                ? 'C3 H7 N O3'     105.093 
THR 'L-peptide linking' y THREONINE                             ? 'C4 H9 N O3'     119.119 
TYR 'L-peptide linking' y TYROSINE                              ? 'C9 H11 N O3'    181.189 
VAL 'L-peptide linking' y VALINE                                ? 'C5 H11 N O2'    117.146 
# 
_exptl.absorpt_coefficient_mu     ? 
_exptl.absorpt_correction_T_max   ? 
_exptl.absorpt_correction_T_min   ? 
_exptl.absorpt_correction_type    ? 
_exptl.absorpt_process_details    ? 
_exptl.entry_id                   7R9Z 
_exptl.crystals_number            1 
_exptl.details                    ? 
_exptl.method                     'X-RAY DIFFRACTION' 
_exptl.method_details             ? 
# 
_exptl_crystal.colour                      ? 
_exptl_crystal.density_diffrn              ? 
_exptl_crystal.density_Matthews            2.47 
_exptl_crystal.density_method              ? 
_exptl_crystal.density_percent_sol         50.20 
_exptl_crystal.description                 ? 
_exptl_crystal.F_000                       ? 
_exptl_crystal.id                          1 
_exptl_crystal.preparation                 ? 
_exptl_crystal.size_max                    ? 
_exptl_crystal.size_mid                    ? 
_exptl_crystal.size_min                    ? 
_exptl_crystal.size_rad                    ? 
_exptl_crystal.colour_lustre               ? 
_exptl_crystal.colour_modifier             ? 
_exptl_crystal.colour_primary              ? 
_exptl_crystal.density_meas                ? 
_exptl_crystal.density_meas_esd            ? 
_exptl_crystal.density_meas_gt             ? 
_exptl_crystal.density_meas_lt             ? 
_exptl_crystal.density_meas_temp           ? 
_exptl_crystal.density_meas_temp_esd       ? 
_exptl_crystal.density_meas_temp_gt        ? 
_exptl_crystal.density_meas_temp_lt        ? 
_exptl_crystal.pdbx_crystal_image_url      ? 
_exptl_crystal.pdbx_crystal_image_format   ? 
_exptl_crystal.pdbx_mosaicity              ? 
_exptl_crystal.pdbx_mosaicity_esd          ? 
# 
_exptl_crystal_grow.apparatus       ? 
_exptl_crystal_grow.atmosphere      ? 
_exptl_crystal_grow.crystal_id      1 
_exptl_crystal_grow.details         ? 
_exptl_crystal_grow.method          'VAPOR DIFFUSION, HANGING DROP' 
_exptl_crystal_grow.method_ref      ? 
_exptl_crystal_grow.pH              ? 
_exptl_crystal_grow.pressure        ? 
_exptl_crystal_grow.pressure_esd    ? 
_exptl_crystal_grow.seeding         ? 
_exptl_crystal_grow.seeding_ref     ? 
_exptl_crystal_grow.temp            293 
_exptl_crystal_grow.temp_details    ? 
_exptl_crystal_grow.temp_esd        ? 
_exptl_crystal_grow.time            ? 
_exptl_crystal_grow.pdbx_details    '0.2M Sodium formate, 20% PEG 3350' 
_exptl_crystal_grow.pdbx_pH_range   ? 
# 
_diffrn.ambient_environment              ? 
_diffrn.ambient_temp                     100 
_diffrn.ambient_temp_details             ? 
_diffrn.ambient_temp_esd                 ? 
_diffrn.crystal_id                       1 
_diffrn.crystal_support                  ? 
_diffrn.crystal_treatment                ? 
_diffrn.details                          ? 
_diffrn.id                               1 
_diffrn.ambient_pressure                 ? 
_diffrn.ambient_pressure_esd             ? 
_diffrn.ambient_pressure_gt              ? 
_diffrn.ambient_pressure_lt              ? 
_diffrn.ambient_temp_gt                  ? 
_diffrn.ambient_temp_lt                  ? 
_diffrn.pdbx_serial_crystal_experiment   N 
# 
_diffrn_detector.details                      ? 
_diffrn_detector.detector                     PIXEL 
_diffrn_detector.diffrn_id                    1 
_diffrn_detector.type                         'DECTRIS PILATUS 6M' 
_diffrn_detector.area_resol_mean              ? 
_diffrn_detector.dtime                        ? 
_diffrn_detector.pdbx_frames_total            ? 
_diffrn_detector.pdbx_collection_time_total   ? 
_diffrn_detector.pdbx_collection_date         2018-05-02 
_diffrn_detector.pdbx_frequency               ? 
# 
_diffrn_radiation.collimation                      ? 
_diffrn_radiation.diffrn_id                        1 
_diffrn_radiation.filter_edge                      ? 
_diffrn_radiation.inhomogeneity                    ? 
_diffrn_radiation.monochromator                    ? 
_diffrn_radiation.polarisn_norm                    ? 
_diffrn_radiation.polarisn_ratio                   ? 
_diffrn_radiation.probe                            ? 
_diffrn_radiation.type                             ? 
_diffrn_radiation.xray_symbol                      ? 
_diffrn_radiation.wavelength_id                    1 
_diffrn_radiation.pdbx_monochromatic_or_laue_m_l   M 
_diffrn_radiation.pdbx_wavelength_list             ? 
_diffrn_radiation.pdbx_wavelength                  ? 
_diffrn_radiation.pdbx_diffrn_protocol             'SINGLE WAVELENGTH' 
_diffrn_radiation.pdbx_analyzer                    ? 
_diffrn_radiation.pdbx_scattering_type             x-ray 
# 
_diffrn_radiation_wavelength.id           1 
_diffrn_radiation_wavelength.wavelength   1 
_diffrn_radiation_wavelength.wt           1.0 
# 
_diffrn_source.current                     ? 
_diffrn_source.details                     ? 
_diffrn_source.diffrn_id                   1 
_diffrn_source.power                       ? 
_diffrn_source.size                        ? 
_diffrn_source.source                      SYNCHROTRON 
_diffrn_source.target                      ? 
_diffrn_source.type                        'ALS BEAMLINE 5.0.2' 
_diffrn_source.voltage                     ? 
_diffrn_source.take-off_angle              ? 
_diffrn_source.pdbx_wavelength_list        1 
_diffrn_source.pdbx_wavelength             ? 
_diffrn_source.pdbx_synchrotron_beamline   5.0.2 
_diffrn_source.pdbx_synchrotron_site       ALS 
# 
_reflns.B_iso_Wilson_estimate                          32.05 
_reflns.entry_id                                       7R9Z 
_reflns.data_reduction_details                         ? 
_reflns.data_reduction_method                          ? 
_reflns.d_resolution_high                              1.72 
_reflns.d_resolution_low                               46.73 
_reflns.details                                        ? 
_reflns.limit_h_max                                    ? 
_reflns.limit_h_min                                    ? 
_reflns.limit_k_max                                    ? 
_reflns.limit_k_min                                    ? 
_reflns.limit_l_max                                    ? 
_reflns.limit_l_min                                    ? 
_reflns.number_all                                     ? 
_reflns.number_obs                                     15116 
_reflns.observed_criterion                             ? 
_reflns.observed_criterion_F_max                       ? 
_reflns.observed_criterion_F_min                       ? 
_reflns.observed_criterion_I_max                       ? 
_reflns.observed_criterion_I_min                       ? 
_reflns.observed_criterion_sigma_F                     ? 
_reflns.observed_criterion_sigma_I                     ? 
_reflns.percent_possible_obs                           100 
_reflns.R_free_details                                 ? 
_reflns.Rmerge_F_all                                   ? 
_reflns.Rmerge_F_obs                                   ? 
_reflns.Friedel_coverage                               ? 
_reflns.number_gt                                      ? 
_reflns.threshold_expression                           ? 
_reflns.pdbx_redundancy                                12.9 
_reflns.pdbx_Rmerge_I_obs                              0.052 
_reflns.pdbx_Rmerge_I_all                              ? 
_reflns.pdbx_Rsym_value                                ? 
_reflns.pdbx_netI_over_av_sigmaI                       ? 
_reflns.pdbx_netI_over_sigmaI                          2 
_reflns.pdbx_res_netI_over_av_sigmaI_2                 ? 
_reflns.pdbx_res_netI_over_sigmaI_2                    ? 
_reflns.pdbx_chi_squared                               ? 
_reflns.pdbx_scaling_rejects                           ? 
_reflns.pdbx_d_res_high_opt                            ? 
_reflns.pdbx_d_res_low_opt                             ? 
_reflns.pdbx_d_res_opt_method                          ? 
_reflns.phase_calculation_details                      ? 
_reflns.pdbx_Rrim_I_all                                ? 
_reflns.pdbx_Rpim_I_all                                ? 
_reflns.pdbx_d_opt                                     ? 
_reflns.pdbx_number_measured_all                       ? 
_reflns.pdbx_diffrn_id                                 1 
_reflns.pdbx_ordinal                                   1 
_reflns.pdbx_CC_half                                   ? 
_reflns.pdbx_CC_star                                   ? 
_reflns.pdbx_R_split                                   ? 
_reflns.pdbx_aniso_diffraction_limit_axis_1_ortho[1]   ? 
_reflns.pdbx_aniso_diffraction_limit_axis_1_ortho[2]   ? 
_reflns.pdbx_aniso_diffraction_limit_axis_1_ortho[3]   ? 
_reflns.pdbx_aniso_diffraction_limit_axis_2_ortho[1]   ? 
_reflns.pdbx_aniso_diffraction_limit_axis_2_ortho[2]   ? 
_reflns.pdbx_aniso_diffraction_limit_axis_2_ortho[3]   ? 
_reflns.pdbx_aniso_diffraction_limit_axis_3_ortho[1]   ? 
_reflns.pdbx_aniso_diffraction_limit_axis_3_ortho[2]   ? 
_reflns.pdbx_aniso_diffraction_limit_axis_3_ortho[3]   ? 
_reflns.pdbx_aniso_diffraction_limit_1                 ? 
_reflns.pdbx_aniso_diffraction_limit_2                 ? 
_reflns.pdbx_aniso_diffraction_limit_3                 ? 
_reflns.pdbx_aniso_B_tensor_eigenvector_1_ortho[1]     ? 
_reflns.pdbx_aniso_B_tensor_eigenvector_1_ortho[2]     ? 
_reflns.pdbx_aniso_B_tensor_eigenvector_1_ortho[3]     ? 
_reflns.pdbx_aniso_B_tensor_eigenvector_2_ortho[1]     ? 
_reflns.pdbx_aniso_B_tensor_eigenvector_2_ortho[2]     ? 
_reflns.pdbx_aniso_B_tensor_eigenvector_2_ortho[3]     ? 
_reflns.pdbx_aniso_B_tensor_eigenvector_3_ortho[1]     ? 
_reflns.pdbx_aniso_B_tensor_eigenvector_3_ortho[2]     ? 
_reflns.pdbx_aniso_B_tensor_eigenvector_3_ortho[3]     ? 
_reflns.pdbx_aniso_B_tensor_eigenvalue_1               ? 
_reflns.pdbx_aniso_B_tensor_eigenvalue_2               ? 
_reflns.pdbx_aniso_B_tensor_eigenvalue_3               ? 
_reflns.pdbx_orthogonalization_convention              ? 
_reflns.pdbx_percent_possible_ellipsoidal              ? 
_reflns.pdbx_percent_possible_spherical                ? 
_reflns.pdbx_percent_possible_ellipsoidal_anomalous    ? 
_reflns.pdbx_percent_possible_spherical_anomalous      ? 
_reflns.pdbx_redundancy_anomalous                      ? 
_reflns.pdbx_CC_half_anomalous                         ? 
_reflns.pdbx_absDiff_over_sigma_anomalous              ? 
_reflns.pdbx_percent_possible_anomalous                ? 
_reflns.pdbx_observed_signal_threshold                 ? 
_reflns.pdbx_signal_type                               ? 
_reflns.pdbx_signal_details                            ? 
_reflns.pdbx_signal_software_id                        ? 
# 
_reflns_shell.d_res_high                                    1.72 
_reflns_shell.d_res_low                                     1.75 
_reflns_shell.meanI_over_sigI_all                           ? 
_reflns_shell.meanI_over_sigI_obs                           ? 
_reflns_shell.number_measured_all                           ? 
_reflns_shell.number_measured_obs                           ? 
_reflns_shell.number_possible                               ? 
_reflns_shell.number_unique_all                             ? 
_reflns_shell.number_unique_obs                             1508 
_reflns_shell.percent_possible_all                          ? 
_reflns_shell.percent_possible_obs                          ? 
_reflns_shell.Rmerge_F_all                                  ? 
_reflns_shell.Rmerge_F_obs                                  ? 
_reflns_shell.Rmerge_I_all                                  ? 
_reflns_shell.Rmerge_I_obs                                  1.25 
_reflns_shell.meanI_over_sigI_gt                            ? 
_reflns_shell.meanI_over_uI_all                             ? 
_reflns_shell.meanI_over_uI_gt                              ? 
_reflns_shell.number_measured_gt                            ? 
_reflns_shell.number_unique_gt                              ? 
_reflns_shell.percent_possible_gt                           ? 
_reflns_shell.Rmerge_F_gt                                   ? 
_reflns_shell.Rmerge_I_gt                                   ? 
_reflns_shell.pdbx_redundancy                               ? 
_reflns_shell.pdbx_Rsym_value                               ? 
_reflns_shell.pdbx_chi_squared                              ? 
_reflns_shell.pdbx_netI_over_sigmaI_all                     ? 
_reflns_shell.pdbx_netI_over_sigmaI_obs                     ? 
_reflns_shell.pdbx_Rrim_I_all                               ? 
_reflns_shell.pdbx_Rpim_I_all                               ? 
_reflns_shell.pdbx_rejects                                  ? 
_reflns_shell.pdbx_ordinal                                  1 
_reflns_shell.pdbx_diffrn_id                                1 
_reflns_shell.pdbx_CC_half                                  ? 
_reflns_shell.pdbx_CC_star                                  ? 
_reflns_shell.pdbx_R_split                                  ? 
_reflns_shell.pdbx_percent_possible_ellipsoidal             ? 
_reflns_shell.pdbx_percent_possible_spherical               ? 
_reflns_shell.pdbx_percent_possible_ellipsoidal_anomalous   ? 
_reflns_shell.pdbx_percent_possible_spherical_anomalous     ? 
_reflns_shell.pdbx_redundancy_anomalous                     ? 
_reflns_shell.pdbx_CC_half_anomalous                        ? 
_reflns_shell.pdbx_absDiff_over_sigma_anomalous             ? 
_reflns_shell.pdbx_percent_possible_anomalous               ? 
# 
_refine.aniso_B[1][1]                            ? 
_refine.aniso_B[1][2]                            ? 
_refine.aniso_B[1][3]                            ? 
_refine.aniso_B[2][2]                            ? 
_refine.aniso_B[2][3]                            ? 
_refine.aniso_B[3][3]                            ? 
_refine.B_iso_max                                ? 
_refine.B_iso_mean                               39.88 
_refine.B_iso_min                                ? 
_refine.correlation_coeff_Fo_to_Fc               ? 
_refine.correlation_coeff_Fo_to_Fc_free          ? 
_refine.details                                  ? 
_refine.diff_density_max                         ? 
_refine.diff_density_max_esd                     ? 
_refine.diff_density_min                         ? 
_refine.diff_density_min_esd                     ? 
_refine.diff_density_rms                         ? 
_refine.diff_density_rms_esd                     ? 
_refine.entry_id                                 7R9Z 
_refine.pdbx_refine_id                           'X-RAY DIFFRACTION' 
_refine.ls_abs_structure_details                 ? 
_refine.ls_abs_structure_Flack                   ? 
_refine.ls_abs_structure_Flack_esd               ? 
_refine.ls_abs_structure_Rogers                  ? 
_refine.ls_abs_structure_Rogers_esd              ? 
_refine.ls_d_res_high                            1.72 
_refine.ls_d_res_low                             46.73 
_refine.ls_extinction_coef                       ? 
_refine.ls_extinction_coef_esd                   ? 
_refine.ls_extinction_expression                 ? 
_refine.ls_extinction_method                     ? 
_refine.ls_goodness_of_fit_all                   ? 
_refine.ls_goodness_of_fit_all_esd               ? 
_refine.ls_goodness_of_fit_obs                   ? 
_refine.ls_goodness_of_fit_obs_esd               ? 
_refine.ls_hydrogen_treatment                    ? 
_refine.ls_matrix_type                           ? 
_refine.ls_number_constraints                    ? 
_refine.ls_number_parameters                     ? 
_refine.ls_number_reflns_all                     ? 
_refine.ls_number_reflns_obs                     15116 
_refine.ls_number_reflns_R_free                  1508 
_refine.ls_number_reflns_R_work                  13608 
_refine.ls_number_restraints                     ? 
_refine.ls_percent_reflns_obs                    99.98 
_refine.ls_percent_reflns_R_free                 9.98 
_refine.ls_R_factor_all                          ? 
_refine.ls_R_factor_obs                          0.1950 
_refine.ls_R_factor_R_free                       0.2185 
_refine.ls_R_factor_R_free_error                 ? 
_refine.ls_R_factor_R_free_error_details         ? 
_refine.ls_R_factor_R_work                       0.1924 
_refine.ls_R_Fsqd_factor_obs                     ? 
_refine.ls_R_I_factor_obs                        ? 
_refine.ls_redundancy_reflns_all                 ? 
_refine.ls_redundancy_reflns_obs                 ? 
_refine.ls_restrained_S_all                      ? 
_refine.ls_restrained_S_obs                      ? 
_refine.ls_shift_over_esd_max                    ? 
_refine.ls_shift_over_esd_mean                   ? 
_refine.ls_structure_factor_coef                 ? 
_refine.ls_weighting_details                     ? 
_refine.ls_weighting_scheme                      ? 
_refine.ls_wR_factor_all                         ? 
_refine.ls_wR_factor_obs                         ? 
_refine.ls_wR_factor_R_free                      ? 
_refine.ls_wR_factor_R_work                      ? 
_refine.occupancy_max                            ? 
_refine.occupancy_min                            ? 
_refine.solvent_model_details                    'FLAT BULK SOLVENT MODEL' 
_refine.solvent_model_param_bsol                 ? 
_refine.solvent_model_param_ksol                 ? 
_refine.pdbx_R_complete                          ? 
_refine.ls_R_factor_gt                           ? 
_refine.ls_goodness_of_fit_gt                    ? 
_refine.ls_goodness_of_fit_ref                   ? 
_refine.ls_shift_over_su_max                     ? 
_refine.ls_shift_over_su_max_lt                  ? 
_refine.ls_shift_over_su_mean                    ? 
_refine.ls_shift_over_su_mean_lt                 ? 
_refine.pdbx_ls_sigma_I                          ? 
_refine.pdbx_ls_sigma_F                          1.34 
_refine.pdbx_ls_sigma_Fsqd                       ? 
_refine.pdbx_data_cutoff_high_absF               ? 
_refine.pdbx_data_cutoff_high_rms_absF           ? 
_refine.pdbx_data_cutoff_low_absF                ? 
_refine.pdbx_isotropic_thermal_model             ? 
_refine.pdbx_ls_cross_valid_method               'FREE R-VALUE' 
_refine.pdbx_method_to_determine_struct          'MOLECULAR REPLACEMENT' 
_refine.pdbx_starting_model                      3WAL 
_refine.pdbx_stereochemistry_target_values       'GeoStd + Monomer Library + CDL v1.2' 
_refine.pdbx_R_Free_selection_details            ? 
_refine.pdbx_stereochem_target_val_spec_case     ? 
_refine.pdbx_overall_ESU_R                       ? 
_refine.pdbx_overall_ESU_R_Free                  ? 
_refine.pdbx_solvent_vdw_probe_radii             1.1100 
_refine.pdbx_solvent_ion_probe_radii             ? 
_refine.pdbx_solvent_shrinkage_radii             0.9000 
_refine.pdbx_real_space_R                        ? 
_refine.pdbx_density_correlation                 ? 
_refine.pdbx_pd_number_of_powder_patterns        ? 
_refine.pdbx_pd_number_of_points                 ? 
_refine.pdbx_pd_meas_number_of_points            ? 
_refine.pdbx_pd_proc_ls_prof_R_factor            ? 
_refine.pdbx_pd_proc_ls_prof_wR_factor           ? 
_refine.pdbx_pd_Marquardt_correlation_coeff      ? 
_refine.pdbx_pd_Fsqrd_R_factor                   ? 
_refine.pdbx_pd_ls_matrix_band_width             ? 
_refine.pdbx_overall_phase_error                 26.5216 
_refine.pdbx_overall_SU_R_free_Cruickshank_DPI   ? 
_refine.pdbx_overall_SU_R_free_Blow_DPI          ? 
_refine.pdbx_overall_SU_R_Blow_DPI               ? 
_refine.pdbx_TLS_residual_ADP_flag               ? 
_refine.pdbx_diffrn_id                           1 
_refine.overall_SU_B                             ? 
_refine.overall_SU_ML                            0.2509 
_refine.overall_SU_R_Cruickshank_DPI             ? 
_refine.overall_SU_R_free                        ? 
_refine.overall_FOM_free_R_set                   ? 
_refine.overall_FOM_work_R_set                   ? 
_refine.pdbx_average_fsc_overall                 ? 
_refine.pdbx_average_fsc_work                    ? 
_refine.pdbx_average_fsc_free                    ? 
# 
_refine_hist.pdbx_refine_id                   'X-RAY DIFFRACTION' 
_refine_hist.cycle_id                         LAST 
_refine_hist.details                          ? 
_refine_hist.d_res_high                       1.72 
_refine_hist.d_res_low                        46.73 
_refine_hist.number_atoms_solvent             69 
_refine_hist.number_atoms_total               1040 
_refine_hist.number_reflns_all                ? 
_refine_hist.number_reflns_obs                ? 
_refine_hist.number_reflns_R_free             ? 
_refine_hist.number_reflns_R_work             ? 
_refine_hist.R_factor_all                     ? 
_refine_hist.R_factor_obs                     ? 
_refine_hist.R_factor_R_free                  ? 
_refine_hist.R_factor_R_work                  ? 
_refine_hist.pdbx_number_residues_total       ? 
_refine_hist.pdbx_B_iso_mean_ligand           ? 
_refine_hist.pdbx_B_iso_mean_solvent          ? 
_refine_hist.pdbx_number_atoms_protein        957 
_refine_hist.pdbx_number_atoms_nucleic_acid   0 
_refine_hist.pdbx_number_atoms_ligand         14 
_refine_hist.pdbx_number_atoms_lipid          ? 
_refine_hist.pdbx_number_atoms_carb           ? 
_refine_hist.pdbx_pseudo_atom_details         ? 
# 
loop_
_refine_ls_restr.pdbx_refine_id 
_refine_ls_restr.criterion 
_refine_ls_restr.dev_ideal 
_refine_ls_restr.dev_ideal_target 
_refine_ls_restr.number 
_refine_ls_restr.rejects 
_refine_ls_restr.type 
_refine_ls_restr.weight 
_refine_ls_restr.pdbx_restraint_function 
'X-RAY DIFFRACTION' ? 0.0084  ? 1001 ? f_bond_d           ? ? 
'X-RAY DIFFRACTION' ? 0.9776  ? 1351 ? f_angle_d          ? ? 
'X-RAY DIFFRACTION' ? 0.0666  ? 145  ? f_chiral_restr     ? ? 
'X-RAY DIFFRACTION' ? 0.0055  ? 178  ? f_plane_restr      ? ? 
'X-RAY DIFFRACTION' ? 18.4718 ? 394  ? f_dihedral_angle_d ? ? 
# 
loop_
_refine_ls_shell.pdbx_refine_id 
_refine_ls_shell.d_res_high 
_refine_ls_shell.d_res_low 
_refine_ls_shell.number_reflns_all 
_refine_ls_shell.number_reflns_obs 
_refine_ls_shell.number_reflns_R_free 
_refine_ls_shell.number_reflns_R_work 
_refine_ls_shell.percent_reflns_obs 
_refine_ls_shell.percent_reflns_R_free 
_refine_ls_shell.R_factor_all 
_refine_ls_shell.R_factor_obs 
_refine_ls_shell.R_factor_R_free 
_refine_ls_shell.R_factor_R_free_error 
_refine_ls_shell.R_factor_R_work 
_refine_ls_shell.redundancy_reflns_all 
_refine_ls_shell.redundancy_reflns_obs 
_refine_ls_shell.wR_factor_all 
_refine_ls_shell.wR_factor_obs 
_refine_ls_shell.wR_factor_R_free 
_refine_ls_shell.wR_factor_R_work 
_refine_ls_shell.pdbx_R_complete 
_refine_ls_shell.pdbx_total_number_of_bins_used 
_refine_ls_shell.pdbx_phase_error 
_refine_ls_shell.pdbx_fsc_work 
_refine_ls_shell.pdbx_fsc_free 
'X-RAY DIFFRACTION' 1.72 1.78  . . 136 1230 100.00 . . . 0.3753 . 0.3072 . . . . . . . . . . . 
'X-RAY DIFFRACTION' 1.78 1.84  . . 135 1230 100.00 . . . 0.3253 . 0.2602 . . . . . . . . . . . 
'X-RAY DIFFRACTION' 1.84 1.91  . . 137 1214 100.00 . . . 0.2916 . 0.2400 . . . . . . . . . . . 
'X-RAY DIFFRACTION' 1.91 2.00  . . 136 1228 100.00 . . . 0.2792 . 0.2291 . . . . . . . . . . . 
'X-RAY DIFFRACTION' 2.00 2.10  . . 135 1226 100.00 . . . 0.2886 . 0.2230 . . . . . . . . . . . 
'X-RAY DIFFRACTION' 2.11 2.24  . . 136 1219 100.00 . . . 0.2561 . 0.2177 . . . . . . . . . . . 
'X-RAY DIFFRACTION' 2.24 2.41  . . 137 1241 100.00 . . . 0.2173 . 0.1968 . . . . . . . . . . . 
'X-RAY DIFFRACTION' 2.41 2.65  . . 138 1233 100.00 . . . 0.2403 . 0.2172 . . . . . . . . . . . 
'X-RAY DIFFRACTION' 2.65 3.04  . . 136 1240 100.00 . . . 0.2632 . 0.2078 . . . . . . . . . . . 
'X-RAY DIFFRACTION' 3.04 3.82  . . 135 1248 99.93  . . . 0.2156 . 0.1864 . . . . . . . . . . . 
'X-RAY DIFFRACTION' 3.83 46.73 . . 147 1299 100.00 . . . 0.1646 . 0.1575 . . . . . . . . . . . 
# 
_struct.entry_id                     7R9Z 
_struct.title                        'LC3A in complex with Fragment 2-3' 
_struct.pdbx_model_details           ? 
_struct.pdbx_formula_weight          ? 
_struct.pdbx_formula_weight_method   ? 
_struct.pdbx_model_type_details      ? 
_struct.pdbx_CASP_flag               N 
# 
_struct_keywords.entry_id        7R9Z 
_struct_keywords.text            'mAtg8, autophagy, HYDROLASE' 
_struct_keywords.pdbx_keywords   HYDROLASE 
# 
loop_
_struct_asym.id 
_struct_asym.pdbx_blank_PDB_chainid_flag 
_struct_asym.pdbx_modified 
_struct_asym.entity_id 
_struct_asym.details 
A N N 1 ? 
B N N 2 ? 
C N N 3 ? 
# 
loop_
_struct_conf.conf_type_id 
_struct_conf.id 
_struct_conf.pdbx_PDB_helix_id 
_struct_conf.beg_label_comp_id 
_struct_conf.beg_label_asym_id 
_struct_conf.beg_label_seq_id 
_struct_conf.pdbx_beg_PDB_ins_code 
_struct_conf.end_label_comp_id 
_struct_conf.end_label_asym_id 
_struct_conf.end_label_seq_id 
_struct_conf.pdbx_end_PDB_ins_code 
_struct_conf.beg_auth_comp_id 
_struct_conf.beg_auth_asym_id 
_struct_conf.beg_auth_seq_id 
_struct_conf.end_auth_comp_id 
_struct_conf.end_auth_asym_id 
_struct_conf.end_auth_seq_id 
_struct_conf.pdbx_PDB_helix_class 
_struct_conf.details 
_struct_conf.pdbx_PDB_helix_length 
HELX_P HELX_P1 AA1 PRO A 8  ? ARG A 13  ? PRO A 6  ARG A 11  1 ? 6  
HELX_P HELX_P2 AA2 SER A 14 ? HIS A 29  ? SER A 12 HIS A 27  1 ? 16 
HELX_P HELX_P3 AA3 ASN A 61 ? GLN A 74  ? ASN A 59 GLN A 72  1 ? 14 
HELX_P HELX_P4 AA4 PRO A 96 ? LYS A 105 ? PRO A 94 LYS A 103 1 ? 10 
# 
_struct_conf_type.id          HELX_P 
_struct_conf_type.criteria    ? 
_struct_conf_type.reference   ? 
# 
_struct_sheet.id               AA1 
_struct_sheet.type             ? 
_struct_sheet.number_strands   5 
_struct_sheet.details          ? 
# 
loop_
_struct_sheet_order.sheet_id 
_struct_sheet_order.range_id_1 
_struct_sheet_order.range_id_2 
_struct_sheet_order.offset 
_struct_sheet_order.sense 
AA1 1 2 ? anti-parallel 
AA1 2 3 ? parallel      
AA1 3 4 ? anti-parallel 
AA1 4 5 ? anti-parallel 
# 
loop_
_struct_sheet_range.sheet_id 
_struct_sheet_range.id 
_struct_sheet_range.beg_label_comp_id 
_struct_sheet_range.beg_label_asym_id 
_struct_sheet_range.beg_label_seq_id 
_struct_sheet_range.pdbx_beg_PDB_ins_code 
_struct_sheet_range.end_label_comp_id 
_struct_sheet_range.end_label_asym_id 
_struct_sheet_range.end_label_seq_id 
_struct_sheet_range.pdbx_end_PDB_ins_code 
_struct_sheet_range.beg_auth_comp_id 
_struct_sheet_range.beg_auth_asym_id 
_struct_sheet_range.beg_auth_seq_id 
_struct_sheet_range.end_auth_comp_id 
_struct_sheet_range.end_auth_asym_id 
_struct_sheet_range.end_auth_seq_id 
AA1 1 LYS A 53  ? PRO A 57  ? LYS A 51  PRO A 55  
AA1 2 LYS A 32  ? ARG A 39  ? LYS A 30  ARG A 37  
AA1 3 LEU A 111 ? ALA A 116 ? LEU A 109 ALA A 114 
AA1 4 PHE A 82  ? VAL A 85  ? PHE A 80  VAL A 83  
AA1 5 HIS A 88  ? SER A 89  ? HIS A 86  SER A 87  
# 
loop_
_pdbx_struct_sheet_hbond.sheet_id 
_pdbx_struct_sheet_hbond.range_id_1 
_pdbx_struct_sheet_hbond.range_id_2 
_pdbx_struct_sheet_hbond.range_1_label_atom_id 
_pdbx_struct_sheet_hbond.range_1_label_comp_id 
_pdbx_struct_sheet_hbond.range_1_label_asym_id 
_pdbx_struct_sheet_hbond.range_1_label_seq_id 
_pdbx_struct_sheet_hbond.range_1_PDB_ins_code 
_pdbx_struct_sheet_hbond.range_1_auth_atom_id 
_pdbx_struct_sheet_hbond.range_1_auth_comp_id 
_pdbx_struct_sheet_hbond.range_1_auth_asym_id 
_pdbx_struct_sheet_hbond.range_1_auth_seq_id 
_pdbx_struct_sheet_hbond.range_2_label_atom_id 
_pdbx_struct_sheet_hbond.range_2_label_comp_id 
_pdbx_struct_sheet_hbond.range_2_label_asym_id 
_pdbx_struct_sheet_hbond.range_2_label_seq_id 
_pdbx_struct_sheet_hbond.range_2_PDB_ins_code 
_pdbx_struct_sheet_hbond.range_2_auth_atom_id 
_pdbx_struct_sheet_hbond.range_2_auth_comp_id 
_pdbx_struct_sheet_hbond.range_2_auth_asym_id 
_pdbx_struct_sheet_hbond.range_2_auth_seq_id 
AA1 1 2 O VAL A 56  ? O VAL A 54  N ILE A 33  ? N ILE A 31  
AA1 2 3 N ILE A 36  ? N ILE A 34  O MET A 113 ? O MET A 111 
AA1 3 4 O VAL A 114 ? O VAL A 112 N LEU A 84  ? N LEU A 82  
AA1 4 5 N VAL A 85  ? N VAL A 83  O HIS A 88  ? O HIS A 86  
# 
_atom_sites.entry_id                    7R9Z 
_atom_sites.Cartn_transf_matrix[1][1]   ? 
_atom_sites.Cartn_transf_matrix[1][2]   ? 
_atom_sites.Cartn_transf_matrix[1][3]   ? 
_atom_sites.Cartn_transf_matrix[2][1]   ? 
_atom_sites.Cartn_transf_matrix[2][2]   ? 
_atom_sites.Cartn_transf_matrix[2][3]   ? 
_atom_sites.Cartn_transf_matrix[3][1]   ? 
_atom_sites.Cartn_transf_matrix[3][2]   ? 
_atom_sites.Cartn_transf_matrix[3][3]   ? 
_atom_sites.Cartn_transf_vector[1]      ? 
_atom_sites.Cartn_transf_vector[2]      ? 
_atom_sites.Cartn_transf_vector[3]      ? 
_atom_sites.fract_transf_matrix[1][1]   0.00068495 
_atom_sites.fract_transf_matrix[1][2]   -0.00987033 
_atom_sites.fract_transf_matrix[1][3]   -0.00407137 
_atom_sites.fract_transf_matrix[2][1]   0.00154952 
_atom_sites.fract_transf_matrix[2][2]   0.00412845 
_atom_sites.fract_transf_matrix[2][3]   -0.00974800 
_atom_sites.fract_transf_matrix[3][1]   0.03054866 
_atom_sites.fract_transf_matrix[3][2]   0.00009952 
_atom_sites.fract_transf_matrix[3][3]   0.00489809 
_atom_sites.fract_transf_vector[1]      1.058660 
_atom_sites.fract_transf_vector[2]      0.137623 
_atom_sites.fract_transf_vector[3]      -0.043427 
_atom_sites.solution_primary            ? 
_atom_sites.solution_secondary          ? 
_atom_sites.solution_hydrogens          ? 
_atom_sites.special_details             ? 
# 
loop_
_atom_type.symbol 
_atom_type.scat_dispersion_real 
_atom_type.scat_dispersion_imag 
_atom_type.scat_Cromer_Mann_a1 
_atom_type.scat_Cromer_Mann_a2 
_atom_type.scat_Cromer_Mann_a3 
_atom_type.scat_Cromer_Mann_a4 
_atom_type.scat_Cromer_Mann_b1 
_atom_type.scat_Cromer_Mann_b2 
_atom_type.scat_Cromer_Mann_b3 
_atom_type.scat_Cromer_Mann_b4 
_atom_type.scat_Cromer_Mann_c 
_atom_type.scat_source 
_atom_type.scat_dispersion_source 
C ? ? 3.54356 2.42580 ? ? 25.62398 1.50364  ? ? 0.0 
;2-Gaussian fit: Grosse-Kunstleve RW, Sauter NK, Adams PD: Newsletter of the IUCr Commission on Crystallographic Computing 2004, 3, 22-31.
;
? 
F ? ? 4.90428 4.07044 ? ? 12.99538 1.63651  ? ? 0.0 
;2-Gaussian fit: Grosse-Kunstleve RW, Sauter NK, Adams PD: Newsletter of the IUCr Commission on Crystallographic Computing 2004, 3, 22-31.
;
? 
N ? ? 4.01032 2.96436 ? ? 19.97189 1.75589  ? ? 0.0 
;2-Gaussian fit: Grosse-Kunstleve RW, Sauter NK, Adams PD: Newsletter of the IUCr Commission on Crystallographic Computing 2004, 3, 22-31.
;
? 
O ? ? 4.49882 3.47563 ? ? 15.80542 1.70748  ? ? 0.0 
;2-Gaussian fit: Grosse-Kunstleve RW, Sauter NK, Adams PD: Newsletter of the IUCr Commission on Crystallographic Computing 2004, 3, 22-31.
;
? 
S ? ? 9.55732 6.39887 ? ? 1.23737  29.19336 ? ? 0.0 
;2-Gaussian fit: Grosse-Kunstleve RW, Sauter NK, Adams PD: Newsletter of the IUCr Commission on Crystallographic Computing 2004, 3, 22-31.
;
? 
# 
loop_
_atom_site.group_PDB 
_atom_site.id 
_atom_site.type_symbol 
_atom_site.label_atom_id 
_atom_site.label_alt_id 
_atom_site.label_comp_id 
_atom_site.label_asym_id 
_atom_site.label_entity_id 
_atom_site.label_seq_id 
_atom_site.pdbx_PDB_ins_code 
_atom_site.Cartn_x 
_atom_site.Cartn_y 
_atom_site.Cartn_z 
_atom_site.occupancy 
_atom_site.B_iso_or_equiv 
_atom_site.pdbx_formal_charge 
_atom_site.auth_seq_id 
_atom_site.auth_comp_id 
_atom_site.auth_asym_id 
_atom_site.auth_atom_id 
_atom_site.pdbx_PDB_model_num 
ATOM   1    N N   . ASP A 1 6   ? -11.40145 12.88761  1.69776   1.000 65.90000 ? 4   ASP A N   1 
ATOM   2    C CA  . ASP A 1 6   ? -9.99285  12.66875  2.00019   1.000 67.00000 ? 4   ASP A CA  1 
ATOM   3    C C   . ASP A 1 6   ? -9.80948  11.74398  3.20609   1.000 60.61000 ? 4   ASP A C   1 
ATOM   4    O O   . ASP A 1 6   ? -8.68576  11.54062  3.68054   1.000 59.19000 ? 4   ASP A O   1 
ATOM   5    C CB  . ASP A 1 6   ? -9.28701  14.00440  2.25769   1.000 81.30000 ? 4   ASP A CB  1 
ATOM   6    C CG  . ASP A 1 6   ? -10.09444 14.93376  3.15624   1.000 92.97000 ? 4   ASP A CG  1 
ATOM   7    O OD1 . ASP A 1 6   ? -11.30069 14.66680  3.36399   1.000 95.40000 ? 4   ASP A OD1 1 
ATOM   8    O OD2 . ASP A 1 6   ? -9.52169  15.93268  3.65058   1.000 97.67000 ? 4   ASP A OD2 1 
ATOM   9    N N   . ARG A 1 7   ? -10.91075 11.18705  3.70614   1.000 55.43000 ? 5   ARG A N   1 
ATOM   10   C CA  . ARG A 1 7   ? -10.83748 10.37444  4.90802   1.000 44.61000 ? 5   ARG A CA  1 
ATOM   11   C C   . ARG A 1 7   ? -10.07335 9.08180   4.62800   1.000 33.35000 ? 5   ARG A C   1 
ATOM   12   O O   . ARG A 1 7   ? -10.09958 8.57003   3.50709   1.000 39.56000 ? 5   ARG A O   1 
ATOM   13   C CB  . ARG A 1 7   ? -12.23687 10.05126  5.42455   1.000 46.60000 ? 5   ARG A CB  1 
ATOM   14   C CG  . ARG A 1 7   ? -12.75229 11.01756  6.47187   1.000 57.26000 ? 5   ARG A CG  1 
ATOM   15   C CD  . ARG A 1 7   ? -14.23709 11.31322  6.28314   1.000 70.39000 ? 5   ARG A CD  1 
ATOM   16   N NE  . ARG A 1 7   ? -14.98360 10.12441  5.87831   1.000 75.61000 ? 5   ARG A NE  1 
ATOM   17   C CZ  . ARG A 1 7   ? -16.28216 10.11786  5.58900   1.000 81.97000 ? 5   ARG A CZ  1 
ATOM   18   N NH1 . ARG A 1 7   ? -16.98477 11.24266  5.65296   1.000 88.93000 ? 5   ARG A NH1 1 
ATOM   19   N NH2 . ARG A 1 7   ? -16.87690 8.98645   5.22821   1.000 77.00000 ? 5   ARG A NH2 1 
ATOM   20   N N   . PRO A 1 8   ? -9.37833  8.54323   5.63539   1.000 37.10000 ? 6   PRO A N   1 
ATOM   21   C CA  . PRO A 1 8   ? -8.70053  7.24865   5.47692   1.000 31.77000 ? 6   PRO A CA  1 
ATOM   22   C C   . PRO A 1 8   ? -9.68807  6.14243   5.13352   1.000 32.04000 ? 6   PRO A C   1 
ATOM   23   O O   . PRO A 1 8   ? -10.85681 6.19815   5.51133   1.000 30.65000 ? 6   PRO A O   1 
ATOM   24   C CB  . PRO A 1 8   ? -8.07095  7.00755   6.86111   1.000 35.70000 ? 6   PRO A CB  1 
ATOM   25   C CG  . PRO A 1 8   ? -7.92137  8.36549   7.45451   1.000 38.19000 ? 6   PRO A CG  1 
ATOM   26   C CD  . PRO A 1 8   ? -9.10131  9.16000   6.94600   1.000 36.05000 ? 6   PRO A CD  1 
ATOM   27   N N   . PHE A 1 9   ? -9.18999  5.12541   4.41648   1.000 25.23000 ? 7   PHE A N   1 
ATOM   28   C CA  . PHE A 1 9   ? -10.00708 3.97857   4.02150   1.000 25.36000 ? 7   PHE A CA  1 
ATOM   29   C C   . PHE A 1 9   ? -10.76266 3.37610   5.20257   1.000 27.46000 ? 7   PHE A C   1 
ATOM   30   O O   . PHE A 1 9   ? -11.94910 3.05755   5.09199   1.000 26.96000 ? 7   PHE A O   1 
ATOM   31   C CB  . PHE A 1 9   ? -9.09794  2.92920   3.36269   1.000 24.84000 ? 7   PHE A CB  1 
ATOM   32   C CG  . PHE A 1 9   ? -9.82751  1.73371   2.82711   1.000 26.09000 ? 7   PHE A CG  1 
ATOM   33   C CD1 . PHE A 1 9   ? -10.67222 1.85375   1.74490   1.000 29.69000 ? 7   PHE A CD1 1 
ATOM   34   C CD2 . PHE A 1 9   ? -9.62795  0.47330   3.38307   1.000 27.29000 ? 7   PHE A CD2 1 
ATOM   35   C CE1 . PHE A 1 9   ? -11.34649 0.74612   1.22898   1.000 33.67000 ? 7   PHE A CE1 1 
ATOM   36   C CE2 . PHE A 1 9   ? -10.29286 -0.62562  2.88441   1.000 29.25000 ? 7   PHE A CE2 1 
ATOM   37   C CZ  . PHE A 1 9   ? -11.16459 -0.48759  1.79345   1.000 31.67000 ? 7   PHE A CZ  1 
ATOM   38   N N   . LYS A 1 10  ? -10.10263 3.23406   6.35697   1.000 25.04000 ? 8   LYS A N   1 
ATOM   39   C CA  . LYS A 1 10  ? -10.78252 2.58528   7.47119   1.000 26.96000 ? 8   LYS A CA  1 
ATOM   40   C C   . LYS A 1 10  ? -11.90596 3.44391   8.04918   1.000 30.32000 ? 8   LYS A C   1 
ATOM   41   O O   . LYS A 1 10  ? -12.78959 2.91603   8.73881   1.000 31.39000 ? 8   LYS A O   1 
ATOM   42   C CB  . LYS A 1 10  ? -9.77632  2.22478   8.56175   1.000 27.73000 ? 8   LYS A CB  1 
ATOM   43   C CG  . LYS A 1 10  ? -8.87306  1.04630   8.18866   1.000 30.21000 ? 8   LYS A CG  1 
ATOM   44   C CD  . LYS A 1 10  ? -8.14593  0.54164   9.43721   1.000 30.72000 ? 8   LYS A CD  1 
ATOM   45   C CE  . LYS A 1 10  ? -7.17363  -0.58303  9.11874   1.000 33.26000 ? 8   LYS A CE  1 
ATOM   46   N NZ  . LYS A 1 10  ? -6.49496  -1.03956  10.38437  1.000 35.58000 ? 8   LYS A NZ  1 
ATOM   47   N N   . GLN A 1 11  ? -11.89902 4.74869   7.79618   1.000 26.64000 ? 9   GLN A N   1 
ATOM   48   C CA  . GLN A 1 11  ? -13.02253 5.56983   8.23645   1.000 27.68000 ? 9   GLN A CA  1 
ATOM   49   C C   . GLN A 1 11  ? -14.14677 5.61387   7.21262   1.000 37.83000 ? 9   GLN A C   1 
ATOM   50   O O   . GLN A 1 11  ? -15.22426 6.13866   7.51713   1.000 40.31000 ? 9   GLN A O   1 
ATOM   51   C CB  . GLN A 1 11  ? -12.55957 6.98622   8.55430   1.000 30.97000 ? 9   GLN A CB  1 
ATOM   52   C CG  . GLN A 1 11  ? -11.45546 6.97671   9.58297   1.000 32.40000 ? 9   GLN A CG  1 
ATOM   53   C CD  . GLN A 1 11  ? -10.96720 8.35106   9.96496   1.000 36.13000 ? 9   GLN A CD  1 
ATOM   54   O OE1 . GLN A 1 11  ? -11.65271 9.36213   9.77932   1.000 36.70000 ? 9   GLN A OE1 1 
ATOM   55   N NE2 . GLN A 1 11  ? -9.77921  8.39600   10.52625  1.000 38.40000 ? 9   GLN A NE2 1 
ATOM   56   N N   . ARG A 1 12  ? -13.93007 5.07376   6.01734   1.000 31.31000 ? 10  ARG A N   1 
ATOM   57   C CA  . ARG A 1 12  ? -14.97655 5.03806   5.00283   1.000 28.42000 ? 10  ARG A CA  1 
ATOM   58   C C   . ARG A 1 12  ? -15.61640 3.67546   4.85855   1.000 32.73000 ? 10  ARG A C   1 
ATOM   59   O O   . ARG A 1 12  ? -16.63507 3.55981   4.17131   1.000 33.83000 ? 10  ARG A O   1 
ATOM   60   C CB  . ARG A 1 12  ? -14.42173 5.47362   3.64342   1.000 34.13000 ? 10  ARG A CB  1 
ATOM   61   C CG  . ARG A 1 12  ? -13.71407 6.82342   3.72502   1.000 45.69000 ? 10  ARG A CG  1 
ATOM   62   C CD  . ARG A 1 12  ? -13.31647 7.36369   2.35862   1.000 49.21000 ? 10  ARG A CD  1 
ATOM   63   N NE  . ARG A 1 12  ? -12.40971 6.47897   1.64185   1.000 47.56000 ? 10  ARG A NE  1 
ATOM   64   C CZ  . ARG A 1 12  ? -12.74005 5.82232   0.53196   1.000 57.14000 ? 10  ARG A CZ  1 
ATOM   65   N NH1 . ARG A 1 12  ? -13.95657 5.95655   0.01239   1.000 64.24000 ? 10  ARG A NH1 1 
ATOM   66   N NH2 . ARG A 1 12  ? -11.85567 5.03627   -0.05987  1.000 55.42000 ? 10  ARG A NH2 1 
ATOM   67   N N   . ARG A 1 13  ? -15.03036 2.63780   5.44407   1.000 28.53000 ? 11  ARG A N   1 
ATOM   68   C CA  . ARG A 1 13  ? -15.56112 1.29102   5.31395   1.000 27.10000 ? 11  ARG A CA  1 
ATOM   69   C C   . ARG A 1 13  ? -15.51798 0.60149   6.66963   1.000 27.71000 ? 11  ARG A C   1 
ATOM   70   O O   . ARG A 1 13  ? -14.49284 0.65739   7.35564   1.000 30.61000 ? 11  ARG A O   1 
ATOM   71   C CB  . ARG A 1 13  ? -14.73867 0.48019   4.30665   1.000 27.14000 ? 11  ARG A CB  1 
ATOM   72   C CG  . ARG A 1 13  ? -14.83305 0.98492   2.87005   1.000 36.57000 ? 11  ARG A CG  1 
ATOM   73   C CD  . ARG A 1 13  ? -16.10651 0.44067   2.23298   1.000 42.38000 ? 11  ARG A CD  1 
ATOM   74   N NE  . ARG A 1 13  ? -16.08695 0.60687   0.78745   1.000 42.77000 ? 11  ARG A NE  1 
ATOM   75   C CZ  . ARG A 1 13  ? -16.40385 1.74032   0.17004   1.000 44.46000 ? 11  ARG A CZ  1 
ATOM   76   N NH1 . ARG A 1 13  ? -16.76123 2.80959   0.88658   1.000 35.47000 ? 11  ARG A NH1 1 
ATOM   77   N NH2 . ARG A 1 13  ? -16.36510 1.80795   -1.15942  1.000 42.75000 ? 11  ARG A NH2 1 
ATOM   78   N N   . SER A 1 14  ? -16.60027 -0.08564  7.02865   1.000 26.40000 ? 12  SER A N   1 
ATOM   79   C CA  . SER A 1 14  ? -16.62128 -0.80063  8.29859   1.000 28.50000 ? 12  SER A CA  1 
ATOM   80   C C   . SER A 1 14  ? -15.69398 -2.02115  8.26274   1.000 29.43000 ? 12  SER A C   1 
ATOM   81   O O   . SER A 1 14  ? -15.29489 -2.50768  7.20476   1.000 26.34000 ? 12  SER A O   1 
ATOM   82   C CB  . SER A 1 14  ? -18.03150 -1.25699  8.62639   1.000 30.07000 ? 12  SER A CB  1 
ATOM   83   O OG  . SER A 1 14  ? -18.39500 -2.34330  7.78257   1.000 29.37000 ? 12  SER A OG  1 
ATOM   84   N N   . PHE A 1 15  ? -15.37076 -2.53605  9.44714   1.000 27.75000 ? 13  PHE A N   1 
ATOM   85   C CA  . PHE A 1 15  ? -14.51655 -3.71913  9.50004   1.000 27.09000 ? 13  PHE A CA  1 
ATOM   86   C C   . PHE A 1 15  ? -15.13661 -4.86582  8.72267   1.000 25.41000 ? 13  PHE A C   1 
ATOM   87   O O   . PHE A 1 15  ? -14.46607 -5.52364  7.92066   1.000 28.89000 ? 13  PHE A O   1 
ATOM   88   C CB  . PHE A 1 15  ? -14.26045 -4.13185  10.94315  1.000 28.52000 ? 13  PHE A CB  1 
ATOM   89   C CG  . PHE A 1 15  ? -13.40056 -5.35712  11.06249  1.000 29.33000 ? 13  PHE A CG  1 
ATOM   90   C CD1 . PHE A 1 15  ? -12.02737 -5.26434  10.91617  1.000 27.40000 ? 13  PHE A CD1 1 
ATOM   91   C CD2 . PHE A 1 15  ? -13.96150 -6.59686  11.31425  1.000 34.17000 ? 13  PHE A CD2 1 
ATOM   92   C CE1 . PHE A 1 15  ? -11.21938 -6.39379  11.04150  1.000 26.53000 ? 13  PHE A CE1 1 
ATOM   93   C CE2 . PHE A 1 15  ? -13.15251 -7.72360  11.43321  1.000 30.41000 ? 13  PHE A CE2 1 
ATOM   94   C CZ  . PHE A 1 15  ? -11.77836 -7.61735  11.28067  1.000 29.45000 ? 13  PHE A CZ  1 
ATOM   95   N N   . ALA A 1 16  ? -16.43098 -5.10615  8.92989   1.000 28.85000 ? 14  ALA A N   1 
ATOM   96   C CA  . ALA A 1 16  ? -17.08068 -6.21479  8.24184   1.000 29.37000 ? 14  ALA A CA  1 
ATOM   97   C C   . ALA A 1 16  ? -17.04079 -6.00693  6.73817   1.000 29.96000 ? 14  ALA A C   1 
ATOM   98   O O   . ALA A 1 16  ? -16.77131 -6.94254  5.97976   1.000 29.54000 ? 14  ALA A O   1 
ATOM   99   C CB  . ALA A 1 16  ? -18.52290 -6.36462  8.72511   1.000 32.59000 ? 14  ALA A CB  1 
ATOM   100  N N   . ASP A 1 17  ? -17.26535 -4.77461  6.28816   1.000 28.54000 ? 15  ASP A N   1 
ATOM   101  C CA  . ASP A 1 17  ? -17.21973 -4.51810  4.84881   1.000 28.32000 ? 15  ASP A CA  1 
ATOM   102  C C   . ASP A 1 17  ? -15.80458 -4.67899  4.29440   1.000 27.43000 ? 15  ASP A C   1 
ATOM   103  O O   . ASP A 1 17  ? -15.62763 -5.10427  3.14254   1.000 24.38000 ? 15  ASP A O   1 
ATOM   104  C CB  . ASP A 1 17  ? -17.75190 -3.12526  4.55180   1.000 30.66000 ? 15  ASP A CB  1 
ATOM   105  C CG  . ASP A 1 17  ? -19.27084 -3.05221  4.68153   1.000 39.82000 ? 15  ASP A CG  1 
ATOM   106  O OD1 . ASP A 1 17  ? -19.90671 -4.12200  4.87921   1.000 40.04000 ? 15  ASP A OD1 1 
ATOM   107  O OD2 . ASP A 1 17  ? -19.81383 -1.93097  4.58387   1.000 42.99000 ? 15  ASP A OD2 1 
ATOM   108  N N   . ARG A 1 18  ? -14.78764 -4.31004  5.08206   1.000 21.66000 ? 16  ARG A N   1 
ATOM   109  C CA  . ARG A 1 18  ? -13.43383 -4.46995  4.57539   1.000 24.42000 ? 16  ARG A CA  1 
ATOM   110  C C   . ARG A 1 18  ? -13.09253 -5.94508  4.45380   1.000 24.73000 ? 16  ARG A C   1 
ATOM   111  O O   . ARG A 1 18  ? -12.49594 -6.36754  3.45765   1.000 23.16000 ? 16  ARG A O   1 
ATOM   112  C CB  . ARG A 1 18  ? -12.43688 -3.72269  5.46741   1.000 23.25000 ? 16  ARG A CB  1 
ATOM   113  C CG  . ARG A 1 18  ? -12.58879 -2.21075  5.29775   1.000 21.62000 ? 16  ARG A CG  1 
ATOM   114  C CD  . ARG A 1 18  ? -11.56450 -1.43750  6.12610   1.000 37.28000 ? 16  ARG A CD  1 
ATOM   115  N NE  . ARG A 1 18  ? -12.08013 -1.09698  7.45274   1.000 43.00000 ? 16  ARG A NE  1 
ATOM   116  C CZ  . ARG A 1 18  ? -11.60113 -1.55555  8.60564   1.000 42.60000 ? 16  ARG A CZ  1 
ATOM   117  N NH1 . ARG A 1 18  ? -10.55921 -2.37174  8.63632   1.000 32.39000 ? 16  ARG A NH1 1 
ATOM   118  N NH2 . ARG A 1 18  ? -12.14660 -1.17274  9.75118   1.000 43.59000 ? 16  ARG A NH2 1 
ATOM   119  N N   . CYS A 1 19  ? -13.49499 -6.74990  5.45165   1.000 23.42000 ? 17  CYS A N   1 
ATOM   120  C CA  . CYS A 1 19  ? -13.31951 -8.20534  5.39107   1.000 24.02000 ? 17  CYS A CA  1 
ATOM   121  C C   . CYS A 1 19  ? -14.01755 -8.79885  4.17924   1.000 27.12000 ? 17  CYS A C   1 
ATOM   122  O O   . CYS A 1 19  ? -13.44217 -9.63493  3.47539   1.000 26.48000 ? 17  CYS A O   1 
ATOM   123  C CB  . CYS A 1 19  ? -13.85106 -8.86276  6.66680   1.000 26.89000 ? 17  CYS A CB  1 
ATOM   124  S SG  . CYS A 1 19  ? -12.84961 -8.56626  8.10839   1.000 33.00000 ? 17  CYS A SG  1 
ATOM   125  N N   . LYS A 1 20  ? -15.26276 -8.39086  3.92141   1.000 25.66000 ? 18  LYS A N   1 
ATOM   126  C CA  . LYS A 1 20  ? -15.95382 -8.94199  2.74730   1.000 26.98000 ? 18  LYS A CA  1 
ATOM   127  C C   . LYS A 1 20  ? -15.27799 -8.54807  1.44876   1.000 27.50000 ? 18  LYS A C   1 
ATOM   128  O O   . LYS A 1 20  ? -15.26763 -9.33470  0.49055   1.000 28.23000 ? 18  LYS A O   1 
ATOM   129  C CB  . LYS A 1 20  ? -17.41880 -8.51979  2.72287   1.000 30.65000 ? 18  LYS A CB  1 
ATOM   130  C CG  . LYS A 1 20  ? -18.14092 -8.76532  4.01654   1.000 42.71000 ? 18  LYS A CG  1 
ATOM   131  C CD  . LYS A 1 20  ? -19.37773 -7.86429  4.12580   1.000 56.14000 ? 18  LYS A CD  1 
ATOM   132  C CE  . LYS A 1 20  ? -20.62542 -8.64764  3.88876   1.000 61.12000 ? 18  LYS A CE  1 
ATOM   133  N NZ  . LYS A 1 20  ? -20.64416 -9.75645  4.86825   1.000 67.78000 ? 18  LYS A NZ  1 
ATOM   134  N N   . GLU A 1 21  ? -14.71878 -7.34719  1.38551   1.000 25.52000 ? 19  GLU A N   1 
ATOM   135  C CA  . GLU A 1 21  ? -14.00963 -6.93816  0.18208   1.000 25.80000 ? 19  GLU A CA  1 
ATOM   136  C C   . GLU A 1 21  ? -12.76021 -7.79790  -0.03831  1.000 24.26000 ? 19  GLU A C   1 
ATOM   137  O O   . GLU A 1 21  ? -12.47783 -8.21468  -1.17201  1.000 25.35000 ? 19  GLU A O   1 
ATOM   138  C CB  . GLU A 1 21  ? -13.64954 -5.45315  0.25581   1.000 29.39000 ? 19  GLU A CB  1 
ATOM   139  C CG  . GLU A 1 21  ? -12.85981 -5.01537  -0.96434  1.000 35.58000 ? 19  GLU A CG  1 
ATOM   140  C CD  . GLU A 1 21  ? -12.95392 -3.52442  -1.27310  1.000 46.88000 ? 19  GLU A CD  1 
ATOM   141  O OE1 . GLU A 1 21  ? -13.31315 -2.73608  -0.37511  1.000 39.93000 ? 19  GLU A OE1 1 
ATOM   142  O OE2 . GLU A 1 21  ? -12.62829 -3.14866  -2.42098  1.000 46.15000 ? 19  GLU A OE2 1 
ATOM   143  N N   . VAL A 1 22  ? -11.99711 -8.07273  1.01916   1.000 21.40000 ? 20  VAL A N   1 
ATOM   144  C CA  . VAL A 1 22  ? -10.83190 -8.95081  0.86323   1.000 22.42000 ? 20  VAL A CA  1 
ATOM   145  C C   . VAL A 1 22  ? -11.27632 -10.33833 0.41019   1.000 24.44000 ? 20  VAL A C   1 
ATOM   146  O O   . VAL A 1 22  ? -10.64412 -10.96347 -0.45651  1.000 26.05000 ? 20  VAL A O   1 
ATOM   147  C CB  . VAL A 1 22  ? -10.02774 -9.00333  2.17173   1.000 22.79000 ? 20  VAL A CB  1 
ATOM   148  C CG1 . VAL A 1 22  ? -8.92171  -10.07761 2.11098   1.000 26.84000 ? 20  VAL A CG1 1 
ATOM   149  C CG2 . VAL A 1 22  ? -9.41147  -7.62616  2.45015   1.000 25.38000 ? 20  VAL A CG2 1 
ATOM   150  N N   A GLN A 1 23  ? -12.37512 -10.83977 0.97584   0.520 23.77000 ? 21  GLN A N   1 
ATOM   151  N N   B GLN A 1 23  ? -12.37189 -10.83992 0.98726   0.480 23.83000 ? 21  GLN A N   1 
ATOM   152  C CA  A GLN A 1 23  ? -12.85798 -12.16277 0.57804   0.520 27.31000 ? 21  GLN A CA  1 
ATOM   153  C CA  B GLN A 1 23  ? -12.88614 -12.15242 0.59551   0.480 27.34000 ? 21  GLN A CA  1 
ATOM   154  C C   A GLN A 1 23  ? -13.29495 -12.18072 -0.88414  0.520 29.97000 ? 21  GLN A C   1 
ATOM   155  C C   B GLN A 1 23  ? -13.28934 -12.17433 -0.87506  0.480 29.66000 ? 21  GLN A C   1 
ATOM   156  O O   A GLN A 1 23  ? -13.07613 -13.16893 -1.59715  0.520 28.38000 ? 21  GLN A O   1 
ATOM   157  O O   B GLN A 1 23  ? -13.04263 -13.15852 -1.58522  0.480 28.85000 ? 21  GLN A O   1 
ATOM   158  C CB  A GLN A 1 23  ? -14.00553 -12.59343 1.48421   0.520 27.27000 ? 21  GLN A CB  1 
ATOM   159  C CB  B GLN A 1 23  ? -14.07812 -12.52943 1.47453   0.480 27.77000 ? 21  GLN A CB  1 
ATOM   160  C CG  A GLN A 1 23  ? -14.63057 -13.90528 1.06962   0.520 32.82000 ? 21  GLN A CG  1 
ATOM   161  C CG  B GLN A 1 23  ? -13.72987 -12.83231 2.92173   0.480 32.65000 ? 21  GLN A CG  1 
ATOM   162  C CD  A GLN A 1 23  ? -13.59602 -15.00833 0.89313   0.520 45.68000 ? 21  GLN A CD  1 
ATOM   163  C CD  B GLN A 1 23  ? -14.93192 -12.71801 3.85357   0.480 44.91000 ? 21  GLN A CD  1 
ATOM   164  O OE1 A GLN A 1 23  ? -12.76771 -15.23571 1.77033   0.520 51.14000 ? 21  GLN A OE1 1 
ATOM   165  O OE1 B GLN A 1 23  ? -16.07779 -12.89432 3.43651   0.480 50.87000 ? 21  GLN A OE1 1 
ATOM   166  N NE2 A GLN A 1 23  ? -13.63996 -15.69245 -0.24651  0.520 43.75000 ? 21  GLN A NE2 1 
ATOM   167  N NE2 B GLN A 1 23  ? -14.67173 -12.43281 5.12425   0.480 48.11000 ? 21  GLN A NE2 1 
ATOM   168  N N   . GLN A 1 24  ? -13.93210 -11.10487 -1.34746  1.000 28.34000 ? 22  GLN A N   1 
ATOM   169  C CA  . GLN A 1 24  ? -14.29233 -11.02146 -2.75342  1.000 29.40000 ? 22  GLN A CA  1 
ATOM   170  C C   . GLN A 1 24  ? -13.05513 -11.01475 -3.64159  1.000 27.52000 ? 22  GLN A C   1 
ATOM   171  O O   . GLN A 1 24  ? -13.02187 -11.69054 -4.67544  1.000 29.41000 ? 22  GLN A O   1 
ATOM   172  C CB  . GLN A 1 24  ? -15.12705 -9.77439  -2.99234  1.000 32.58000 ? 22  GLN A CB  1 
ATOM   173  C CG  . GLN A 1 24  ? -15.41833 -9.54138  -4.45239  1.000 41.39000 ? 22  GLN A CG  1 
ATOM   174  C CD  . GLN A 1 24  ? -16.06266 -8.19599  -4.67428  1.000 50.24000 ? 22  GLN A CD  1 
ATOM   175  O OE1 . GLN A 1 24  ? -17.26336 -8.03086  -4.45935  1.000 53.40000 ? 22  GLN A OE1 1 
ATOM   176  N NE2 . GLN A 1 24  ? -15.25511 -7.21068  -5.06923  1.000 47.97000 ? 22  GLN A NE2 1 
ATOM   177  N N   . ILE A 1 25  ? -11.99769 -10.31397 -3.22062  1.000 25.90000 ? 23  ILE A N   1 
ATOM   178  C CA  . ILE A 1 25  ? -10.76844 -10.28297 -4.02185  1.000 24.14000 ? 23  ILE A CA  1 
ATOM   179  C C   . ILE A 1 25  ? -10.09113 -11.65046 -4.01151  1.000 26.71000 ? 23  ILE A C   1 
ATOM   180  O O   . ILE A 1 25  ? -9.47204  -12.06246 -5.00295  1.000 29.36000 ? 23  ILE A O   1 
ATOM   181  C CB  . ILE A 1 25  ? -9.84438  -9.16143  -3.49765  1.000 27.79000 ? 23  ILE A CB  1 
ATOM   182  C CG1 . ILE A 1 25  ? -10.49248 -7.78100  -3.77883  1.000 27.84000 ? 23  ILE A CG1 1 
ATOM   183  C CG2 . ILE A 1 25  ? -8.43364  -9.26079  -4.05743  1.000 31.21000 ? 23  ILE A CG2 1 
ATOM   184  C CD1 . ILE A 1 25  ? -10.02059 -6.68036  -2.79647  1.000 31.49000 ? 23  ILE A CD1 1 
ATOM   185  N N   . ARG A 1 26  ? -10.20180 -12.38501 -2.89581  1.000 25.64000 ? 24  ARG A N   1 
ATOM   186  C CA  . ARG A 1 26  ? -9.67659  -13.75356 -2.87168  1.000 24.74000 ? 24  ARG A CA  1 
ATOM   187  C C   . ARG A 1 26  ? -10.37676 -14.61716 -3.89422  1.000 29.30000 ? 24  ARG A C   1 
ATOM   188  O O   . ARG A 1 26  ? -9.77633  -15.56138 -4.42367  1.000 30.89000 ? 24  ARG A O   1 
ATOM   189  C CB  . ARG A 1 26  ? -9.85571  -14.39340 -1.49517  1.000 27.19000 ? 24  ARG A CB  1 
ATOM   190  C CG  . ARG A 1 26  ? -8.82703  -13.98092 -0.47208  1.000 32.34000 ? 24  ARG A CG  1 
ATOM   191  C CD  . ARG A 1 26  ? -8.88166  -14.88523 0.76502   1.000 39.13000 ? 24  ARG A CD  1 
ATOM   192  N NE  . ARG A 1 26  ? -8.24445  -14.22201 1.90012   1.000 49.98000 ? 24  ARG A NE  1 
ATOM   193  C CZ  . ARG A 1 26  ? -8.89178  -13.76448 2.96562   1.000 54.34000 ? 24  ARG A CZ  1 
ATOM   194  N NH1 . ARG A 1 26  ? -10.20906 -13.91311 3.06755   1.000 52.77000 ? 24  ARG A NH1 1 
ATOM   195  N NH2 . ARG A 1 26  ? -8.21321  -13.15683 3.93230   1.000 63.19000 ? 24  ARG A NH2 1 
ATOM   196  N N   . ASP A 1 27  ? -11.66163 -14.36193 -4.13524  1.000 28.86000 ? 25  ASP A N   1 
ATOM   197  C CA  . ASP A 1 27  ? -12.37122 -15.20361 -5.09950  1.000 33.51000 ? 25  ASP A CA  1 
ATOM   198  C C   . ASP A 1 27  ? -12.07963 -14.77305 -6.52262  1.000 34.51000 ? 25  ASP A C   1 
ATOM   199  O O   . ASP A 1 27  ? -11.90021 -15.61717 -7.39709  1.000 40.89000 ? 25  ASP A O   1 
ATOM   200  C CB  . ASP A 1 27  ? -13.88188 -15.18404 -4.83085  1.000 32.61000 ? 25  ASP A CB  1 
ATOM   201  C CG  . ASP A 1 27  ? -14.25377 -15.97350 -3.59444  1.000 48.10000 ? 25  ASP A CG  1 
ATOM   202  O OD1 . ASP A 1 27  ? -13.60962 -17.01898 -3.35861  1.000 55.14000 ? 25  ASP A OD1 1 
ATOM   203  O OD2 . ASP A 1 27  ? -15.17089 -15.55600 -2.84780  1.000 50.97000 ? 25  ASP A OD2 1 
ATOM   204  N N   . GLN A 1 28  ? -12.00754 -13.47205 -6.77126  1.000 33.78000 ? 26  GLN A N   1 
ATOM   205  C CA  . GLN A 1 28  ? -11.95996 -12.95175 -8.12712  1.000 36.38000 ? 26  GLN A CA  1 
ATOM   206  C C   . GLN A 1 28  ? -10.56003 -12.65796 -8.62748  1.000 38.11000 ? 26  GLN A C   1 
ATOM   207  O O   . GLN A 1 28  ? -10.32619 -12.68069 -9.83908  1.000 40.22000 ? 26  GLN A O   1 
ATOM   208  C CB  . GLN A 1 28  ? -12.81572 -11.69627 -8.20339  1.000 32.50000 ? 26  GLN A CB  1 
ATOM   209  C CG  . GLN A 1 28  ? -14.21153 -12.00312 -7.69693  1.000 47.64000 ? 26  GLN A CG  1 
ATOM   210  C CD  . GLN A 1 28  ? -15.15938 -10.85859 -7.85347  1.000 56.75000 ? 26  GLN A CD  1 
ATOM   211  O OE1 . GLN A 1 28  ? -14.76468 -9.75715  -8.23413  1.000 65.75000 ? 26  GLN A OE1 1 
ATOM   212  N NE2 . GLN A 1 28  ? -16.42920 -11.10844 -7.57175  1.000 58.25000 ? 26  GLN A NE2 1 
ATOM   213  N N   . HIS A 1 29  ? -9.62561  -12.37854 -7.73390  1.000 31.92000 ? 27  HIS A N   1 
ATOM   214  C CA  . HIS A 1 29  ? -8.24153  -12.13138 -8.10287  1.000 26.97000 ? 27  HIS A CA  1 
ATOM   215  C C   . HIS A 1 29  ? -7.35713  -12.87313 -7.12290  1.000 25.50000 ? 27  HIS A C   1 
ATOM   216  O O   . HIS A 1 29  ? -6.64139  -12.25197 -6.33777  1.000 27.21000 ? 27  HIS A O   1 
ATOM   217  C CB  . HIS A 1 29  ? -7.93233  -10.63263 -8.09727  1.000 32.12000 ? 27  HIS A CB  1 
ATOM   218  C CG  . HIS A 1 29  ? -8.77416  -9.84476  -9.05314  1.000 44.33000 ? 27  HIS A CG  1 
ATOM   219  N ND1 . HIS A 1 29  ? -9.94587  -9.22328  -8.68094  1.000 46.52000 ? 27  HIS A ND1 1 
ATOM   220  C CD2 . HIS A 1 29  ? -8.63786  -9.62449  -10.38147 1.000 47.41000 ? 27  HIS A CD2 1 
ATOM   221  C CE1 . HIS A 1 29  ? -10.48194 -8.63021  -9.73327  1.000 48.82000 ? 27  HIS A CE1 1 
ATOM   222  N NE2 . HIS A 1 29  ? -9.70794  -8.85963  -10.77861 1.000 48.53000 ? 27  HIS A NE2 1 
ATOM   223  N N   . PRO A 1 30  ? -7.40757  -14.20800 -7.12224  1.000 26.88000 ? 28  PRO A N   1 
ATOM   224  C CA  . PRO A 1 30  ? -6.69752  -14.95801 -6.07799  1.000 29.25000 ? 28  PRO A CA  1 
ATOM   225  C C   . PRO A 1 30  ? -5.20818  -14.74435 -6.06686  1.000 26.47000 ? 28  PRO A C   1 
ATOM   226  O O   . PRO A 1 30  ? -4.59150  -14.94260 -5.01999  1.000 29.05000 ? 28  PRO A O   1 
ATOM   227  C CB  . PRO A 1 30  ? -7.04107  -16.42398 -6.41322  1.000 29.77000 ? 28  PRO A CB  1 
ATOM   228  C CG  . PRO A 1 30  ? -8.31029  -16.32530 -7.13403  1.000 35.13000 ? 28  PRO A CG  1 
ATOM   229  C CD  . PRO A 1 30  ? -8.20304  -15.09699 -7.97311  1.000 29.47000 ? 28  PRO A CD  1 
ATOM   230  N N   . SER A 1 31  ? -4.59039  -14.39346 -7.19200  1.000 25.54000 ? 29  SER A N   1 
ATOM   231  C CA  . SER A 1 31  ? -3.14085  -14.25771 -7.17738  1.000 24.90000 ? 29  SER A CA  1 
ATOM   232  C C   . SER A 1 31  ? -2.68493  -12.85177 -6.80910  1.000 24.87000 ? 29  SER A C   1 
ATOM   233  O O   . SER A 1 31  ? -1.48318  -12.58028 -6.84992  1.000 28.63000 ? 29  SER A O   1 
ATOM   234  C CB  . SER A 1 31  ? -2.55839  -14.66353 -8.53422  1.000 33.37000 ? 29  SER A CB  1 
ATOM   235  O OG  . SER A 1 31  ? -2.91916  -13.71716 -9.51222  1.000 32.39000 ? 29  SER A OG  1 
ATOM   236  N N   . LYS A 1 32  ? -3.61128  -11.97000 -6.42486  1.000 25.00000 ? 30  LYS A N   1 
ATOM   237  C CA  . LYS A 1 32  ? -3.31295  -10.58126 -6.09660  1.000 26.59000 ? 30  LYS A CA  1 
ATOM   238  C C   . LYS A 1 32  ? -3.39689  -10.35888 -4.59223  1.000 23.11000 ? 30  LYS A C   1 
ATOM   239  O O   . LYS A 1 32  ? -4.24088  -10.95247 -3.90217  1.000 24.22000 ? 30  LYS A O   1 
ATOM   240  C CB  . LYS A 1 32  ? -4.29650  -9.62008  -6.79745  1.000 25.18000 ? 30  LYS A CB  1 
ATOM   241  C CG  . LYS A 1 32  ? -4.43077  -9.85804  -8.31127  1.000 32.75000 ? 30  LYS A CG  1 
ATOM   242  C CD  . LYS A 1 32  ? -3.20478  -9.40464  -9.04388  1.000 39.64000 ? 30  LYS A CD  1 
ATOM   243  C CE  . LYS A 1 32  ? -3.58279  -8.75404  -10.36940 1.000 52.37000 ? 30  LYS A CE  1 
ATOM   244  N NZ  . LYS A 1 32  ? -4.57852  -9.57051  -11.09079 1.000 52.00000 ? 30  LYS A NZ  1 
ATOM   245  N N   . ILE A 1 33  ? -2.49478  -9.52593  -4.08947  1.000 22.96000 ? 31  ILE A N   1 
ATOM   246  C CA  . ILE A 1 33  ? -2.53068  -9.07991  -2.69348  1.000 22.10000 ? 31  ILE A CA  1 
ATOM   247  C C   . ILE A 1 33  ? -3.33304  -7.78805  -2.63609  1.000 21.91000 ? 31  ILE A C   1 
ATOM   248  O O   . ILE A 1 33  ? -3.03820  -6.83466  -3.37630  1.000 25.19000 ? 31  ILE A O   1 
ATOM   249  C CB  . ILE A 1 33  ? -1.10776  -8.86207  -2.15443  1.000 21.37000 ? 31  ILE A CB  1 
ATOM   250  C CG1 . ILE A 1 33  ? -0.28778  -10.14923 -2.23337  1.000 24.75000 ? 31  ILE A CG1 1 
ATOM   251  C CG2 . ILE A 1 33  ? -1.12415  -8.29248  -0.71837  1.000 23.23000 ? 31  ILE A CG2 1 
ATOM   252  C CD1 . ILE A 1 33  ? -0.95781  -11.32142 -1.42266  1.000 27.66000 ? 31  ILE A CD1 1 
ATOM   253  N N   . PRO A 1 34  ? -4.30627  -7.66642  -1.72295  1.000 24.53000 ? 32  PRO A N   1 
ATOM   254  C CA  . PRO A 1 34  ? -5.07260  -6.41863  -1.63678  1.000 22.67000 ? 32  PRO A CA  1 
ATOM   255  C C   . PRO A 1 34  ? -4.32885  -5.40798  -0.76895  1.000 25.46000 ? 32  PRO A C   1 
ATOM   256  O O   . PRO A 1 34  ? -4.04039  -5.66776  0.40603   1.000 23.42000 ? 32  PRO A O   1 
ATOM   257  C CB  . PRO A 1 34  ? -6.39034  -6.86180  -0.98906  1.000 23.77000 ? 32  PRO A CB  1 
ATOM   258  C CG  . PRO A 1 34  ? -6.00392  -8.03192  -0.11601  1.000 28.10000 ? 32  PRO A CG  1 
ATOM   259  C CD  . PRO A 1 34  ? -4.82091  -8.71408  -0.82273  1.000 28.52000 ? 32  PRO A CD  1 
ATOM   260  N N   . VAL A 1 35  ? -4.02623  -4.25100  -1.34706  1.000 22.94000 ? 33  VAL A N   1 
ATOM   261  C CA  . VAL A 1 35  ? -3.14422  -3.26937  -0.72198  1.000 21.96000 ? 33  VAL A CA  1 
ATOM   262  C C   . VAL A 1 35  ? -3.87232  -1.92905  -0.64872  1.000 20.57000 ? 33  VAL A C   1 
ATOM   263  O O   . VAL A 1 35  ? -4.53667  -1.51904  -1.60470  1.000 24.54000 ? 33  VAL A O   1 
ATOM   264  C CB  . VAL A 1 35  ? -1.82491  -3.11684  -1.51888  1.000 26.12000 ? 33  VAL A CB  1 
ATOM   265  C CG1 . VAL A 1 35  ? -0.96718  -2.01682  -0.90898  1.000 32.07000 ? 33  VAL A CG1 1 
ATOM   266  C CG2 . VAL A 1 35  ? -1.04210  -4.41266  -1.51739  1.000 24.77000 ? 33  VAL A CG2 1 
ATOM   267  N N   . ILE A 1 36  ? -3.77893  -1.26092  0.49860   1.000 19.45000 ? 34  ILE A N   1 
ATOM   268  C CA  . ILE A 1 36  ? -4.27585  0.10190   0.64557   1.000 18.75000 ? 34  ILE A CA  1 
ATOM   269  C C   . ILE A 1 36  ? -3.04957  0.98201   0.79946   1.000 24.50000 ? 34  ILE A C   1 
ATOM   270  O O   . ILE A 1 36  ? -2.21363  0.72703   1.67386   1.000 24.51000 ? 34  ILE A O   1 
ATOM   271  C CB  . ILE A 1 36  ? -5.19707  0.23074   1.87845   1.000 21.96000 ? 34  ILE A CB  1 
ATOM   272  C CG1 . ILE A 1 36  ? -6.42248  -0.68338  1.73883   1.000 23.56000 ? 34  ILE A CG1 1 
ATOM   273  C CG2 . ILE A 1 36  ? -5.59055  1.69139   2.09208   1.000 22.38000 ? 34  ILE A CG2 1 
ATOM   274  C CD1 . ILE A 1 36  ? -7.31916  -0.36940  0.52196   1.000 24.39000 ? 34  ILE A CD1 1 
ATOM   275  N N   . ILE A 1 37  ? -2.93970  2.01485   -0.03309  1.000 21.85000 ? 35  ILE A N   1 
ATOM   276  C CA  . ILE A 1 37  ? -1.79741  2.91933   -0.01284  1.000 21.45000 ? 35  ILE A CA  1 
ATOM   277  C C   . ILE A 1 37  ? -2.31523  4.33342   0.18764   1.000 26.19000 ? 35  ILE A C   1 
ATOM   278  O O   . ILE A 1 37  ? -3.07575  4.83993   -0.65056  1.000 27.13000 ? 35  ILE A O   1 
ATOM   279  C CB  . ILE A 1 37  ? -0.98819  2.83078   -1.31232  1.000 25.29000 ? 35  ILE A CB  1 
ATOM   280  C CG1 . ILE A 1 37  ? -0.50865  1.39857   -1.51997  1.000 29.42000 ? 35  ILE A CG1 1 
ATOM   281  C CG2 . ILE A 1 37  ? 0.18034   3.82447   -1.24902  1.000 27.23000 ? 35  ILE A CG2 1 
ATOM   282  C CD1 . ILE A 1 37  ? 0.31590   1.21900   -2.82483  1.000 29.02000 ? 35  ILE A CD1 1 
ATOM   283  N N   . GLU A 1 38  ? -1.88772  4.97288   1.27935   1.000 27.90000 ? 36  GLU A N   1 
ATOM   284  C CA  . GLU A 1 38  ? -2.39909  6.28268   1.66278   1.000 26.88000 ? 36  GLU A CA  1 
ATOM   285  C C   . GLU A 1 38  ? -1.25621  7.23684   1.97526   1.000 31.62000 ? 36  GLU A C   1 
ATOM   286  O O   . GLU A 1 38  ? -0.19584  6.82473   2.45111   1.000 26.90000 ? 36  GLU A O   1 
ATOM   287  C CB  . GLU A 1 38  ? -3.34115  6.14886   2.86672   1.000 30.45000 ? 36  GLU A CB  1 
ATOM   288  C CG  . GLU A 1 38  ? -4.53832  5.28334   2.49315   1.000 33.71000 ? 36  GLU A CG  1 
ATOM   289  C CD  . GLU A 1 38  ? -5.52005  5.05037   3.61806   1.000 33.80000 ? 36  GLU A CD  1 
ATOM   290  O OE1 . GLU A 1 38  ? -5.12627  4.50290   4.67257   1.000 33.40000 ? 36  GLU A OE1 1 
ATOM   291  O OE2 . GLU A 1 38  ? -6.69955  5.40400   3.41900   1.000 40.10000 ? 36  GLU A OE2 1 
ATOM   292  N N   . ARG A 1 39  ? -1.48976  8.52360   1.69396   1.000 27.93000 ? 37  ARG A N   1 
ATOM   293  C CA  . ARG A 1 39  ? -0.52985  9.56025   2.05948   1.000 26.31000 ? 37  ARG A CA  1 
ATOM   294  C C   . ARG A 1 39  ? -0.49200  9.77126   3.57511   1.000 30.20000 ? 37  ARG A C   1 
ATOM   295  O O   . ARG A 1 39  ? -1.52779  9.84227   4.23517   1.000 33.72000 ? 37  ARG A O   1 
ATOM   296  C CB  . ARG A 1 39  ? -0.88465  10.86948  1.35904   1.000 33.63000 ? 37  ARG A CB  1 
ATOM   297  C CG  . ARG A 1 39  ? 0.21908   11.90106  1.47198   1.000 41.81000 ? 37  ARG A CG  1 
ATOM   298  C CD  . ARG A 1 39  ? -0.09646  13.11087  0.61713   1.000 46.68000 ? 37  ARG A CD  1 
ATOM   299  N NE  . ARG A 1 39  ? -1.06569  13.96387  1.28201   1.000 52.98000 ? 37  ARG A NE  1 
ATOM   300  C CZ  . ARG A 1 39  ? -1.12308  15.28197  1.13308   1.000 59.35000 ? 37  ARG A CZ  1 
ATOM   301  N NH1 . ARG A 1 39  ? -0.26083  15.89864  0.33497   1.000 60.23000 ? 37  ARG A NH1 1 
ATOM   302  N NH2 . ARG A 1 39  ? -2.04303  15.97815  1.78437   1.000 61.82000 ? 37  ARG A NH2 1 
ATOM   303  N N   . TYR A 1 40  ? 0.71554   9.85489   4.12735   1.000 30.35000 ? 38  TYR A N   1 
ATOM   304  C CA  . TYR A 1 40  ? 0.88307   10.16151  5.54603   1.000 37.82000 ? 38  TYR A CA  1 
ATOM   305  C C   . TYR A 1 40  ? 0.07422   11.39413  5.94828   1.000 43.76000 ? 38  TYR A C   1 
ATOM   306  O O   . TYR A 1 40  ? -0.00113  12.38541  5.21686   1.000 36.71000 ? 38  TYR A O   1 
ATOM   307  C CB  . TYR A 1 40  ? 2.36594   10.36935  5.85660   1.000 38.67000 ? 38  TYR A CB  1 
ATOM   308  C CG  . TYR A 1 40  ? 2.62676   10.86906  7.26433   1.000 52.52000 ? 38  TYR A CG  1 
ATOM   309  C CD1 . TYR A 1 40  ? 2.27406   10.10101  8.36798   1.000 53.49000 ? 38  TYR A CD1 1 
ATOM   310  C CD2 . TYR A 1 40  ? 3.22622   12.10361  7.48625   1.000 60.90000 ? 38  TYR A CD2 1 
ATOM   311  C CE1 . TYR A 1 40  ? 2.50892   10.54704  9.65445   1.000 63.51000 ? 38  TYR A CE1 1 
ATOM   312  C CE2 . TYR A 1 40  ? 3.46264   12.56057  8.77541   1.000 66.52000 ? 38  TYR A CE2 1 
ATOM   313  C CZ  . TYR A 1 40  ? 3.09908   11.78004  9.85229   1.000 69.64000 ? 38  TYR A CZ  1 
ATOM   314  O OH  . TYR A 1 40  ? 3.33481   12.22839  11.13330  1.000 78.13000 ? 38  TYR A OH  1 
ATOM   315  N N   . LYS A 1 41  ? -0.54958  11.31341  7.12432   1.000 44.59000 ? 39  LYS A N   1 
ATOM   316  C CA  . LYS A 1 41  ? -1.45558  12.36843  7.56761   1.000 49.95000 ? 39  LYS A CA  1 
ATOM   317  C C   . LYS A 1 41  ? -0.77347  13.73360  7.56824   1.000 48.40000 ? 39  LYS A C   1 
ATOM   318  O O   . LYS A 1 41  ? -1.36534  14.72635  7.12741   1.000 54.21000 ? 39  LYS A O   1 
ATOM   319  C CB  . LYS A 1 41  ? -1.99391  12.02875  8.95488   1.000 56.27000 ? 39  LYS A CB  1 
ATOM   320  C CG  . LYS A 1 41  ? -3.14257  12.90539  9.42454   1.000 64.51000 ? 39  LYS A CG  1 
ATOM   321  C CD  . LYS A 1 41  ? -3.48664  12.62269  10.88768  1.000 66.23000 ? 39  LYS A CD  1 
ATOM   322  C CE  . LYS A 1 41  ? -4.40194  13.69619  11.45805  1.000 72.75000 ? 39  LYS A CE  1 
ATOM   323  N NZ  . LYS A 1 41  ? -5.70239  13.74762  10.73092  1.000 73.46000 ? 39  LYS A NZ  1 
ATOM   324  N N   . GLY A 1 42  ? 0.47228   13.80351  8.03404   1.000 46.16000 ? 40  GLY A N   1 
ATOM   325  C CA  . GLY A 1 42  ? 1.15757   15.08676  8.13657   1.000 46.40000 ? 40  GLY A CA  1 
ATOM   326  C C   . GLY A 1 42  ? 1.96224   15.50528  6.91832   1.000 54.74000 ? 40  GLY A C   1 
ATOM   327  O O   . GLY A 1 42  ? 2.75448   16.45592  6.98589   1.000 48.65000 ? 40  GLY A O   1 
ATOM   328  N N   . GLU A 1 43  ? 1.75770   14.81406  5.79514   1.000 50.31000 ? 41  GLU A N   1 
ATOM   329  C CA  . GLU A 1 43  ? 2.54763   15.05475  4.59033   1.000 47.80000 ? 41  GLU A CA  1 
ATOM   330  C C   . GLU A 1 43  ? 2.23667   16.41867  3.98805   1.000 56.54000 ? 41  GLU A C   1 
ATOM   331  O O   . GLU A 1 43  ? 1.06952   16.78678  3.81904   1.000 57.69000 ? 41  GLU A O   1 
ATOM   332  C CB  . GLU A 1 43  ? 2.28223   13.96086  3.55803   1.000 41.94000 ? 41  GLU A CB  1 
ATOM   333  C CG  . GLU A 1 43  ? 3.06273   14.10721  2.26237   1.000 42.51000 ? 41  GLU A CG  1 
ATOM   334  C CD  . GLU A 1 43  ? 4.55261   14.11931  2.48896   1.000 41.94000 ? 41  GLU A CD  1 
ATOM   335  O OE1 . GLU A 1 43  ? 5.02203   13.39383  3.39120   1.000 45.38000 ? 41  GLU A OE1 1 
ATOM   336  O OE2 . GLU A 1 43  ? 5.25747   14.87622  1.77901   1.000 46.66000 ? 41  GLU A OE2 1 
ATOM   337  N N   . LYS A 1 44  ? 3.29293   17.15593  3.64503   1.000 51.28000 ? 42  LYS A N   1 
ATOM   338  C CA  . LYS A 1 44  ? 3.20625   18.50433  3.09708   1.000 60.41000 ? 42  LYS A CA  1 
ATOM   339  C C   . LYS A 1 44  ? 3.63930   18.59571  1.64499   1.000 57.72000 ? 42  LYS A C   1 
ATOM   340  O O   . LYS A 1 44  ? 3.07007   19.38612  0.88389   1.000 61.51000 ? 42  LYS A O   1 
ATOM   341  C CB  . LYS A 1 44  ? 4.07837   19.46238  3.91695   1.000 71.56000 ? 42  LYS A CB  1 
ATOM   342  C CG  . LYS A 1 44  ? 3.41754   20.06773  5.13950   1.000 81.11000 ? 42  LYS A CG  1 
ATOM   343  C CD  . LYS A 1 44  ? 4.44165   20.84422  5.96260   1.000 87.01000 ? 42  LYS A CD  1 
ATOM   344  C CE  . LYS A 1 44  ? 4.35503   22.34192  5.70180   1.000 90.00000 ? 42  LYS A CE  1 
ATOM   345  N NZ  . LYS A 1 44  ? 5.36584   22.80127  4.70043   1.000 89.37000 ? 42  LYS A NZ  1 
ATOM   346  N N   . GLN A 1 45  ? 4.64773   17.82123  1.24569   1.000 45.17000 ? 43  GLN A N   1 
ATOM   347  C CA  . GLN A 1 45  ? 5.30314   18.04076  -0.03556  1.000 48.84000 ? 43  GLN A CA  1 
ATOM   348  C C   . GLN A 1 45  ? 4.71885   17.18447  -1.14304  1.000 48.13000 ? 43  GLN A C   1 
ATOM   349  O O   . GLN A 1 45  ? 4.62065   17.63972  -2.28950  1.000 48.73000 ? 43  GLN A O   1 
ATOM   350  C CB  . GLN A 1 45  ? 6.80308   17.77120  0.08980   1.000 54.96000 ? 43  GLN A CB  1 
ATOM   351  C CG  . GLN A 1 45  ? 7.46608   18.51811  1.23920   1.000 68.55000 ? 43  GLN A CG  1 
ATOM   352  C CD  . GLN A 1 45  ? 8.75482   17.86509  1.70419   1.000 76.27000 ? 43  GLN A CD  1 
ATOM   353  O OE1 . GLN A 1 45  ? 9.63421   17.55428  0.90015   1.000 79.70000 ? 43  GLN A OE1 1 
ATOM   354  N NE2 . GLN A 1 45  ? 8.87239   17.65255  3.00920   1.000 79.55000 ? 43  GLN A NE2 1 
ATOM   355  N N   . LEU A 1 46  ? 4.31927   15.96145  -0.81794  1.000 44.07000 ? 44  LEU A N   1 
ATOM   356  C CA  . LEU A 1 46  ? 3.88667   15.05109  -1.86604  1.000 39.92000 ? 44  LEU A CA  1 
ATOM   357  C C   . LEU A 1 46  ? 2.39606   15.21811  -2.14859  1.000 44.98000 ? 44  LEU A C   1 
ATOM   358  O O   . LEU A 1 46  ? 1.60821   15.45690  -1.22550  1.000 47.67000 ? 44  LEU A O   1 
ATOM   359  C CB  . LEU A 1 46  ? 4.16047   13.60613  -1.45985  1.000 34.02000 ? 44  LEU A CB  1 
ATOM   360  C CG  . LEU A 1 46  ? 5.62012   13.17863  -1.29474  1.000 40.59000 ? 44  LEU A CG  1 
ATOM   361  C CD1 . LEU A 1 46  ? 5.67229   11.76333  -0.73232  1.000 40.49000 ? 44  LEU A CD1 1 
ATOM   362  C CD2 . LEU A 1 46  ? 6.36370   13.24188  -2.62377  1.000 40.65000 ? 44  LEU A CD2 1 
ATOM   363  N N   . PRO A 1 47  ? 1.99481   15.07011  -3.40773  1.000 44.17000 ? 45  PRO A N   1 
ATOM   364  C CA  . PRO A 1 47  ? 0.57188   15.13126  -3.73753  1.000 40.78000 ? 45  PRO A CA  1 
ATOM   365  C C   . PRO A 1 47  ? -0.14376  13.88365  -3.25358  1.000 44.46000 ? 45  PRO A C   1 
ATOM   366  O O   . PRO A 1 47  ? 0.46555   12.88591  -2.85819  1.000 37.42000 ? 45  PRO A O   1 
ATOM   367  C CB  . PRO A 1 47  ? 0.57187   15.20807  -5.26134  1.000 43.72000 ? 45  PRO A CB  1 
ATOM   368  C CG  . PRO A 1 47  ? 1.78569   14.45136  -5.65339  1.000 42.80000 ? 45  PRO A CG  1 
ATOM   369  C CD  . PRO A 1 47  ? 2.81862   14.77674  -4.59188  1.000 44.95000 ? 45  PRO A CD  1 
ATOM   370  N N   . VAL A 1 48  ? -1.46199  13.96736  -3.28938  1.000 44.41000 ? 46  VAL A N   1 
ATOM   371  C CA  . VAL A 1 48  ? -2.32835  12.82458  -3.02974  1.000 49.82000 ? 46  VAL A CA  1 
ATOM   372  C C   . VAL A 1 48  ? -2.35044  11.93584  -4.26355  1.000 48.45000 ? 46  VAL A C   1 
ATOM   373  O O   . VAL A 1 48  ? -2.34040  12.41537  -5.40337  1.000 48.55000 ? 46  VAL A O   1 
ATOM   374  C CB  . VAL A 1 48  ? -3.74339  13.29892  -2.64658  1.000 51.37000 ? 46  VAL A CB  1 
ATOM   375  C CG1 . VAL A 1 48  ? -4.52111  13.76540  -3.88203  1.000 55.21000 ? 46  VAL A CG1 1 
ATOM   376  C CG2 . VAL A 1 48  ? -4.50802  12.18360  -1.96073  1.000 54.89000 ? 46  VAL A CG2 1 
ATOM   377  N N   . LEU A 1 49  ? -2.37801  10.63064  -4.05241  1.000 44.42000 ? 47  LEU A N   1 
ATOM   378  C CA  . LEU A 1 49  ? -2.48285  9.74339   -5.19338  1.000 39.65000 ? 47  LEU A CA  1 
ATOM   379  C C   . LEU A 1 49  ? -3.92267  9.64120   -5.66089  1.000 42.56000 ? 47  LEU A C   1 
ATOM   380  O O   . LEU A 1 49  ? -4.86571  9.77481   -4.87946  1.000 40.16000 ? 47  LEU A O   1 
ATOM   381  C CB  . LEU A 1 49  ? -1.93860  8.35664   -4.86442  1.000 43.66000 ? 47  LEU A CB  1 
ATOM   382  C CG  . LEU A 1 49  ? -0.55987  8.09366   -5.46127  1.000 53.89000 ? 47  LEU A CG  1 
ATOM   383  C CD1 . LEU A 1 49  ? -0.31433  6.62062   -5.52257  1.000 54.22000 ? 47  LEU A CD1 1 
ATOM   384  C CD2 . LEU A 1 49  ? -0.43643  8.72595   -6.86301  1.000 54.48000 ? 47  LEU A CD2 1 
ATOM   385  N N   . ASP A 1 50  ? -4.06399  9.40251   -6.96652  1.000 42.79000 ? 48  ASP A N   1 
ATOM   386  C CA  . ASP A 1 50  ? -5.35531  9.19574   -7.61276  1.000 55.00000 ? 48  ASP A CA  1 
ATOM   387  C C   . ASP A 1 50  ? -6.16884  8.10686   -6.92568  1.000 45.46000 ? 48  ASP A C   1 
ATOM   388  O O   . ASP A 1 50  ? -7.37173  8.26704   -6.67808  1.000 52.14000 ? 48  ASP A O   1 
ATOM   389  C CB  . ASP A 1 50  ? -5.10922  8.83412   -9.08338  1.000 69.16000 ? 48  ASP A CB  1 
ATOM   390  C CG  . ASP A 1 50  ? -3.95759  7.83508   -9.25319  1.000 80.15000 ? 48  ASP A CG  1 
ATOM   391  O OD1 . ASP A 1 50  ? -4.10158  6.66823   -8.82416  1.000 83.97000 ? 48  ASP A OD1 1 
ATOM   392  O OD2 . ASP A 1 50  ? -2.90412  8.20958   -9.80517  1.000 85.77000 ? 48  ASP A OD2 1 
ATOM   393  N N   . LYS A 1 51  ? -5.53186  6.98738   -6.62465  1.000 41.06000 ? 49  LYS A N   1 
ATOM   394  C CA  . LYS A 1 51  ? -6.23806  5.82410   -6.12543  1.000 34.76000 ? 49  LYS A CA  1 
ATOM   395  C C   . LYS A 1 51  ? -5.53520  5.30844   -4.88320  1.000 33.11000 ? 49  LYS A C   1 
ATOM   396  O O   . LYS A 1 51  ? -4.35486  5.57286   -4.64505  1.000 32.44000 ? 49  LYS A O   1 
ATOM   397  C CB  . LYS A 1 51  ? -6.36062  4.71849   -7.18937  1.000 45.95000 ? 49  LYS A CB  1 
ATOM   398  C CG  . LYS A 1 51  ? -5.07287  4.01699   -7.53202  1.000 51.31000 ? 49  LYS A CG  1 
ATOM   399  C CD  . LYS A 1 51  ? -5.23955  2.51020   -7.55459  1.000 56.02000 ? 49  LYS A CD  1 
ATOM   400  C CE  . LYS A 1 51  ? -5.33659  1.94535   -8.95290  1.000 52.67000 ? 49  LYS A CE  1 
ATOM   401  N NZ  . LYS A 1 51  ? -6.25276  0.77058   -8.99460  1.000 56.09000 ? 49  LYS A NZ  1 
ATOM   402  N N   . THR A 1 52  ? -6.31218  4.58675   -4.08418  1.000 34.73000 ? 50  THR A N   1 
ATOM   403  C CA  . THR A 1 52  ? -5.93510  4.09239   -2.77496  1.000 25.84000 ? 50  THR A CA  1 
ATOM   404  C C   . THR A 1 52  ? -5.79762  2.58603   -2.72376  1.000 26.56000 ? 50  THR A C   1 
ATOM   405  O O   . THR A 1 52  ? -4.99772  2.06516   -1.94135  1.000 27.81000 ? 50  THR A O   1 
ATOM   406  C CB  . THR A 1 52  ? -7.01497  4.51311   -1.75868  1.000 35.74000 ? 50  THR A CB  1 
ATOM   407  O OG1 . THR A 1 52  ? -7.14521  5.93461   -1.77113  1.000 56.14000 ? 50  THR A OG1 1 
ATOM   408  C CG2 . THR A 1 52  ? -6.66349  4.06667   -0.37286  1.000 50.58000 ? 50  THR A CG2 1 
ATOM   409  N N   . LYS A 1 53  ? -6.58129  1.87773   -3.51928  1.000 27.44000 ? 51  LYS A N   1 
ATOM   410  C CA  . LYS A 1 53  ? -6.68098  0.43168   -3.41768  1.000 25.91000 ? 51  LYS A CA  1 
ATOM   411  C C   . LYS A 1 53  ? -5.99649  -0.19469  -4.61683  1.000 26.55000 ? 51  LYS A C   1 
ATOM   412  O O   . LYS A 1 53  ? -6.36870  0.08340   -5.76883  1.000 28.58000 ? 51  LYS A O   1 
ATOM   413  C CB  . LYS A 1 53  ? -8.14045  -0.01782  -3.31980  1.000 29.56000 ? 51  LYS A CB  1 
ATOM   414  C CG  . LYS A 1 53  ? -8.28086  -1.54659  -3.25312  1.000 33.49000 ? 51  LYS A CG  1 
ATOM   415  C CD  . LYS A 1 53  ? -9.70782  -1.95414  -2.95450  1.000 46.39000 ? 51  LYS A CD  1 
ATOM   416  C CE  . LYS A 1 53  ? -10.65549 -1.45038  -4.02776  1.000 57.93000 ? 51  LYS A CE  1 
ATOM   417  N NZ  . LYS A 1 53  ? -11.75226 -0.66839  -3.39348  1.000 63.28000 ? 51  LYS A NZ  1 
ATOM   418  N N   . PHE A 1 54  ? -5.01454  -1.04836  -4.35034  1.000 23.09000 ? 52  PHE A N   1 
ATOM   419  C CA  . PHE A 1 54  ? -4.19992  -1.65680  -5.39499  1.000 25.36000 ? 52  PHE A CA  1 
ATOM   420  C C   . PHE A 1 54  ? -4.26287  -3.16384  -5.24972  1.000 31.85000 ? 52  PHE A C   1 
ATOM   421  O O   . PHE A 1 54  ? -4.08770  -3.68932  -4.14602  1.000 31.77000 ? 52  PHE A O   1 
ATOM   422  C CB  . PHE A 1 54  ? -2.75020  -1.20272  -5.30590  1.000 29.51000 ? 52  PHE A CB  1 
ATOM   423  C CG  . PHE A 1 54  ? -2.55393  0.26577   -5.54289  1.000 28.35000 ? 52  PHE A CG  1 
ATOM   424  C CD1 . PHE A 1 54  ? -2.87450  1.20740   -4.56066  1.000 27.57000 ? 52  PHE A CD1 1 
ATOM   425  C CD2 . PHE A 1 54  ? -2.02311  0.70211   -6.74005  1.000 32.76000 ? 52  PHE A CD2 1 
ATOM   426  C CE1 . PHE A 1 54  ? -2.66565  2.58562   -4.79217  1.000 28.50000 ? 52  PHE A CE1 1 
ATOM   427  C CE2 . PHE A 1 54  ? -1.81745  2.04779   -6.98256  1.000 31.24000 ? 52  PHE A CE2 1 
ATOM   428  C CZ  . PHE A 1 54  ? -2.13952  2.99550   -6.01007  1.000 34.66000 ? 52  PHE A CZ  1 
ATOM   429  N N   . LEU A 1 55  ? -4.48930  -3.85644  -6.36270  1.000 25.95000 ? 53  LEU A N   1 
ATOM   430  C CA  . LEU A 1 55  ? -4.43473  -5.32162  -6.40163  1.000 22.47000 ? 53  LEU A CA  1 
ATOM   431  C C   . LEU A 1 55  ? -3.07467  -5.71953  -6.97408  1.000 26.17000 ? 53  LEU A C   1 
ATOM   432  O O   . LEU A 1 55  ? -2.85853  -5.61794  -8.18523  1.000 28.22000 ? 53  LEU A O   1 
ATOM   433  C CB  . LEU A 1 55  ? -5.59008  -5.85061  -7.24505  1.000 29.49000 ? 53  LEU A CB  1 
ATOM   434  C CG  . LEU A 1 55  ? -6.92256  -6.15570  -6.55875  1.000 36.06000 ? 53  LEU A CG  1 
ATOM   435  C CD1 . LEU A 1 55  ? -7.28977  -5.15584  -5.48903  1.000 38.76000 ? 53  LEU A CD1 1 
ATOM   436  C CD2 . LEU A 1 55  ? -8.06551  -6.30158  -7.56941  1.000 39.51000 ? 53  LEU A CD2 1 
ATOM   437  N N   . VAL A 1 56  ? -2.14655  -6.14879  -6.12152  1.000 25.68000 ? 54  VAL A N   1 
ATOM   438  C CA  . VAL A 1 56  ? -0.74120  -6.30501  -6.50758  1.000 26.16000 ? 54  VAL A CA  1 
ATOM   439  C C   . VAL A 1 56  ? -0.45027  -7.78028  -6.76346  1.000 24.23000 ? 54  VAL A C   1 
ATOM   440  O O   . VAL A 1 56  ? -0.60286  -8.59103  -5.84584  1.000 26.20000 ? 54  VAL A O   1 
ATOM   441  C CB  . VAL A 1 56  ? 0.21141   -5.73990  -5.43634  1.000 24.97000 ? 54  VAL A CB  1 
ATOM   442  C CG1 . VAL A 1 56  ? 1.63302   -5.88124  -5.89254  1.000 24.87000 ? 54  VAL A CG1 1 
ATOM   443  C CG2 . VAL A 1 56  ? -0.09700  -4.23485  -5.17941  1.000 27.72000 ? 54  VAL A CG2 1 
ATOM   444  N N   . PRO A 1 57  ? -0.01098  -8.16394  -7.96684  1.000 27.87000 ? 55  PRO A N   1 
ATOM   445  C CA  . PRO A 1 57  ? 0.35269   -9.56766  -8.21049  1.000 26.67000 ? 55  PRO A CA  1 
ATOM   446  C C   . PRO A 1 57  ? 1.32284   -10.04703 -7.14528  1.000 29.28000 ? 55  PRO A C   1 
ATOM   447  O O   . PRO A 1 57  ? 2.27827   -9.34716  -6.78919  1.000 29.08000 ? 55  PRO A O   1 
ATOM   448  C CB  . PRO A 1 57  ? 0.99510   -9.53524  -9.60269  1.000 27.66000 ? 55  PRO A CB  1 
ATOM   449  C CG  . PRO A 1 57  ? 0.32394   -8.37571  -10.28512 1.000 28.06000 ? 55  PRO A CG  1 
ATOM   450  C CD  . PRO A 1 57  ? 0.10926   -7.33128  -9.18215  1.000 30.67000 ? 55  PRO A CD  1 
ATOM   451  N N   . ASP A 1 58  ? 1.06164   -11.24530 -6.60989  1.000 29.19000 ? 56  ASP A N   1 
ATOM   452  C CA  . ASP A 1 58  ? 1.72357   -11.61187 -5.36810  1.000 27.19000 ? 56  ASP A CA  1 
ATOM   453  C C   . ASP A 1 58  ? 3.21085   -11.90683 -5.54855  1.000 30.21000 ? 56  ASP A C   1 
ATOM   454  O O   . ASP A 1 58  ? 3.91238   -12.01729 -4.53992  1.000 29.43000 ? 56  ASP A O   1 
ATOM   455  C CB  . ASP A 1 58  ? 0.97763   -12.78306 -4.67769  1.000 26.94000 ? 56  ASP A CB  1 
ATOM   456  C CG  . ASP A 1 58  ? 1.11032   -14.10095 -5.38377  1.000 38.74000 ? 56  ASP A CG  1 
ATOM   457  O OD1 . ASP A 1 58  ? 1.64161   -14.17936 -6.51021  1.000 36.03000 ? 56  ASP A OD1 1 
ATOM   458  O OD2 . ASP A 1 58  ? 0.67424   -15.09203 -4.75991  1.000 41.71000 ? 56  ASP A OD2 1 
ATOM   459  N N   . HIS A 1 59  ? 3.73588   -11.93055 -6.78233  1.000 29.22000 ? 57  HIS A N   1 
ATOM   460  C CA  . HIS A 1 59  ? 5.17313   -12.10981 -6.99418  1.000 30.21000 ? 57  HIS A CA  1 
ATOM   461  C C   . HIS A 1 59  ? 5.95645   -10.79850 -7.02991  1.000 31.70000 ? 57  HIS A C   1 
ATOM   462  O O   . HIS A 1 59  ? 7.19131   -10.84116 -7.11291  1.000 36.22000 ? 57  HIS A O   1 
ATOM   463  C CB  . HIS A 1 59  ? 5.43506   -12.84389 -8.31600  1.000 32.08000 ? 57  HIS A CB  1 
ATOM   464  C CG  . HIS A 1 59  ? 4.92066   -12.09579 -9.50666  1.000 42.01000 ? 57  HIS A CG  1 
ATOM   465  N ND1 . HIS A 1 59  ? 5.65083   -11.11285 -10.14540 1.000 51.92000 ? 57  HIS A ND1 1 
ATOM   466  C CD2 . HIS A 1 59  ? 3.71132   -12.11707 -10.11840 1.000 48.46000 ? 57  HIS A CD2 1 
ATOM   467  C CE1 . HIS A 1 59  ? 4.92851   -10.59032 -11.12111 1.000 47.62000 ? 57  HIS A CE1 1 
ATOM   468  N NE2 . HIS A 1 59  ? 3.74873   -11.18394 -11.12871 1.000 49.10000 ? 57  HIS A NE2 1 
ATOM   469  N N   . VAL A 1 60  ? 5.28132   -9.64602  -7.01791  1.000 27.98000 ? 58  VAL A N   1 
ATOM   470  C CA  . VAL A 1 60  ? 5.97815   -8.36800  -7.14515  1.000 28.40000 ? 58  VAL A CA  1 
ATOM   471  C C   . VAL A 1 60  ? 6.81736   -8.09812  -5.89758  1.000 26.96000 ? 58  VAL A C   1 
ATOM   472  O O   . VAL A 1 60  ? 6.33786   -8.19655  -4.76207  1.000 29.47000 ? 58  VAL A O   1 
ATOM   473  C CB  . VAL A 1 60  ? 4.96906   -7.23980  -7.42481  1.000 25.74000 ? 58  VAL A CB  1 
ATOM   474  C CG1 . VAL A 1 60  ? 5.63854   -5.84950  -7.35848  1.000 27.59000 ? 58  VAL A CG1 1 
ATOM   475  C CG2 . VAL A 1 60  ? 4.36141   -7.43685  -8.82315  1.000 32.63000 ? 58  VAL A CG2 1 
ATOM   476  N N   . ASN A 1 61  ? 8.08688   -7.73694  -6.11025  1.000 29.67000 ? 59  ASN A N   1 
ATOM   477  C CA  . ASN A 1 61  ? 8.94761   -7.35180  -4.99922  1.000 29.42000 ? 59  ASN A CA  1 
ATOM   478  C C   . ASN A 1 61  ? 8.48808   -6.03431  -4.40234  1.000 26.38000 ? 59  ASN A C   1 
ATOM   479  O O   . ASN A 1 61  ? 8.06532   -5.11838  -5.10675  1.000 26.92000 ? 59  ASN A O   1 
ATOM   480  C CB  . ASN A 1 61  ? 10.39767  -7.18857  -5.45581  1.000 28.81000 ? 59  ASN A CB  1 
ATOM   481  C CG  . ASN A 1 61  ? 11.09499  -8.50288  -5.67879  1.000 39.33000 ? 59  ASN A CG  1 
ATOM   482  O OD1 . ASN A 1 61  ? 10.71013  -9.53103  -5.12724  1.000 40.02000 ? 59  ASN A OD1 1 
ATOM   483  N ND2 . ASN A 1 61  ? 12.14099  -8.47449  -6.49928  1.000 43.44000 ? 59  ASN A ND2 1 
ATOM   484  N N   . MET A 1 62  ? 8.59776   -5.92242  -3.08630  1.000 27.81000 ? 60  MET A N   1 
ATOM   485  C CA  . MET A 1 62  ? 8.22387   -4.66460  -2.45388  1.000 30.67000 ? 60  MET A CA  1 
ATOM   486  C C   . MET A 1 62  ? 9.04101   -3.49998  -3.00075  1.000 26.98000 ? 60  MET A C   1 
ATOM   487  O O   . MET A 1 62  ? 8.53101   -2.37904  -3.15256  1.000 27.95000 ? 60  MET A O   1 
ATOM   488  C CB  . MET A 1 62  ? 8.43489   -4.80836  -0.96878  1.000 29.80000 ? 60  MET A CB  1 
ATOM   489  C CG  . MET A 1 62  ? 7.58270   -5.89662  -0.35015  1.000 34.10000 ? 60  MET A CG  1 
ATOM   490  S SD  . MET A 1 62  ? 5.83123   -5.55939  -0.55049  1.000 36.74000 ? 60  MET A SD  1 
ATOM   491  C CE  . MET A 1 62  ? 5.65627   -3.87246  0.02639   1.000 36.86000 ? 60  MET A CE  1 
ATOM   492  N N   . SER A 1 63  ? 10.31993  -3.74210  -3.27865  1.000 28.74000 ? 61  SER A N   1 
ATOM   493  C CA  . SER A 1 63  ? 11.16280  -2.66667  -3.77579  1.000 29.27000 ? 61  SER A CA  1 
ATOM   494  C C   . SER A 1 63  ? 10.67717  -2.16856  -5.12812  1.000 32.22000 ? 61  SER A C   1 
ATOM   495  O O   . SER A 1 63  ? 10.84097  -0.98819  -5.44730  1.000 30.48000 ? 61  SER A O   1 
ATOM   496  C CB  . SER A 1 63  ? 12.61668  -3.13322  -3.84545  1.000 33.13000 ? 61  SER A CB  1 
ATOM   497  O OG  . SER A 1 63  ? 12.70763  -4.33785  -4.56508  1.000 33.37000 ? 61  SER A OG  1 
ATOM   498  N N   . GLU A 1 64  ? 10.04743  -3.04366  -5.91384  1.000 26.48000 ? 62  GLU A N   1 
ATOM   499  C CA  . GLU A 1 64  ? 9.47748   -2.63413  -7.19965  1.000 29.97000 ? 62  GLU A CA  1 
ATOM   500  C C   . GLU A 1 64  ? 8.18684   -1.85606  -6.99845  1.000 26.61000 ? 62  GLU A C   1 
ATOM   501  O O   . GLU A 1 64  ? 7.91376   -0.88561  -7.71525  1.000 25.76000 ? 62  GLU A O   1 
ATOM   502  C CB  . GLU A 1 64  ? 9.23446   -3.85768  -8.08465  1.000 33.30000 ? 62  GLU A CB  1 
ATOM   503  C CG  . GLU A 1 64  ? 8.35693   -3.58810  -9.30630  1.000 34.01000 ? 62  GLU A CG  1 
ATOM   504  C CD  . GLU A 1 64  ? 8.96590   -2.59810  -10.31363 1.000 38.04000 ? 62  GLU A CD  1 
ATOM   505  O OE1 . GLU A 1 64  ? 10.16260  -2.23499  -10.18585 1.000 41.02000 ? 62  GLU A OE1 1 
ATOM   506  O OE2 . GLU A 1 64  ? 8.23188   -2.17974  -11.23325 1.000 35.34000 ? 62  GLU A OE2 1 
ATOM   507  N N   . LEU A 1 65  ? 7.37803   -2.25616  -6.02001  1.000 26.85000 ? 63  LEU A N   1 
ATOM   508  C CA  . LEU A 1 65  ? 6.20043   -1.44918  -5.70958  1.000 24.96000 ? 63  LEU A CA  1 
ATOM   509  C C   . LEU A 1 65  ? 6.59064   -0.02809  -5.32338  1.000 22.61000 ? 63  LEU A C   1 
ATOM   510  O O   . LEU A 1 65  ? 5.89631   0.94194   -5.68694  1.000 23.88000 ? 63  LEU A O   1 
ATOM   511  C CB  . LEU A 1 65  ? 5.42137   -2.13353  -4.58886  1.000 23.63000 ? 63  LEU A CB  1 
ATOM   512  C CG  . LEU A 1 65  ? 4.09202   -1.47473  -4.22591  1.000 28.47000 ? 63  LEU A CG  1 
ATOM   513  C CD1 . LEU A 1 65  ? 3.14323   -1.45025  -5.42770  1.000 25.79000 ? 63  LEU A CD1 1 
ATOM   514  C CD2 . LEU A 1 65  ? 3.51935   -2.28910  -3.07587  1.000 29.91000 ? 63  LEU A CD2 1 
ATOM   515  N N   . VAL A 1 66  ? 7.72982   0.13858   -4.63707  1.000 24.80000 ? 64  VAL A N   1 
ATOM   516  C CA  . VAL A 1 66  ? 8.20292   1.48638   -4.31154  1.000 27.82000 ? 64  VAL A CA  1 
ATOM   517  C C   . VAL A 1 66  ? 8.40912   2.29854   -5.58882  1.000 26.60000 ? 64  VAL A C   1 
ATOM   518  O O   . VAL A 1 66  ? 7.94151   3.44283   -5.70864  1.000 27.36000 ? 64  VAL A O   1 
ATOM   519  C CB  . VAL A 1 66  ? 9.49312   1.41721   -3.46953  1.000 26.40000 ? 64  VAL A CB  1 
ATOM   520  C CG1 . VAL A 1 66  ? 10.06915  2.82449   -3.29452  1.000 31.01000 ? 64  VAL A CG1 1 
ATOM   521  C CG2 . VAL A 1 66  ? 9.19747   0.81238   -2.11866  1.000 27.38000 ? 64  VAL A CG2 1 
ATOM   522  N N   . LYS A 1 67  ? 9.08869   1.70266   -6.56840  1.000 25.13000 ? 65  LYS A N   1 
ATOM   523  C CA  . LYS A 1 67  ? 9.36584   2.39289   -7.82458  1.000 28.06000 ? 65  LYS A CA  1 
ATOM   524  C C   . LYS A 1 67  ? 8.08436   2.69595   -8.58042  1.000 29.19000 ? 65  LYS A C   1 
ATOM   525  O O   . LYS A 1 67  ? 7.96011   3.75536   -9.20405  1.000 28.59000 ? 65  LYS A O   1 
ATOM   526  C CB  . LYS A 1 67  ? 10.30591  1.54703   -8.69302  1.000 28.54000 ? 65  LYS A CB  1 
ATOM   527  C CG  . LYS A 1 67  ? 11.68965  1.33552   -8.08411  1.000 35.23000 ? 65  LYS A CG  1 
ATOM   528  C CD  . LYS A 1 67  ? 12.49821  0.34049   -8.91260  1.000 44.27000 ? 65  LYS A CD  1 
ATOM   529  C CE  . LYS A 1 67  ? 13.86215  0.09445   -8.29951  1.000 50.18000 ? 65  LYS A CE  1 
ATOM   530  N NZ  . LYS A 1 67  ? 14.77315  1.25104   -8.52206  1.000 56.15000 ? 65  LYS A NZ  1 
ATOM   531  N N   . ILE A 1 68  ? 7.12696   1.77351   -8.54705  1.000 26.77000 ? 66  ILE A N   1 
ATOM   532  C CA  . ILE A 1 68  ? 5.86867   1.97646   -9.25600  1.000 23.63000 ? 66  ILE A CA  1 
ATOM   533  C C   . ILE A 1 68  ? 5.10846   3.14531   -8.65681  1.000 25.32000 ? 66  ILE A C   1 
ATOM   534  O O   . ILE A 1 68  ? 4.57974   4.00104   -9.37502  1.000 26.58000 ? 66  ILE A O   1 
ATOM   535  C CB  . ILE A 1 68  ? 5.03082   0.68297   -9.22797  1.000 25.90000 ? 66  ILE A CB  1 
ATOM   536  C CG1 . ILE A 1 68  ? 5.65978   -0.38276  -10.14130 1.000 25.06000 ? 66  ILE A CG1 1 
ATOM   537  C CG2 . ILE A 1 68  ? 3.55994   0.95846   -9.52839  1.000 27.27000 ? 66  ILE A CG2 1 
ATOM   538  C CD1 . ILE A 1 68  ? 5.08239   -1.81423  -9.90311  1.000 28.17000 ? 66  ILE A CD1 1 
ATOM   539  N N   . ILE A 1 69  ? 5.01841   3.19696   -7.32559  1.000 24.30000 ? 67  ILE A N   1 
ATOM   540  C CA  . ILE A 1 69  ? 4.26817   4.29461   -6.71766  1.000 23.66000 ? 67  ILE A CA  1 
ATOM   541  C C   . ILE A 1 69  ? 4.98536   5.61485   -6.94122  1.000 26.52000 ? 67  ILE A C   1 
ATOM   542  O O   . ILE A 1 69  ? 4.35353   6.64676   -7.18413  1.000 26.97000 ? 67  ILE A O   1 
ATOM   543  C CB  . ILE A 1 69  ? 4.03075   4.01578   -5.22495  1.000 24.95000 ? 67  ILE A CB  1 
ATOM   544  C CG1 . ILE A 1 69  ? 3.23117   2.71494   -5.07542  1.000 27.52000 ? 67  ILE A CG1 1 
ATOM   545  C CG2 . ILE A 1 69  ? 3.29684   5.23753   -4.57614  1.000 27.69000 ? 67  ILE A CG2 1 
ATOM   546  C CD1 . ILE A 1 69  ? 1.89116   2.69528   -5.85761  1.000 29.90000 ? 67  ILE A CD1 1 
ATOM   547  N N   . ARG A 1 70  ? 6.31084   5.60485   -6.90159  1.000 26.19000 ? 68  ARG A N   1 
ATOM   548  C CA  . ARG A 1 70  ? 7.03856   6.83334   -7.19525  1.000 28.81000 ? 68  ARG A CA  1 
ATOM   549  C C   . ARG A 1 70  ? 6.68686   7.34301   -8.58725  1.000 35.01000 ? 68  ARG A C   1 
ATOM   550  O O   . ARG A 1 70  ? 6.41446   8.54079   -8.76974  1.000 32.12000 ? 68  ARG A O   1 
ATOM   551  C CB  . ARG A 1 70  ? 8.54458   6.60747   -7.03286  1.000 32.62000 ? 68  ARG A CB  1 
ATOM   552  C CG  . ARG A 1 70  ? 9.29696   7.84792   -6.53938  1.000 40.75000 ? 68  ARG A CG  1 
ATOM   553  C CD  . ARG A 1 70  ? 10.80659  7.74651   -6.82528  1.000 38.93000 ? 68  ARG A CD  1 
ATOM   554  N NE  . ARG A 1 70  ? 11.46279  8.99528   -6.45222  1.000 54.10000 ? 68  ARG A NE  1 
ATOM   555  C CZ  . ARG A 1 70  ? 11.48146  10.07339  -7.22851  1.000 62.21000 ? 68  ARG A CZ  1 
ATOM   556  N NH1 . ARG A 1 70  ? 10.88481  10.04651  -8.41473  1.000 60.33000 ? 68  ARG A NH1 1 
ATOM   557  N NH2 . ARG A 1 70  ? 12.08796  11.17965  -6.82053  1.000 71.16000 ? 68  ARG A NH2 1 
ATOM   558  N N   . ARG A 1 71  ? 6.63704   6.43674   -9.57826  1.000 31.10000 ? 69  ARG A N   1 
ATOM   559  C CA  . ARG A 1 71  ? 6.29393   6.84488   -10.94604 1.000 32.50000 ? 69  ARG A CA  1 
ATOM   560  C C   . ARG A 1 71  ? 4.87734   7.39145   -11.02205 1.000 31.68000 ? 69  ARG A C   1 
ATOM   561  O O   . ARG A 1 71  ? 4.59867   8.32654   -11.78544 1.000 30.74000 ? 69  ARG A O   1 
ATOM   562  C CB  . ARG A 1 71  ? 6.44638   5.66367   -11.91707 1.000 28.40000 ? 69  ARG A CB  1 
ATOM   563  C CG  . ARG A 1 71  ? 7.89334   5.38815   -12.33277 1.000 30.18000 ? 69  ARG A CG  1 
ATOM   564  C CD  . ARG A 1 71  ? 7.96354   4.51890   -13.59305 1.000 31.96000 ? 69  ARG A CD  1 
ATOM   565  N NE  . ARG A 1 71  ? 7.46070   3.15832   -13.38543 1.000 30.00000 ? 69  ARG A NE  1 
ATOM   566  C CZ  . ARG A 1 71  ? 8.19024   2.13717   -12.91828 1.000 33.52000 ? 69  ARG A CZ  1 
ATOM   567  N NH1 . ARG A 1 71  ? 9.46034   2.30078   -12.54941 1.000 29.26000 ? 69  ARG A NH1 1 
ATOM   568  N NH2 . ARG A 1 71  ? 7.64028   0.93421   -12.81164 1.000 31.91000 ? 69  ARG A NH2 1 
ATOM   569  N N   . ARG A 1 72  ? 3.95859   6.79808   -10.26367 1.000 29.49000 ? 70  ARG A N   1 
ATOM   570  C CA  . ARG A 1 72  ? 2.57337   7.24227   -10.31220 1.000 27.88000 ? 70  ARG A CA  1 
ATOM   571  C C   . ARG A 1 72  ? 2.42433   8.66218   -9.79051  1.000 31.00000 ? 70  ARG A C   1 
ATOM   572  O O   . ARG A 1 72  ? 1.52787   9.38767   -10.23380 1.000 33.82000 ? 70  ARG A O   1 
ATOM   573  C CB  . ARG A 1 72  ? 1.69811   6.28186   -9.50809  1.000 27.60000 ? 70  ARG A CB  1 
ATOM   574  C CG  . ARG A 1 72  ? 0.26117   6.32939   -9.90185  1.000 36.64000 ? 70  ARG A CG  1 
ATOM   575  C CD  . ARG A 1 72  ? -0.53172  5.23072   -9.19808  1.000 34.74000 ? 70  ARG A CD  1 
ATOM   576  N NE  . ARG A 1 72  ? -1.92140  5.32549   -9.59067  1.000 40.94000 ? 70  ARG A NE  1 
ATOM   577  C CZ  . ARG A 1 72  ? -2.46720  4.63361   -10.57520 1.000 37.18000 ? 70  ARG A CZ  1 
ATOM   578  N NH1 . ARG A 1 72  ? -1.74780  3.74932   -11.26671 1.000 37.27000 ? 70  ARG A NH1 1 
ATOM   579  N NH2 . ARG A 1 72  ? -3.74118  4.82099   -10.85750 1.000 37.61000 ? 70  ARG A NH2 1 
ATOM   580  N N   . LEU A 1 73  ? 3.28060   9.06115   -8.84775  1.000 28.67000 ? 71  LEU A N   1 
ATOM   581  C CA  . LEU A 1 73  ? 3.23867   10.39190  -8.24692  1.000 27.21000 ? 71  LEU A CA  1 
ATOM   582  C C   . LEU A 1 73  ? 3.83799   11.45430  -9.14499  1.000 34.19000 ? 71  LEU A C   1 
ATOM   583  O O   . LEU A 1 73  ? 3.65368   12.64345  -8.86603  1.000 41.41000 ? 71  LEU A O   1 
ATOM   584  C CB  . LEU A 1 73  ? 3.97130   10.39064  -6.90392  1.000 28.96000 ? 71  LEU A CB  1 
ATOM   585  C CG  . LEU A 1 73  ? 3.13966   9.80817   -5.76049  1.000 37.30000 ? 71  LEU A CG  1 
ATOM   586  C CD1 . LEU A 1 73  ? 4.00732   9.52870   -4.54020  1.000 42.39000 ? 71  LEU A CD1 1 
ATOM   587  C CD2 . LEU A 1 73  ? 2.00557   10.74180  -5.40816  1.000 40.99000 ? 71  LEU A CD2 1 
ATOM   588  N N   . GLN A 1 74  ? 4.55417   11.05707  -10.19268 1.000 35.22000 ? 72  GLN A N   1 
ATOM   589  C CA  . GLN A 1 74  ? 5.19138   11.98310  -11.13480 1.000 43.56000 ? 72  GLN A CA  1 
ATOM   590  C C   . GLN A 1 74  ? 6.01166   13.05251  -10.40443 1.000 55.33000 ? 72  GLN A C   1 
ATOM   591  O O   . GLN A 1 74  ? 5.68287   14.24094  -10.40557 1.000 61.90000 ? 72  GLN A O   1 
ATOM   592  C CB  . GLN A 1 74  ? 4.14715   12.64109  -12.03846 1.000 43.40000 ? 72  GLN A CB  1 
ATOM   593  C CG  . GLN A 1 74  ? 3.08942   11.69695  -12.57902 1.000 45.06000 ? 72  GLN A CG  1 
ATOM   594  C CD  . GLN A 1 74  ? 2.14302   12.41584  -13.51926 1.000 56.23000 ? 72  GLN A CD  1 
ATOM   595  O OE1 . GLN A 1 74  ? 2.57704   13.17465  -14.38450 1.000 60.53000 ? 72  GLN A OE1 1 
ATOM   596  N NE2 . GLN A 1 74  ? 0.84338   12.20258  -13.33653 1.000 58.18000 ? 72  GLN A NE2 1 
ATOM   597  N N   . LEU A 1 75  ? 7.09021   12.60033  -9.77583  1.000 56.99000 ? 73  LEU A N   1 
ATOM   598  C CA  . LEU A 1 75  ? 7.96947   13.48515  -9.02426  1.000 59.47000 ? 73  LEU A CA  1 
ATOM   599  C C   . LEU A 1 75  ? 9.31085   13.64844  -9.72529  1.000 65.74000 ? 73  LEU A C   1 
ATOM   600  O O   . LEU A 1 75  ? 9.71324   12.82119  -10.55059 1.000 69.34000 ? 73  LEU A O   1 
ATOM   601  C CB  . LEU A 1 75  ? 8.21137   12.96386  -7.60415  1.000 47.31000 ? 73  LEU A CB  1 
ATOM   602  C CG  . LEU A 1 75  ? 7.06961   12.27521  -6.86779  1.000 41.47000 ? 73  LEU A CG  1 
ATOM   603  C CD1 . LEU A 1 75  ? 7.62289   11.56144  -5.64872  1.000 37.55000 ? 73  LEU A CD1 1 
ATOM   604  C CD2 . LEU A 1 75  ? 6.01887   13.30640  -6.47516  1.000 43.02000 ? 73  LEU A CD2 1 
ATOM   605  N N   . ASN A 1 76  ? 10.00669  14.73443  -9.36877  1.000 66.81000 ? 74  ASN A N   1 
ATOM   606  C CA  . ASN A 1 76  ? 11.38627  14.91894  -9.79682  1.000 71.21000 ? 74  ASN A CA  1 
ATOM   607  C C   . ASN A 1 76  ? 12.23617  13.78028  -9.25055  1.000 69.97000 ? 74  ASN A C   1 
ATOM   608  O O   . ASN A 1 76  ? 11.84629  13.10469  -8.29585  1.000 68.83000 ? 74  ASN A O   1 
ATOM   609  C CB  . ASN A 1 76  ? 11.95347  16.24390  -9.28710  1.000 78.64000 ? 74  ASN A CB  1 
ATOM   610  C CG  . ASN A 1 76  ? 10.92146  17.33319  -9.20823  1.000 86.09000 ? 74  ASN A CG  1 
ATOM   611  O OD1 . ASN A 1 76  ? 10.04354  17.43777  -10.06410 1.000 90.37000 ? 74  ASN A OD1 1 
ATOM   612  N ND2 . ASN A 1 76  ? 11.01726  18.15865  -8.17389  1.000 88.66000 ? 74  ASN A ND2 1 
ATOM   613  N N   . PRO A 1 77  ? 13.42082  13.55208  -9.82511  1.000 71.68000 ? 75  PRO A N   1 
ATOM   614  C CA  . PRO A 1 77  ? 14.39343  12.68273  -9.14637  1.000 70.50000 ? 75  PRO A CA  1 
ATOM   615  C C   . PRO A 1 77  ? 14.94822  13.30371  -7.87544  1.000 64.00000 ? 75  PRO A C   1 
ATOM   616  O O   . PRO A 1 77  ? 15.69830  12.63895  -7.15202  1.000 66.48000 ? 75  PRO A O   1 
ATOM   617  C CB  . PRO A 1 77  ? 15.49698  12.48113  -10.20109 1.000 73.75000 ? 75  PRO A CB  1 
ATOM   618  C CG  . PRO A 1 77  ? 14.93632  13.02838  -11.49076 1.000 71.81000 ? 75  PRO A CG  1 
ATOM   619  C CD  . PRO A 1 77  ? 13.91651  14.04262  -11.12014 1.000 68.86000 ? 75  PRO A CD  1 
ATOM   620  N N   . THR A 1 78  ? 14.58032  14.55207  -7.58961  1.000 61.37000 ? 76  THR A N   1 
ATOM   621  C CA  . THR A 1 78  ? 15.01216  15.32765  -6.43298  1.000 65.90000 ? 76  THR A CA  1 
ATOM   622  C C   . THR A 1 78  ? 14.13246  15.09233  -5.21163  1.000 63.86000 ? 76  THR A C   1 
ATOM   623  O O   . THR A 1 78  ? 14.63063  15.06431  -4.07968  1.000 61.05000 ? 76  THR A O   1 
ATOM   624  C CB  . THR A 1 78  ? 14.99970  16.81699  -6.78981  1.000 69.29000 ? 76  THR A CB  1 
ATOM   625  O OG1 . THR A 1 78  ? 15.98025  17.07647  -7.80051  1.000 76.18000 ? 76  THR A OG1 1 
ATOM   626  C CG2 . THR A 1 78  ? 15.27500  17.68283  -5.56825  1.000 71.56000 ? 76  THR A CG2 1 
ATOM   627  N N   . GLN A 1 79  ? 12.83266  14.91957  -5.42665  1.000 58.82000 ? 77  GLN A N   1 
ATOM   628  C CA  . GLN A 1 79  ? 11.88037  14.80865  -4.32988  1.000 53.02000 ? 77  GLN A CA  1 
ATOM   629  C C   . GLN A 1 79  ? 12.07424  13.50434  -3.56073  1.000 51.11000 ? 77  GLN A C   1 
ATOM   630  O O   . GLN A 1 79  ? 12.11167  12.42265  -4.15119  1.000 44.15000 ? 77  GLN A O   1 
ATOM   631  C CB  . GLN A 1 79  ? 10.46020  14.89937  -4.88599  1.000 57.53000 ? 77  GLN A CB  1 
ATOM   632  C CG  . GLN A 1 79  ? 9.36496   14.66903  -3.86800  1.000 67.48000 ? 77  GLN A CG  1 
ATOM   633  C CD  . GLN A 1 79  ? 9.38678   15.67017  -2.73590  1.000 77.68000 ? 77  GLN A CD  1 
ATOM   634  O OE1 . GLN A 1 79  ? 9.23762   16.87401  -2.95440  1.000 86.60000 ? 77  GLN A OE1 1 
ATOM   635  N NE2 . GLN A 1 79  ? 9.57007   15.17953  -1.51298  1.000 74.24000 ? 77  GLN A NE2 1 
ATOM   636  N N   . ALA A 1 80  ? 12.19609  13.60357  -2.23824  1.000 46.19000 ? 78  ALA A N   1 
ATOM   637  C CA  . ALA A 1 80  ? 12.30788  12.40357  -1.42041  1.000 48.83000 ? 78  ALA A CA  1 
ATOM   638  C C   . ALA A 1 80  ? 10.96540  11.68049  -1.35175  1.000 49.71000 ? 78  ALA A C   1 
ATOM   639  O O   . ALA A 1 80  ? 9.90376   12.30795  -1.32501  1.000 44.61000 ? 78  ALA A O   1 
ATOM   640  C CB  . ALA A 1 80  ? 12.77730  12.75490  -0.00943  1.000 51.00000 ? 78  ALA A CB  1 
ATOM   641  N N   . PHE A 1 81  ? 11.01739  10.35271  -1.31424  1.000 42.04000 ? 79  PHE A N   1 
ATOM   642  C CA  . PHE A 1 81  ? 9.80286   9.54986   -1.27768  1.000 36.66000 ? 79  PHE A CA  1 
ATOM   643  C C   . PHE A 1 81  ? 10.08529  8.25465   -0.53670  1.000 35.42000 ? 79  PHE A C   1 
ATOM   644  O O   . PHE A 1 81  ? 11.06724  7.57408   -0.84226  1.000 39.56000 ? 79  PHE A O   1 
ATOM   645  C CB  . PHE A 1 81  ? 9.31215   9.23630   -2.68922  1.000 33.15000 ? 79  PHE A CB  1 
ATOM   646  C CG  . PHE A 1 81  ? 8.24500   8.18263   -2.72668  1.000 32.68000 ? 79  PHE A CG  1 
ATOM   647  C CD1 . PHE A 1 81  ? 6.92520   8.52259   -2.51152  1.000 30.59000 ? 79  PHE A CD1 1 
ATOM   648  C CD2 . PHE A 1 81  ? 8.56605   6.85305   -2.95228  1.000 35.57000 ? 79  PHE A CD2 1 
ATOM   649  C CE1 . PHE A 1 81  ? 5.92940   7.55137   -2.53455  1.000 31.71000 ? 79  PHE A CE1 1 
ATOM   650  C CE2 . PHE A 1 81  ? 7.58563   5.88975   -2.98927  1.000 34.95000 ? 79  PHE A CE2 1 
ATOM   651  C CZ  . PHE A 1 81  ? 6.25707   6.23898   -2.76390  1.000 35.40000 ? 79  PHE A CZ  1 
ATOM   652  N N   . PHE A 1 82  ? 9.20208   7.88995   0.39332   1.000 33.96000 ? 80  PHE A N   1 
ATOM   653  C CA  . PHE A 1 82  ? 9.30737   6.62877   1.11398   1.000 31.82000 ? 80  PHE A CA  1 
ATOM   654  C C   . PHE A 1 82  ? 7.94759   5.95017   1.18226   1.000 30.68000 ? 80  PHE A C   1 
ATOM   655  O O   . PHE A 1 82  ? 6.92250   6.60260   1.39111   1.000 33.64000 ? 80  PHE A O   1 
ATOM   656  C CB  . PHE A 1 82  ? 9.82293   6.83134   2.53074   1.000 31.38000 ? 80  PHE A CB  1 
ATOM   657  C CG  . PHE A 1 82  ? 11.10528  7.60379   2.58978   1.000 40.52000 ? 80  PHE A CG  1 
ATOM   658  C CD1 . PHE A 1 82  ? 12.31931  6.95153   2.49114   1.000 40.68000 ? 80  PHE A CD1 1 
ATOM   659  C CD2 . PHE A 1 82  ? 11.08640  8.98631   2.72998   1.000 40.87000 ? 80  PHE A CD2 1 
ATOM   660  C CE1 . PHE A 1 82  ? 13.51225  7.67962   2.54023   1.000 44.52000 ? 80  PHE A CE1 1 
ATOM   661  C CE2 . PHE A 1 82  ? 12.26710  9.70829   2.77343   1.000 41.04000 ? 80  PHE A CE2 1 
ATOM   662  C CZ  . PHE A 1 82  ? 13.47253  9.04868   2.67801   1.000 41.92000 ? 80  PHE A CZ  1 
ATOM   663  N N   . LEU A 1 83  ? 7.94474   4.63883   1.01826   1.000 31.85000 ? 81  LEU A N   1 
ATOM   664  C CA  . LEU A 1 83  ? 6.72603   3.84253   1.12497   1.000 28.99000 ? 81  LEU A CA  1 
ATOM   665  C C   . LEU A 1 83  ? 6.91845   2.89634   2.30019   1.000 27.34000 ? 81  LEU A C   1 
ATOM   666  O O   . LEU A 1 83  ? 7.87686   2.11819   2.31395   1.000 34.93000 ? 81  LEU A O   1 
ATOM   667  C CB  . LEU A 1 83  ? 6.46884   3.07628   -0.17994  1.000 29.30000 ? 81  LEU A CB  1 
ATOM   668  C CG  . LEU A 1 83  ? 5.16750   2.27672   -0.28421  1.000 30.66000 ? 81  LEU A CG  1 
ATOM   669  C CD1 . LEU A 1 83  ? 3.94866   3.15840   -0.15394  1.000 29.75000 ? 81  LEU A CD1 1 
ATOM   670  C CD2 . LEU A 1 83  ? 5.15094   1.48690   -1.58610  1.000 34.48000 ? 81  LEU A CD2 1 
ATOM   671  N N   . LEU A 1 84  ? 6.05737   3.00212   3.31006   1.000 30.08000 ? 82  LEU A N   1 
ATOM   672  C CA  . LEU A 1 84  ? 6.24992   2.28341   4.56189   1.000 29.95000 ? 82  LEU A CA  1 
ATOM   673  C C   . LEU A 1 84  ? 5.10128   1.32251   4.83503   1.000 34.29000 ? 82  LEU A C   1 
ATOM   674  O O   . LEU A 1 84  ? 3.94673   1.63261   4.53808   1.000 28.58000 ? 82  LEU A O   1 
ATOM   675  C CB  . LEU A 1 84  ? 6.36433   3.24683   5.73005   1.000 34.98000 ? 82  LEU A CB  1 
ATOM   676  C CG  . LEU A 1 84  ? 7.54322   4.21463   5.60293   1.000 46.81000 ? 82  LEU A CG  1 
ATOM   677  C CD1 . LEU A 1 84  ? 7.04895   5.64809   5.44768   1.000 47.57000 ? 82  LEU A CD1 1 
ATOM   678  C CD2 . LEU A 1 84  ? 8.40261   4.06645   6.82154   1.000 49.21000 ? 82  LEU A CD2 1 
ATOM   679  N N   . VAL A 1 85  ? 5.43547   0.16753   5.42082   1.000 30.87000 ? 83  VAL A N   1 
ATOM   680  C CA  . VAL A 1 85  ? 4.46561   -0.81809  5.89959   1.000 30.49000 ? 83  VAL A CA  1 
ATOM   681  C C   . VAL A 1 85  ? 4.65776   -0.90777  7.40020   1.000 33.69000 ? 83  VAL A C   1 
ATOM   682  O O   . VAL A 1 85  ? 5.68790   -1.41144  7.86429   1.000 40.20000 ? 83  VAL A O   1 
ATOM   683  C CB  . VAL A 1 85  ? 4.66115   -2.20168  5.27665   1.000 34.28000 ? 83  VAL A CB  1 
ATOM   684  C CG1 . VAL A 1 85  ? 3.68609   -3.19184  5.92060   1.000 39.79000 ? 83  VAL A CG1 1 
ATOM   685  C CG2 . VAL A 1 85  ? 4.39077   -2.14591  3.81620   1.000 35.95000 ? 83  VAL A CG2 1 
ATOM   686  N N   . ASN A 1 86  ? 3.66959   -0.44406  8.15951   1.000 41.08000 ? 84  ASN A N   1 
ATOM   687  C CA  . ASN A 1 86  ? 3.77612   -0.44185  9.61738   1.000 44.64000 ? 84  ASN A CA  1 
ATOM   688  C C   . ASN A 1 86  ? 5.09814   0.19366   10.05716  1.000 41.36000 ? 84  ASN A C   1 
ATOM   689  O O   . ASN A 1 86  ? 5.80573   -0.32229  10.92246  1.000 42.02000 ? 84  ASN A O   1 
ATOM   690  C CB  . ASN A 1 86  ? 3.60918   -1.86334  10.16320  1.000 38.87000 ? 84  ASN A CB  1 
ATOM   691  C CG  . ASN A 1 86  ? 2.18539   -2.39986  9.97087   1.000 50.31000 ? 84  ASN A CG  1 
ATOM   692  O OD1 . ASN A 1 86  ? 1.20700   -1.67805  10.19020  1.000 49.95000 ? 84  ASN A OD1 1 
ATOM   693  N ND2 . ASN A 1 86  ? 2.06665   -3.66669  9.55596   1.000 45.22000 ? 84  ASN A ND2 1 
ATOM   694  N N   . GLN A 1 87  ? 5.41268   1.34586   9.44270   1.000 40.85000 ? 85  GLN A N   1 
ATOM   695  C CA  . GLN A 1 87  ? 6.59634   2.19608   9.66715   1.000 43.66000 ? 85  GLN A CA  1 
ATOM   696  C C   . GLN A 1 87  ? 7.92229   1.53853   9.25590   1.000 44.79000 ? 85  GLN A C   1 
ATOM   697  O O   . GLN A 1 87  ? 9.00823   2.05633   9.57867   1.000 46.14000 ? 85  GLN A O   1 
ATOM   698  C CB  . GLN A 1 87  ? 6.68808   2.71925   11.11830  1.000 47.00000 ? 85  GLN A CB  1 
ATOM   699  C CG  . GLN A 1 87  ? 5.40263   2.67322   11.92289  1.000 66.59000 ? 85  GLN A CG  1 
ATOM   700  C CD  . GLN A 1 87  ? 4.31410   3.57408   11.36639  1.000 88.17000 ? 85  GLN A CD  1 
ATOM   701  O OE1 . GLN A 1 87  ? 4.58551   4.52723   10.63333  1.000 97.12000 ? 85  GLN A OE1 1 
ATOM   702  N NE2 . GLN A 1 87  ? 3.06530   3.26532   11.70773  1.000 93.34000 ? 85  GLN A NE2 1 
ATOM   703  N N   . HIS A 1 88  ? 7.88313   0.43901   8.51182   1.000 45.63000 ? 86  HIS A N   1 
ATOM   704  C CA  . HIS A 1 88  ? 9.08207   -0.14466  7.91850   1.000 41.01000 ? 86  HIS A CA  1 
ATOM   705  C C   . HIS A 1 88  ? 9.19679   0.36632   6.49144   1.000 46.15000 ? 86  HIS A C   1 
ATOM   706  O O   . HIS A 1 88  ? 8.26258   0.20458   5.70151   1.000 35.04000 ? 86  HIS A O   1 
ATOM   707  C CB  . HIS A 1 88  ? 9.02258   -1.67148  7.90997   1.000 45.17000 ? 86  HIS A CB  1 
ATOM   708  C CG  . HIS A 1 88  ? 8.73234   -2.28181  9.24619   1.000 53.65000 ? 86  HIS A CG  1 
ATOM   709  N ND1 . HIS A 1 88  ? 7.64399   -3.09954  9.46882   1.000 57.47000 ? 86  HIS A ND1 1 
ATOM   710  C CD2 . HIS A 1 88  ? 9.40596   -2.22459  10.41909  1.000 56.47000 ? 86  HIS A CD2 1 
ATOM   711  C CE1 . HIS A 1 88  ? 7.64796   -3.50166  10.72817  1.000 57.47000 ? 86  HIS A CE1 1 
ATOM   712  N NE2 . HIS A 1 88  ? 8.70808   -2.98626  11.32570  1.000 58.81000 ? 86  HIS A NE2 1 
ATOM   713  N N   . SER A 1 89  ? 10.33786  0.96516   6.15925   1.000 40.91000 ? 87  SER A N   1 
ATOM   714  C CA  . SER A 1 89  ? 10.55689  1.44466   4.80239   1.000 39.95000 ? 87  SER A CA  1 
ATOM   715  C C   . SER A 1 89  ? 10.77435  0.26410   3.86172   1.000 40.64000 ? 87  SER A C   1 
ATOM   716  O O   . SER A 1 89  ? 11.48969  -0.68214  4.19480   1.000 40.02000 ? 87  SER A O   1 
ATOM   717  C CB  . SER A 1 89  ? 11.76730  2.37780   4.76987   1.000 39.89000 ? 87  SER A CB  1 
ATOM   718  O OG  . SER A 1 89  ? 11.97813  2.90014   3.47595   1.000 39.26000 ? 87  SER A OG  1 
ATOM   719  N N   . MET A 1 90  ? 10.12836  0.30226   2.70399   1.000 38.17000 ? 88  MET A N   1 
ATOM   720  C CA  . MET A 1 90  ? 10.23589  -0.79843  1.75882   1.000 35.35000 ? 88  MET A CA  1 
ATOM   721  C C   . MET A 1 90  ? 11.02787  -0.46985  0.50156   1.000 32.05000 ? 88  MET A C   1 
ATOM   722  O O   . MET A 1 90  ? 10.73897  -1.01101  -0.56599  1.000 32.93000 ? 88  MET A O   1 
ATOM   723  C CB  . MET A 1 90  ? 8.84240   -1.30669  1.37694   1.000 30.55000 ? 88  MET A CB  1 
ATOM   724  C CG  . MET A 1 90  ? 7.88022   -1.41970  2.54807   1.000 40.48000 ? 88  MET A CG  1 
ATOM   725  S SD  . MET A 1 90  ? 7.90823   -3.05049  3.31612   1.000 47.67000 ? 88  MET A SD  1 
ATOM   726  C CE  . MET A 1 90  ? 8.62573   -4.03189  2.00040   1.000 45.75000 ? 88  MET A CE  1 
ATOM   727  N N   . VAL A 1 91  ? 12.02098  0.40783   0.60637   1.000 36.47000 ? 89  VAL A N   1 
ATOM   728  C CA  . VAL A 1 91  ? 12.80479  0.71749   -0.59325  1.000 31.30000 ? 89  VAL A CA  1 
ATOM   729  C C   . VAL A 1 91  ? 13.76739  -0.41657  -0.94577  1.000 34.72000 ? 89  VAL A C   1 
ATOM   730  O O   . VAL A 1 91  ? 13.96616  -0.72129  -2.12872  1.000 38.07000 ? 89  VAL A O   1 
ATOM   731  C CB  . VAL A 1 91  ? 13.54407  2.06124   -0.41809  1.000 43.09000 ? 89  VAL A CB  1 
ATOM   732  C CG1 . VAL A 1 91  ? 14.51921  2.00348   0.77159   1.000 48.78000 ? 89  VAL A CG1 1 
ATOM   733  C CG2 . VAL A 1 91  ? 14.28882  2.45639   -1.71065  1.000 37.72000 ? 89  VAL A CG2 1 
ATOM   734  N N   . SER A 1 92  ? 14.39016  -1.05422  0.05316   1.000 35.15000 ? 90  SER A N   1 
ATOM   735  C CA  . SER A 1 92  ? 15.38651  -2.08916  -0.22129  1.000 38.35000 ? 90  SER A CA  1 
ATOM   736  C C   . SER A 1 92  ? 14.84151  -3.50436  -0.09070  1.000 37.53000 ? 90  SER A C   1 
ATOM   737  O O   . SER A 1 92  ? 15.61193  -4.46250  -0.20829  1.000 43.12000 ? 90  SER A O   1 
ATOM   738  C CB  . SER A 1 92  ? 16.60898  -1.94109  0.69757   1.000 52.02000 ? 90  SER A CB  1 
ATOM   739  O OG  . SER A 1 92  ? 16.22104  -1.88770  2.06120   1.000 60.21000 ? 90  SER A OG  1 
ATOM   740  N N   . VAL A 1 93  ? 13.54280  -3.67164  0.13580   1.000 33.72000 ? 91  VAL A N   1 
ATOM   741  C CA  . VAL A 1 93  ? 12.98902  -5.00403  0.36372   1.000 29.45000 ? 91  VAL A CA  1 
ATOM   742  C C   . VAL A 1 93  ? 12.70230  -5.70320  -0.96687  1.000 38.98000 ? 91  VAL A C   1 
ATOM   743  O O   . VAL A 1 93  ? 11.62396  -5.54937  -1.55276  1.000 40.70000 ? 91  VAL A O   1 
ATOM   744  C CB  . VAL A 1 93  ? 11.73809  -4.91324  1.24710   1.000 33.04000 ? 91  VAL A CB  1 
ATOM   745  C CG1 . VAL A 1 93  ? 11.10337  -6.29828  1.46292   1.000 33.82000 ? 91  VAL A CG1 1 
ATOM   746  C CG2 . VAL A 1 93  ? 12.11613  -4.28070  2.59692   1.000 35.04000 ? 91  VAL A CG2 1 
ATOM   747  N N   . SER A 1 94  ? 13.67099  -6.48366  -1.45294  1.000 35.63000 ? 92  SER A N   1 
ATOM   748  C CA  . SER A 1 94  ? 13.54398  -7.20966  -2.71791  1.000 37.25000 ? 92  SER A CA  1 
ATOM   749  C C   . SER A 1 94  ? 12.91538  -8.57096  -2.52181  1.000 43.20000 ? 92  SER A C   1 
ATOM   750  O O   . SER A 1 94  ? 13.38333  -9.55212  -3.10223  1.000 47.09000 ? 92  SER A O   1 
ATOM   751  C CB  . SER A 1 94  ? 14.91382  -7.34846  -3.37553  1.000 50.33000 ? 92  SER A CB  1 
ATOM   752  O OG  . SER A 1 94  ? 15.52411  -6.08751  -3.49961  1.000 63.96000 ? 92  SER A OG  1 
ATOM   753  N N   . THR A 1 95  ? 11.88342  -8.65363  -1.68037  1.000 38.50000 ? 93  THR A N   1 
ATOM   754  C CA  . THR A 1 95  ? 11.08843  -9.79247  -1.23431  1.000 40.39000 ? 93  THR A CA  1 
ATOM   755  C C   . THR A 1 95  ? 9.71310   -9.67424  -1.84956  1.000 35.75000 ? 93  THR A C   1 
ATOM   756  O O   . THR A 1 95  ? 9.17950   -8.55386  -1.88573  1.000 31.17000 ? 93  THR A O   1 
ATOM   757  C CB  . THR A 1 95  ? 10.96866  -9.79531  0.28972   1.000 49.84000 ? 93  THR A CB  1 
ATOM   758  O OG1 . THR A 1 95  ? 12.27671  -9.68806  0.87782   1.000 61.41000 ? 93  THR A OG1 1 
ATOM   759  C CG2 . THR A 1 95  ? 10.26675  -11.04335 0.79543   1.000 51.24000 ? 93  THR A CG2 1 
ATOM   760  N N   . PRO A 1 96  ? 9.13073   -10.76456 -2.35781  1.000 33.86000 ? 94  PRO A N   1 
ATOM   761  C CA  . PRO A 1 96  ? 7.78786   -10.68024 -2.95372  1.000 28.85000 ? 94  PRO A CA  1 
ATOM   762  C C   . PRO A 1 96  ? 6.76410   -10.21671 -1.93454  1.000 29.36000 ? 94  PRO A C   1 
ATOM   763  O O   . PRO A 1 96  ? 6.83877   -10.55007 -0.75117  1.000 32.59000 ? 94  PRO A O   1 
ATOM   764  C CB  . PRO A 1 96  ? 7.50728   -12.11719 -3.41702  1.000 35.12000 ? 94  PRO A CB  1 
ATOM   765  C CG  . PRO A 1 96  ? 8.86884   -12.70156 -3.61600  1.000 41.00000 ? 94  PRO A CG  1 
ATOM   766  C CD  . PRO A 1 96  ? 9.73672   -12.09297 -2.55408  1.000 39.50000 ? 94  PRO A CD  1 
ATOM   767  N N   . ILE A 1 97  ? 5.78381   -9.45163  -2.41170  1.000 28.27000 ? 95  ILE A N   1 
ATOM   768  C CA  . ILE A 1 97  ? 4.76295   -8.95408  -1.50606  1.000 26.04000 ? 95  ILE A CA  1 
ATOM   769  C C   . ILE A 1 97  ? 4.01317   -10.10465 -0.84265  1.000 29.25000 ? 95  ILE A C   1 
ATOM   770  O O   . ILE A 1 97  ? 3.49987   -9.95194  0.27750   1.000 34.33000 ? 95  ILE A O   1 
ATOM   771  C CB  . ILE A 1 97  ? 3.81096   -7.99660  -2.25834  1.000 24.66000 ? 95  ILE A CB  1 
ATOM   772  C CG1 . ILE A 1 97  ? 2.78746   -7.39965  -1.28139  1.000 26.78000 ? 95  ILE A CG1 1 
ATOM   773  C CG2 . ILE A 1 97  ? 3.15253   -8.70552  -3.46226  1.000 26.53000 ? 95  ILE A CG2 1 
ATOM   774  C CD1 . ILE A 1 97  ? 2.03937   -6.17510  -1.84534  1.000 25.46000 ? 95  ILE A CD1 1 
ATOM   775  N N   . ALA A 1 98  ? 3.93271   -11.26468 -1.50478  1.000 28.04000 ? 96  ALA A N   1 
ATOM   776  C CA  . ALA A 1 98  ? 3.21560   -12.39431 -0.91293  1.000 30.33000 ? 96  ALA A CA  1 
ATOM   777  C C   . ALA A 1 98  ? 3.79687   -12.75102 0.44644   1.000 34.36000 ? 96  ALA A C   1 
ATOM   778  O O   . ALA A 1 98  ? 3.05658   -13.13515 1.36352   1.000 34.24000 ? 96  ALA A O   1 
ATOM   779  C CB  . ALA A 1 98  ? 3.26344   -13.61554 -1.83082  1.000 33.18000 ? 96  ALA A CB  1 
ATOM   780  N N   . ASP A 1 99  ? 5.12130   -12.63250 0.59741   1.000 29.92000 ? 97  ASP A N   1 
ATOM   781  C CA  . ASP A 1 99  ? 5.74161   -12.94739 1.88301   1.000 35.19000 ? 97  ASP A CA  1 
ATOM   782  C C   . ASP A 1 99  ? 5.50127   -11.85269 2.91758   1.000 35.95000 ? 97  ASP A C   1 
ATOM   783  O O   . ASP A 1 99  ? 5.22317   -12.15230 4.08331   1.000 42.44000 ? 97  ASP A O   1 
ATOM   784  C CB  . ASP A 1 99  ? 7.24121   -13.18793 1.70671   1.000 44.75000 ? 97  ASP A CB  1 
ATOM   785  C CG  . ASP A 1 99  ? 7.54033   -14.31019 0.73567   1.000 57.43000 ? 97  ASP A CG  1 
ATOM   786  O OD1 . ASP A 1 99  ? 6.70446   -15.23431 0.61752   1.000 56.31000 ? 97  ASP A OD1 1 
ATOM   787  O OD2 . ASP A 1 99  ? 8.61146   -14.26555 0.09289   1.000 66.76000 ? 97  ASP A OD2 1 
ATOM   788  N N   . ILE A 1 100 ? 5.60739   -10.58521 2.51418   1.000 34.56000 ? 98  ILE A N   1 
ATOM   789  C CA  . ILE A 1 100 ? 5.33102   -9.48506  3.43227   1.000 31.00000 ? 98  ILE A CA  1 
ATOM   790  C C   . ILE A 1 100 ? 3.88430   -9.55898  3.90417   1.000 35.73000 ? 98  ILE A C   1 
ATOM   791  O O   . ILE A 1 100 ? 3.58834   -9.30273  5.07528   1.000 33.47000 ? 98  ILE A O   1 
ATOM   792  C CB  . ILE A 1 100 ? 5.65622   -8.14269  2.74749   1.000 39.78000 ? 98  ILE A CB  1 
ATOM   793  C CG1 . ILE A 1 100 ? 7.17259   -8.00344  2.52836   1.000 50.13000 ? 98  ILE A CG1 1 
ATOM   794  C CG2 . ILE A 1 100 ? 5.09635   -6.94183  3.50513   1.000 37.96000 ? 98  ILE A CG2 1 
ATOM   795  C CD1 . ILE A 1 100 ? 7.93567   -7.64510  3.75629   1.000 54.05000 ? 98  ILE A CD1 1 
ATOM   796  N N   . TYR A 1 101 ? 2.97102   -9.95487  3.00743   1.000 36.99000 ? 99  TYR A N   1 
ATOM   797  C CA  . TYR A 1 101 ? 1.54131   -10.00768 3.32853   1.000 29.94000 ? 99  TYR A CA  1 
ATOM   798  C C   . TYR A 1 101 ? 1.26641   -10.92822 4.49960   1.000 35.96000 ? 99  TYR A C   1 
ATOM   799  O O   . TYR A 1 101 ? 0.57194   -10.55383 5.45655   1.000 31.09000 ? 99  TYR A O   1 
ATOM   800  C CB  . TYR A 1 101 ? 0.75805   -10.49756 2.12180   1.000 30.06000 ? 99  TYR A CB  1 
ATOM   801  C CG  . TYR A 1 101 ? -0.73147  -10.61544 2.37511   1.000 24.68000 ? 99  TYR A CG  1 
ATOM   802  C CD1 . TYR A 1 101 ? -1.51830  -9.48231  2.43359   1.000 26.21000 ? 99  TYR A CD1 1 
ATOM   803  C CD2 . TYR A 1 101 ? -1.34617  -11.84311 2.50709   1.000 28.45000 ? 99  TYR A CD2 1 
ATOM   804  C CE1 . TYR A 1 101 ? -2.86887  -9.55320  2.62791   1.000 25.41000 ? 99  TYR A CE1 1 
ATOM   805  C CE2 . TYR A 1 101 ? -2.71712  -11.94200 2.70277   1.000 30.14000 ? 99  TYR A CE2 1 
ATOM   806  C CZ  . TYR A 1 101 ? -3.48211  -10.78333 2.76347   1.000 27.37000 ? 99  TYR A CZ  1 
ATOM   807  O OH  . TYR A 1 101 ? -4.85196  -10.84691 2.95782   1.000 26.23000 ? 99  TYR A OH  1 
ATOM   808  N N   . GLU A 1 102 ? 1.76965   -12.16429 4.41171   1.000 35.79000 ? 100 GLU A N   1 
ATOM   809  C CA  . GLU A 1 102 ? 1.51983   -13.15331 5.44032   1.000 42.43000 ? 100 GLU A CA  1 
ATOM   810  C C   . GLU A 1 102 ? 1.99602   -12.65844 6.79352   1.000 38.74000 ? 100 GLU A C   1 
ATOM   811  O O   . GLU A 1 102 ? 1.42557   -13.03024 7.81965   1.000 48.42000 ? 100 GLU A O   1 
ATOM   812  C CB  . GLU A 1 102 ? 2.22061   -14.46993 5.06325   1.000 52.42000 ? 100 GLU A CB  1 
ATOM   813  C CG  . GLU A 1 102 ? 1.46447   -15.73298 5.44642   1.000 71.73000 ? 100 GLU A CG  1 
ATOM   814  C CD  . GLU A 1 102 ? 0.20474   -15.95594 4.61614   1.000 84.62000 ? 100 GLU A CD  1 
ATOM   815  O OE1 . GLU A 1 102 ? 0.26489   -16.73623 3.63780   1.000 86.34000 ? 100 GLU A OE1 1 
ATOM   816  O OE2 . GLU A 1 102 ? -0.84868  -15.36780 4.95242   1.000 87.35000 ? 100 GLU A OE2 1 
ATOM   817  N N   . GLN A 1 103 ? 3.00216   -11.79481 6.81105   1.000 38.96000 ? 101 GLN A N   1 
ATOM   818  C CA  . GLN A 1 103 ? 3.56179   -11.25955 8.04096   1.000 44.89000 ? 101 GLN A CA  1 
ATOM   819  C C   . GLN A 1 103 ? 2.91423   -9.95597  8.50329   1.000 42.26000 ? 101 GLN A C   1 
ATOM   820  O O   . GLN A 1 103 ? 2.78175   -9.74559  9.71060   1.000 39.62000 ? 101 GLN A O   1 
ATOM   821  C CB  . GLN A 1 103 ? 5.06778   -11.05175 7.85361   1.000 56.84000 ? 101 GLN A CB  1 
ATOM   822  C CG  . GLN A 1 103 ? 5.78731   -10.59195 9.08576   1.000 73.07000 ? 101 GLN A CG  1 
ATOM   823  C CD  . GLN A 1 103 ? 5.72043   -11.62365 10.19343  1.000 87.13000 ? 101 GLN A CD  1 
ATOM   824  O OE1 . GLN A 1 103 ? 6.29506   -12.71000 10.08041  1.000 89.60000 ? 101 GLN A OE1 1 
ATOM   825  N NE2 . GLN A 1 103 ? 5.01183   -11.29349 11.27098  1.000 91.23000 ? 101 GLN A NE2 1 
ATOM   826  N N   . GLU A 1 104 ? 2.48498   -9.07620  7.59376   1.000 30.17000 ? 102 GLU A N   1 
ATOM   827  C CA  . GLU A 1 104 ? 2.11807   -7.71723  7.98476   1.000 30.28000 ? 102 GLU A CA  1 
ATOM   828  C C   . GLU A 1 104 ? 0.65981   -7.35311  7.72388   1.000 30.22000 ? 102 GLU A C   1 
ATOM   829  O O   . GLU A 1 104 ? 0.28031   -6.19828  7.96386   1.000 29.15000 ? 102 GLU A O   1 
ATOM   830  C CB  . GLU A 1 104 ? 3.00549   -6.70613  7.24904   1.000 31.43000 ? 102 GLU A CB  1 
ATOM   831  C CG  . GLU A 1 104 ? 4.48969   -6.95468  7.47849   1.000 33.69000 ? 102 GLU A CG  1 
ATOM   832  C CD  . GLU A 1 104 ? 4.93405   -6.51586  8.85448   1.000 46.54000 ? 102 GLU A CD  1 
ATOM   833  O OE1 . GLU A 1 104 ? 4.34296   -5.54853  9.38203   1.000 47.10000 ? 102 GLU A OE1 1 
ATOM   834  O OE2 . GLU A 1 104 ? 5.87423   -7.13429  9.40823   1.000 53.89000 ? 102 GLU A OE2 1 
ATOM   835  N N   . LYS A 1 105 ? -0.14801  -8.28128  7.22871   1.000 30.95000 ? 103 LYS A N   1 
ATOM   836  C CA  . LYS A 1 105 ? -1.53252  -7.96662  6.90044   1.000 28.99000 ? 103 LYS A CA  1 
ATOM   837  C C   . LYS A 1 105 ? -2.30216  -7.54297  8.14837   1.000 27.02000 ? 103 LYS A C   1 
ATOM   838  O O   . LYS A 1 105 ? -1.97219  -7.92688  9.28176   1.000 28.75000 ? 103 LYS A O   1 
ATOM   839  C CB  . LYS A 1 105 ? -2.20910  -9.17347  6.26201   1.000 29.01000 ? 103 LYS A CB  1 
ATOM   840  C CG  . LYS A 1 105 ? -2.34307  -10.39947 7.18563   1.000 33.35000 ? 103 LYS A CG  1 
ATOM   841  C CD  . LYS A 1 105 ? -2.73912  -11.65003 6.42182   1.000 40.12000 ? 103 LYS A CD  1 
ATOM   842  C CE  . LYS A 1 105 ? -2.88531  -12.82856 7.37018   1.000 50.39000 ? 103 LYS A CE  1 
ATOM   843  N NZ  . LYS A 1 105 ? -2.80820  -14.14740 6.65706   1.000 63.39000 ? 103 LYS A NZ  1 
ATOM   844  N N   . ASP A 1 106 ? -3.28579  -6.68465  7.91760   1.000 26.01000 ? 104 ASP A N   1 
ATOM   845  C CA  . ASP A 1 106 ? -4.23395  -6.21784  8.90739   1.000 30.41000 ? 104 ASP A CA  1 
ATOM   846  C C   . ASP A 1 106 ? -5.19846  -7.34197  9.27347   1.000 26.79000 ? 104 ASP A C   1 
ATOM   847  O O   . ASP A 1 106 ? -5.36908  -8.31440  8.53817   1.000 28.96000 ? 104 ASP A O   1 
ATOM   848  C CB  . ASP A 1 106 ? -5.00008  -5.02179  8.31753   1.000 31.00000 ? 104 ASP A CB  1 
ATOM   849  C CG  . ASP A 1 106 ? -5.75541  -4.25867  9.34931   1.000 30.72000 ? 104 ASP A CG  1 
ATOM   850  O OD1 . ASP A 1 106 ? -5.13274  -3.36991  9.96408   1.000 34.54000 ? 104 ASP A OD1 1 
ATOM   851  O OD2 . ASP A 1 106 ? -6.95740  -4.56107  9.54383   1.000 32.55000 ? 104 ASP A OD2 1 
ATOM   852  N N   . GLU A 1 107 ? -5.85689  -7.26471  10.42860  1.000 28.62000 ? 105 GLU A N   1 
ATOM   853  C CA  . GLU A 1 107 ? -6.88757  -8.22379  10.76187  1.000 29.48000 ? 105 GLU A CA  1 
ATOM   854  C C   . GLU A 1 107 ? -7.97300  -8.23540  9.66137   1.000 27.22000 ? 105 GLU A C   1 
ATOM   855  O O   . GLU A 1 107 ? -8.58570  -9.27868  9.43603   1.000 29.51000 ? 105 GLU A O   1 
ATOM   856  C CB  . GLU A 1 107 ? -7.51228  -7.89343  12.11845  1.000 36.02000 ? 105 GLU A CB  1 
ATOM   857  C CG  . GLU A 1 107 ? -6.54140  -7.97650  13.28467  1.000 47.15000 ? 105 GLU A CG  1 
ATOM   858  C CD  . GLU A 1 107 ? -5.89784  -9.34312  13.41074  1.000 72.41000 ? 105 GLU A CD  1 
ATOM   859  O OE1 . GLU A 1 107 ? -6.61356  -10.35512 13.25252  1.000 73.72000 ? 105 GLU A OE1 1 
ATOM   860  O OE2 . GLU A 1 107 ? -4.67784  -9.40543  13.66718  1.000 78.96000 ? 105 GLU A OE2 1 
ATOM   861  N N   . ASP A 1 108 ? -8.22860  -7.10999  8.97128   1.000 29.65000 ? 106 ASP A N   1 
ATOM   862  C CA  . ASP A 1 108 ? -9.25029  -7.16566  7.92261   1.000 27.51000 ? 106 ASP A CA  1 
ATOM   863  C C   . ASP A 1 108 ? -8.75972  -7.83346  6.63887   1.000 26.12000 ? 106 ASP A C   1 
ATOM   864  O O   . ASP A 1 108 ? -9.56332  -8.05212  5.73036   1.000 26.20000 ? 106 ASP A O   1 
ATOM   865  C CB  . ASP A 1 108 ? -9.82714  -5.76881  7.61361   1.000 24.40000 ? 106 ASP A CB  1 
ATOM   866  C CG  . ASP A 1 108 ? -8.84156  -4.83195  6.91144   1.000 32.84000 ? 106 ASP A CG  1 
ATOM   867  O OD1 . ASP A 1 108 ? -7.70954  -5.22936  6.56747   1.000 27.24000 ? 106 ASP A OD1 1 
ATOM   868  O OD2 . ASP A 1 108 ? -9.21104  -3.65765  6.72224   1.000 28.25000 ? 106 ASP A OD2 1 
ATOM   869  N N   . GLY A 1 109 ? -7.47731  -8.20589  6.55657   1.000 26.05000 ? 107 GLY A N   1 
ATOM   870  C CA  . GLY A 1 109 ? -6.95723  -8.87484  5.38569   1.000 22.11000 ? 107 GLY A CA  1 
ATOM   871  C C   . GLY A 1 109 ? -6.30353  -7.96130  4.36626   1.000 23.68000 ? 107 GLY A C   1 
ATOM   872  O O   . GLY A 1 109 ? -5.67016  -8.47484  3.43945   1.000 25.69000 ? 107 GLY A O   1 
ATOM   873  N N   . PHE A 1 110 ? -6.47336  -6.63973  4.47641   1.000 24.90000 ? 108 PHE A N   1 
ATOM   874  C CA  . PHE A 1 110 ? -5.72046  -5.74091  3.60920   1.000 23.84000 ? 108 PHE A CA  1 
ATOM   875  C C   . PHE A 1 110 ? -4.30391  -5.57431  4.13212   1.000 26.02000 ? 108 PHE A C   1 
ATOM   876  O O   . PHE A 1 110 ? -4.02614  -5.72283  5.32727   1.000 25.04000 ? 108 PHE A O   1 
ATOM   877  C CB  . PHE A 1 110 ? -6.33860  -4.33708  3.52597   1.000 21.48000 ? 108 PHE A CB  1 
ATOM   878  C CG  . PHE A 1 110 ? -7.50203  -4.23315  2.56847   1.000 22.71000 ? 108 PHE A CG  1 
ATOM   879  C CD1 . PHE A 1 110 ? -7.29871  -4.14131  1.19750   1.000 23.15000 ? 108 PHE A CD1 1 
ATOM   880  C CD2 . PHE A 1 110 ? -8.79490  -4.24648  3.05865   1.000 23.00000 ? 108 PHE A CD2 1 
ATOM   881  C CE1 . PHE A 1 110 ? -8.36892  -4.04829  0.33470   1.000 20.84000 ? 108 PHE A CE1 1 
ATOM   882  C CE2 . PHE A 1 110 ? -9.88395  -4.15483  2.19338   1.000 26.70000 ? 108 PHE A CE2 1 
ATOM   883  C CZ  . PHE A 1 110 ? -9.66910  -4.05658  0.83244   1.000 23.26000 ? 108 PHE A CZ  1 
ATOM   884  N N   . LEU A 1 111 ? -3.40536  -5.19066  3.23232   1.000 22.76000 ? 109 LEU A N   1 
ATOM   885  C CA  . LEU A 1 111 ? -2.07058  -4.76076  3.61559   1.000 24.56000 ? 109 LEU A CA  1 
ATOM   886  C C   . LEU A 1 111 ? -2.01475  -3.24206  3.48290   1.000 24.62000 ? 109 LEU A C   1 
ATOM   887  O O   . LEU A 1 111 ? -2.21389  -2.71390  2.38969   1.000 24.83000 ? 109 LEU A O   1 
ATOM   888  C CB  . LEU A 1 111 ? -1.02028  -5.41391  2.71897   1.000 24.60000 ? 109 LEU A CB  1 
ATOM   889  C CG  . LEU A 1 111 ? 0.43288   -5.03367  2.99027   1.000 25.63000 ? 109 LEU A CG  1 
ATOM   890  C CD1 . LEU A 1 111 ? 0.87094   -5.43582  4.39104   1.000 25.86000 ? 109 LEU A CD1 1 
ATOM   891  C CD2 . LEU A 1 111 ? 1.30905   -5.73197  1.94258   1.000 29.80000 ? 109 LEU A CD2 1 
ATOM   892  N N   . TYR A 1 112 ? -1.75375  -2.54841  4.58865   1.000 21.11000 ? 110 TYR A N   1 
ATOM   893  C CA  . TYR A 1 112 ? -1.80798  -1.08867  4.60667   1.000 23.45000 ? 110 TYR A CA  1 
ATOM   894  C C   . TYR A 1 112 ? -0.41242  -0.51358  4.45633   1.000 28.58000 ? 110 TYR A C   1 
ATOM   895  O O   . TYR A 1 112 ? 0.52568   -0.96142  5.12700   1.000 28.45000 ? 110 TYR A O   1 
ATOM   896  C CB  . TYR A 1 112 ? -2.42161  -0.56439  5.91543   1.000 21.35000 ? 110 TYR A CB  1 
ATOM   897  C CG  . TYR A 1 112 ? -3.91082  -0.78538  5.93524   1.000 23.82000 ? 110 TYR A CG  1 
ATOM   898  C CD1 . TYR A 1 112 ? -4.42983  -2.01354  6.31052   1.000 26.12000 ? 110 TYR A CD1 1 
ATOM   899  C CD2 . TYR A 1 112 ? -4.79466  0.20783   5.51515   1.000 24.09000 ? 110 TYR A CD2 1 
ATOM   900  C CE1 . TYR A 1 112 ? -5.79251  -2.25991  6.28701   1.000 24.14000 ? 110 TYR A CE1 1 
ATOM   901  C CE2 . TYR A 1 112 ? -6.16967  -0.02980  5.47362   1.000 25.25000 ? 110 TYR A CE2 1 
ATOM   902  C CZ  . TYR A 1 112 ? -6.65010  -1.26554  5.87377   1.000 24.74000 ? 110 TYR A CZ  1 
ATOM   903  O OH  . TYR A 1 112 ? -7.98814  -1.52791  5.84850   1.000 24.40000 ? 110 TYR A OH  1 
ATOM   904  N N   . MET A 1 113 ? -0.27966  0.48138   3.58284   1.000 22.53000 ? 111 MET A N   1 
ATOM   905  C CA  . MET A 1 113 ? 0.97801   1.19009   3.42438   1.000 22.74000 ? 111 MET A CA  1 
ATOM   906  C C   . MET A 1 113 ? 0.73911   2.68933   3.46270   1.000 24.88000 ? 111 MET A C   1 
ATOM   907  O O   . MET A 1 113 ? -0.35901  3.18039   3.17014   1.000 26.06000 ? 111 MET A O   1 
ATOM   908  C CB  . MET A 1 113 ? 1.66436   0.81751   2.12008   1.000 24.16000 ? 111 MET A CB  1 
ATOM   909  C CG  . MET A 1 113 ? 1.57510   -0.67880  1.83547   1.000 29.01000 ? 111 MET A CG  1 
ATOM   910  S SD  . MET A 1 113 ? 2.44048   -1.02488  0.29207   1.000 31.29000 ? 111 MET A SD  1 
ATOM   911  C CE  . MET A 1 113 ? 4.09667   -0.81822  0.79761   1.000 44.67000 ? 111 MET A CE  1 
ATOM   912  N N   . VAL A 1 114 ? 1.79591   3.40901   3.81146   1.000 26.43000 ? 112 VAL A N   1 
ATOM   913  C CA  . VAL A 1 114 ? 1.75896   4.86065   3.91770   1.000 27.89000 ? 112 VAL A CA  1 
ATOM   914  C C   . VAL A 1 114 ? 2.97343   5.41501   3.18541   1.000 30.33000 ? 112 VAL A C   1 
ATOM   915  O O   . VAL A 1 114 ? 4.06932   4.85365   3.27223   1.000 30.80000 ? 112 VAL A O   1 
ATOM   916  C CB  . VAL A 1 114 ? 1.75516   5.30718   5.39145   1.000 28.32000 ? 112 VAL A CB  1 
ATOM   917  C CG1 . VAL A 1 114 ? 1.88678   6.80394   5.48761   1.000 35.10000 ? 112 VAL A CG1 1 
ATOM   918  C CG2 . VAL A 1 114 ? 0.47090   4.83633   6.06460   1.000 34.01000 ? 112 VAL A CG2 1 
ATOM   919  N N   . TYR A 1 115 ? 2.78241   6.50083   2.44710   1.000 29.48000 ? 113 TYR A N   1 
ATOM   920  C CA  . TYR A 1 115 ? 3.90811   7.14405   1.78663   1.000 27.97000 ? 113 TYR A CA  1 
ATOM   921  C C   . TYR A 1 115 ? 4.07841   8.56636   2.30632   1.000 26.41000 ? 113 TYR A C   1 
ATOM   922  O O   . TYR A 1 115 ? 3.11415   9.22289   2.72305   1.000 32.16000 ? 113 TYR A O   1 
ATOM   923  C CB  . TYR A 1 115 ? 3.75882   7.12106   0.24841   1.000 30.09000 ? 113 TYR A CB  1 
ATOM   924  C CG  . TYR A 1 115 ? 2.67307   7.99173   -0.35006  1.000 30.49000 ? 113 TYR A CG  1 
ATOM   925  C CD1 . TYR A 1 115 ? 2.90262   9.33891   -0.63424  1.000 28.79000 ? 113 TYR A CD1 1 
ATOM   926  C CD2 . TYR A 1 115 ? 1.43099   7.45817   -0.67140  1.000 30.99000 ? 113 TYR A CD2 1 
ATOM   927  C CE1 . TYR A 1 115 ? 1.91699   10.12328  -1.19848  1.000 31.25000 ? 113 TYR A CE1 1 
ATOM   928  C CE2 . TYR A 1 115 ? 0.44404   8.22745   -1.23345  1.000 32.20000 ? 113 TYR A CE2 1 
ATOM   929  C CZ  . TYR A 1 115 ? 0.69366   9.56200   -1.50991  1.000 30.31000 ? 113 TYR A CZ  1 
ATOM   930  O OH  . TYR A 1 115 ? -0.29711  10.31958  -2.07314  1.000 40.21000 ? 113 TYR A OH  1 
ATOM   931  N N   . ALA A 1 116 ? 5.32599   9.02074   2.31073   1.000 30.29000 ? 114 ALA A N   1 
ATOM   932  C CA  . ALA A 1 116 ? 5.66849   10.30625  2.91509   1.000 34.44000 ? 114 ALA A CA  1 
ATOM   933  C C   . ALA A 1 116 ? 6.98937   10.77237  2.33576   1.000 36.51000 ? 114 ALA A C   1 
ATOM   934  O O   . ALA A 1 116 ? 7.72304   9.98828   1.74275   1.000 36.76000 ? 114 ALA A O   1 
ATOM   935  C CB  . ALA A 1 116 ? 5.77211   10.20033  4.43755   1.000 38.42000 ? 114 ALA A CB  1 
ATOM   936  N N   . SER A 1 117 ? 7.29110   12.05940  2.52490   1.000 42.10000 ? 115 SER A N   1 
ATOM   937  C CA  . SER A 1 117 ? 8.58778   12.59483  2.12035   1.000 46.09000 ? 115 SER A CA  1 
ATOM   938  C C   . SER A 1 117 ? 9.62941   12.47482  3.22509   1.000 45.83000 ? 115 SER A C   1 
ATOM   939  O O   . SER A 1 117 ? 10.72864  13.01298  3.08555   1.000 47.83000 ? 115 SER A O   1 
ATOM   940  C CB  . SER A 1 117 ? 8.45032   14.05205  1.67846   1.000 43.57000 ? 115 SER A CB  1 
ATOM   941  O OG  . SER A 1 117 ? 7.79655   14.81801  2.67052   1.000 45.19000 ? 115 SER A OG  1 
ATOM   942  N N   . GLN A 1 118 ? 9.30133   11.78126  4.31262   1.000 47.31000 ? 116 GLN A N   1 
ATOM   943  C CA  . GLN A 1 118 ? 10.20945  11.49211  5.41341   1.000 55.11000 ? 116 GLN A CA  1 
ATOM   944  C C   . GLN A 1 118 ? 10.07502  10.01689  5.76384   1.000 53.78000 ? 116 GLN A C   1 
ATOM   945  O O   . GLN A 1 118 ? 9.00724   9.42595   5.58201   1.000 51.32000 ? 116 GLN A O   1 
ATOM   946  C CB  . GLN A 1 118 ? 9.88447   12.34752  6.64598   1.000 64.20000 ? 116 GLN A CB  1 
ATOM   947  C CG  . GLN A 1 118 ? 8.45606   12.12248  7.14569   1.000 75.14000 ? 116 GLN A CG  1 
ATOM   948  C CD  . GLN A 1 118 ? 8.16285   12.77029  8.48746   1.000 83.97000 ? 116 GLN A CD  1 
ATOM   949  O OE1 . GLN A 1 118 ? 8.49614   12.22584  9.54022   1.000 88.81000 ? 116 GLN A OE1 1 
ATOM   950  N NE2 . GLN A 1 118 ? 7.52327   13.93516  8.45438   1.000 84.54000 ? 116 GLN A NE2 1 
ATOM   951  N N   . GLU A 1 119 ? 11.16166  9.41078   6.24402   1.000 52.03000 ? 117 GLU A N   1 
ATOM   952  C CA  . GLU A 1 119 ? 11.09390  8.02563   6.69478   1.000 59.57000 ? 117 GLU A CA  1 
ATOM   953  C C   . GLU A 1 119 ? 11.05961  7.90786   8.21225   1.000 69.43000 ? 117 GLU A C   1 
ATOM   954  O O   . GLU A 1 119 ? 10.98678  6.78748   8.72715   1.000 69.19000 ? 117 GLU A O   1 
ATOM   955  C CB  . GLU A 1 119 ? 12.25714  7.19790   6.11425   1.000 57.50000 ? 117 GLU A CB  1 
ATOM   956  C CG  . GLU A 1 119 ? 13.63305  7.47934   6.66728   1.000 59.64000 ? 117 GLU A CG  1 
ATOM   957  C CD  . GLU A 1 119 ? 14.73051  6.67672   5.95961   1.000 58.96000 ? 117 GLU A CD  1 
ATOM   958  O OE1 . GLU A 1 119 ? 15.83394  7.22218   5.75578   1.000 57.88000 ? 117 GLU A OE1 1 
ATOM   959  O OE2 . GLU A 1 119 ? 14.50579  5.49978   5.61641   1.000 56.67000 ? 117 GLU A OE2 1 
ATOM   960  N N   . THR A 1 120 ? 11.07796  9.04102   8.92118   1.000 73.64000 ? 118 THR A N   1 
ATOM   961  C CA  . THR A 1 120 ? 10.95188  9.14868   10.38124  1.000 74.66000 ? 118 THR A CA  1 
ATOM   962  C C   . THR A 1 120 ? 11.57644  7.99629   11.16466  1.000 73.65000 ? 118 THR A C   1 
ATOM   963  O O   . THR A 1 120 ? 12.79121  7.80267   11.13417  1.000 73.66000 ? 118 THR A O   1 
ATOM   964  C CB  . THR A 1 120 ? 9.47063   9.28115   10.79897  1.000 75.04000 ? 118 THR A CB  1 
ATOM   965  O OG1 . THR A 1 120 ? 9.39497   9.67844   12.17239  1.000 79.41000 ? 118 THR A OG1 1 
ATOM   966  C CG2 . THR A 1 120 ? 8.73140   7.96332   10.62931  1.000 78.14000 ? 118 THR A CG2 1 
HETATM 967  C C4  . 2LZ B 2 .   ? 0.30527   -3.84900  -10.25436 1.000 49.15000 ? 201 2LZ A C4  1 
HETATM 968  C C5  . 2LZ B 2 .   ? -0.29671  -4.45789  -11.35755 1.000 47.21000 ? 201 2LZ A C5  1 
HETATM 969  C C6  . 2LZ B 2 .   ? 0.42965   -5.31045  -12.15634 1.000 46.36000 ? 201 2LZ A C6  1 
HETATM 970  C C8  . 2LZ B 2 .   ? -0.16853  -2.91431  -9.22589  1.000 41.10000 ? 201 2LZ A C8  1 
HETATM 971  C C9  . 2LZ B 2 .   ? 0.87970   -2.67989  -8.42218  1.000 41.47000 ? 201 2LZ A C9  1 
HETATM 972  C C12 . 2LZ B 2 .   ? -1.55053  -2.30422  -9.13999  1.000 48.73000 ? 201 2LZ A C12 1 
HETATM 973  C C13 . 2LZ B 2 .   ? -1.55563  -1.00270  -9.94946  1.000 58.34000 ? 201 2LZ A C13 1 
HETATM 974  C C3  . 2LZ B 2 .   ? 1.66479   -4.11555  -9.97333  1.000 38.69000 ? 201 2LZ A C3  1 
HETATM 975  C C1  . 2LZ B 2 .   ? 1.77821   -5.56571  -11.90191 1.000 35.65000 ? 201 2LZ A C1  1 
HETATM 976  C C2  . 2LZ B 2 .   ? 2.37656   -4.98114  -10.80081 1.000 35.06000 ? 201 2LZ A C2  1 
HETATM 977  F F7  . 2LZ B 2 .   ? -0.18586  -5.87404  -13.21396 1.000 54.44000 ? 201 2LZ A F7  1 
HETATM 978  N N10 . 2LZ B 2 .   ? 1.98013   -3.38865  -8.84706  0.530 38.51000 ? 201 2LZ A N10 1 
HETATM 979  O O14 . 2LZ B 2 .   ? -2.50030  -0.68293  -10.65236 1.000 54.57000 ? 201 2LZ A O14 1 
HETATM 980  O O15 . 2LZ B 2 .   ? -0.49176  -0.16829  -9.89342  1.000 59.91000 ? 201 2LZ A O15 1 
HETATM 981  O O   . HOH C 3 .   ? -18.94318 0.16901   5.30761   1.000 38.51000 ? 301 HOH A O   1 
HETATM 982  O O   . HOH C 3 .   ? 12.46662  8.65379   -4.28607  1.000 52.69000 ? 302 HOH A O   1 
HETATM 983  O O   . HOH C 3 .   ? -17.96554 -12.61956 1.95878   1.000 49.82000 ? 303 HOH A O   1 
HETATM 984  O O   . HOH C 3 .   ? 12.25308  5.41808   -0.82931  1.000 37.41000 ? 304 HOH A O   1 
HETATM 985  O O   . HOH C 3 .   ? -13.51766 1.20339   10.48469  1.000 30.37000 ? 305 HOH A O   1 
HETATM 986  O O   . HOH C 3 .   ? 7.81899   10.23139  -10.40096 1.000 47.21000 ? 306 HOH A O   1 
HETATM 987  O O   . HOH C 3 .   ? -8.83348  -3.25848  10.71375  1.000 34.48000 ? 307 HOH A O   1 
HETATM 988  O O   . HOH C 3 .   ? 14.12118  -0.72796  2.97479   1.000 46.21000 ? 308 HOH A O   1 
HETATM 989  O O   . HOH C 3 .   ? 13.29953  -3.57407  -6.95836  1.000 51.23000 ? 309 HOH A O   1 
HETATM 990  O O   . HOH C 3 .   ? 12.45004  -1.91427  6.30282   1.000 44.31000 ? 310 HOH A O   1 
HETATM 991  O O   . HOH C 3 .   ? -17.40995 4.07810   -1.97198  1.000 48.12000 ? 311 HOH A O   1 
HETATM 992  O O   . HOH C 3 .   ? -8.99797  -11.26829 11.14444  1.000 48.91000 ? 312 HOH A O   1 
HETATM 993  O O   . HOH C 3 .   ? -0.36057  -9.65494  10.54680  1.000 44.14000 ? 313 HOH A O   1 
HETATM 994  O O   . HOH C 3 .   ? 1.42810   0.71412   7.22141   1.000 38.63000 ? 314 HOH A O   1 
HETATM 995  O O   . HOH C 3 .   ? 6.35192   9.44670   -13.50185 1.000 40.28000 ? 315 HOH A O   1 
HETATM 996  O O   . HOH C 3 .   ? -6.63299  -12.11542 -3.37995  1.000 29.28000 ? 316 HOH A O   1 
HETATM 997  O O   . HOH C 3 .   ? 0.50006   -17.63276 1.08391   1.000 42.52000 ? 317 HOH A O   1 
HETATM 998  O O   . HOH C 3 .   ? -20.85811 -3.25824  8.57195   1.000 43.46000 ? 318 HOH A O   1 
HETATM 999  O O   . HOH C 3 .   ? -5.38182  -14.58315 -2.41632  1.000 32.77000 ? 319 HOH A O   1 
HETATM 1000 O O   . HOH C 3 .   ? -14.32770 9.97748   9.45887   1.000 51.92000 ? 320 HOH A O   1 
HETATM 1001 O O   . HOH C 3 .   ? 12.29761  1.65936   7.98306   1.000 47.69000 ? 321 HOH A O   1 
HETATM 1002 O O   . HOH C 3 .   ? 10.95176  4.62000   -12.81511 1.000 42.04000 ? 322 HOH A O   1 
HETATM 1003 O O   . HOH C 3 .   ? 12.97459  0.57448   -4.58023  1.000 34.59000 ? 323 HOH A O   1 
HETATM 1004 O O   . HOH C 3 .   ? 0.73122   2.48425   -11.26464 1.000 32.85000 ? 324 HOH A O   1 
HETATM 1005 O O   . HOH C 3 .   ? -7.10558  3.55587   6.41210   1.000 31.66000 ? 325 HOH A O   1 
HETATM 1006 O O   . HOH C 3 .   ? -2.32691  13.10692  3.82798   1.000 52.95000 ? 326 HOH A O   1 
HETATM 1007 O O   . HOH C 3 .   ? -5.20839  -2.28563  -8.58637  1.000 40.45000 ? 327 HOH A O   1 
HETATM 1008 O O   . HOH C 3 .   ? -5.68709  -13.17859 -9.72522  1.000 36.13000 ? 328 HOH A O   1 
HETATM 1009 O O   . HOH C 3 .   ? -16.18561 -1.24635  11.84382  1.000 30.49000 ? 329 HOH A O   1 
HETATM 1010 O O   . HOH C 3 .   ? -2.39769  -2.83519  9.34336   1.000 37.20000 ? 330 HOH A O   1 
HETATM 1011 O O   . HOH C 3 .   ? -2.65601  3.00518   4.86666   1.000 32.97000 ? 331 HOH A O   1 
HETATM 1012 O O   . HOH C 3 .   ? -5.29945  -4.83309  12.42948  1.000 40.71000 ? 332 HOH A O   1 
HETATM 1013 O O   . HOH C 3 .   ? 3.06393   3.76616   -11.80410 1.000 27.72000 ? 333 HOH A O   1 
HETATM 1014 O O   . HOH C 3 .   ? 9.13225   -7.55908  -8.78058  1.000 35.78000 ? 334 HOH A O   1 
HETATM 1015 O O   . HOH C 3 .   ? -17.48295 -4.98195  0.94138   1.000 43.44000 ? 335 HOH A O   1 
HETATM 1016 O O   . HOH C 3 .   ? -1.33505  -3.89803  7.10849   1.000 27.92000 ? 336 HOH A O   1 
HETATM 1017 O O   . HOH C 3 .   ? -5.73226  -11.18865 8.45509   1.000 49.82000 ? 337 HOH A O   1 
HETATM 1018 O O   . HOH C 3 .   ? -18.13314 -4.09292  11.04867  1.000 39.52000 ? 338 HOH A O   1 
HETATM 1019 O O   . HOH C 3 .   ? -12.83784 -8.32728  -6.59898  1.000 44.06000 ? 339 HOH A O   1 
HETATM 1020 O O   . HOH C 3 .   ? -17.37379 -11.32201 0.12410   1.000 42.54000 ? 340 HOH A O   1 
HETATM 1021 O O   . HOH C 3 .   ? 3.40845   2.74718   7.84735   1.000 37.09000 ? 341 HOH A O   1 
HETATM 1022 O O   . HOH C 3 .   ? -11.33748 -1.70731  12.51034  1.000 38.97000 ? 342 HOH A O   1 
HETATM 1023 O O   . HOH C 3 .   ? -8.88984  3.42622   -4.89982  1.000 44.20000 ? 343 HOH A O   1 
HETATM 1024 O O   . HOH C 3 .   ? -5.96476  -12.20309 0.58986   1.000 35.40000 ? 344 HOH A O   1 
HETATM 1025 O O   . HOH C 3 .   ? -7.75094  -10.88718 -1.02455  1.000 30.94000 ? 345 HOH A O   1 
HETATM 1026 O O   . HOH C 3 .   ? -17.20153 -9.60832  7.16956   1.000 44.24000 ? 346 HOH A O   1 
HETATM 1027 O O   . HOH C 3 .   ? 10.68887  3.47356   0.88082   1.000 34.78000 ? 347 HOH A O   1 
HETATM 1028 O O   . HOH C 3 .   ? -16.88337 -2.21948  0.34190   1.000 52.51000 ? 348 HOH A O   1 
HETATM 1029 O O   . HOH C 3 .   ? -16.81996 6.63167   10.03728  1.000 54.04000 ? 349 HOH A O   1 
HETATM 1030 O O   . HOH C 3 .   ? -4.23607  9.35130   0.67064   1.000 41.12000 ? 350 HOH A O   1 
HETATM 1031 O O   . HOH C 3 .   ? 4.10799   -15.97183 -6.62706  1.000 46.67000 ? 351 HOH A O   1 
HETATM 1032 O O   . HOH C 3 .   ? 13.83154  9.13177   -1.20509  1.000 44.82000 ? 352 HOH A O   1 
HETATM 1033 O O   . HOH C 3 .   ? 6.01855   16.79130  5.05325   1.000 55.26000 ? 353 HOH A O   1 
HETATM 1034 O O   . HOH C 3 .   ? -8.71949  5.44676   10.76711  1.000 44.83000 ? 354 HOH A O   1 
HETATM 1035 O O   . HOH C 3 .   ? -10.04914 -11.29755 5.81961   1.000 46.96000 ? 355 HOH A O   1 
HETATM 1036 O O   . HOH C 3 .   ? -18.33982 -8.45473  -1.44487  1.000 53.26000 ? 356 HOH A O   1 
HETATM 1037 O O   . HOH C 3 .   ? -6.72670  6.23166   -10.70390 1.000 53.43000 ? 357 HOH A O   1 
HETATM 1038 O O   . HOH C 3 .   ? 12.19229  5.74564   -3.58353  1.000 46.29000 ? 358 HOH A O   1 
HETATM 1039 O O   . HOH C 3 .   ? -7.12625  -12.11143 -11.78714 1.000 51.44000 ? 359 HOH A O   1 
HETATM 1040 O O   . HOH C 3 .   ? 14.18790  7.16232   -8.42192  1.000 65.87000 ? 360 HOH A O   1 
HETATM 1041 O O   . HOH C 3 .   ? -2.68738  3.04017   7.32295   1.000 43.02000 ? 361 HOH A O   1 
HETATM 1042 O O   . HOH C 3 .   ? 3.16377   -18.56056 1.32951   1.000 56.33000 ? 362 HOH A O   1 
HETATM 1043 O O   . HOH C 3 .   ? -18.66817 2.05385   10.11068  1.000 45.54000 ? 363 HOH A O   1 
HETATM 1044 O O   . HOH C 3 .   ? -0.55303  1.77093   8.34406   1.000 48.49000 ? 364 HOH A O   1 
HETATM 1045 O O   . HOH C 3 .   ? 15.00271  5.69139   0.28986   1.000 55.92000 ? 365 HOH A O   1 
HETATM 1046 O O   . HOH C 3 .   ? -9.54281  3.72833   11.98283  1.000 36.83000 ? 366 HOH A O   1 
HETATM 1047 O O   . HOH C 3 .   ? -15.80242 -9.83265  9.73573   1.000 46.64000 ? 367 HOH A O   1 
HETATM 1048 O O   . HOH C 3 .   ? 9.74708   -6.51453  6.18694   1.000 64.35000 ? 368 HOH A O   1 
HETATM 1049 O O   . HOH C 3 .   ? -20.04694 -7.07779  0.35632   1.000 56.84000 ? 369 HOH A O   1 
# 
loop_
_pdbx_poly_seq_scheme.asym_id 
_pdbx_poly_seq_scheme.entity_id 
_pdbx_poly_seq_scheme.seq_id 
_pdbx_poly_seq_scheme.mon_id 
_pdbx_poly_seq_scheme.ndb_seq_num 
_pdbx_poly_seq_scheme.pdb_seq_num 
_pdbx_poly_seq_scheme.auth_seq_num 
_pdbx_poly_seq_scheme.pdb_mon_id 
_pdbx_poly_seq_scheme.auth_mon_id 
_pdbx_poly_seq_scheme.pdb_strand_id 
_pdbx_poly_seq_scheme.pdb_ins_code 
_pdbx_poly_seq_scheme.hetero 
A 1 1   GLY 1   -1  ?   ?   ?   A . n 
A 1 2   SER 2   0   ?   ?   ?   A . n 
A 1 3   MET 3   1   ?   ?   ?   A . n 
A 1 4   PRO 4   2   ?   ?   ?   A . n 
A 1 5   SER 5   3   ?   ?   ?   A . n 
A 1 6   ASP 6   4   4   ASP ASP A . n 
A 1 7   ARG 7   5   5   ARG ARG A . n 
A 1 8   PRO 8   6   6   PRO PRO A . n 
A 1 9   PHE 9   7   7   PHE PHE A . n 
A 1 10  LYS 10  8   8   LYS LYS A . n 
A 1 11  GLN 11  9   9   GLN GLN A . n 
A 1 12  ARG 12  10  10  ARG ARG A . n 
A 1 13  ARG 13  11  11  ARG ARG A . n 
A 1 14  SER 14  12  12  SER SER A . n 
A 1 15  PHE 15  13  13  PHE PHE A . n 
A 1 16  ALA 16  14  14  ALA ALA A . n 
A 1 17  ASP 17  15  15  ASP ASP A . n 
A 1 18  ARG 18  16  16  ARG ARG A . n 
A 1 19  CYS 19  17  17  CYS CYS A . n 
A 1 20  LYS 20  18  18  LYS LYS A . n 
A 1 21  GLU 21  19  19  GLU GLU A . n 
A 1 22  VAL 22  20  20  VAL VAL A . n 
A 1 23  GLN 23  21  21  GLN GLN A . n 
A 1 24  GLN 24  22  22  GLN GLN A . n 
A 1 25  ILE 25  23  23  ILE ILE A . n 
A 1 26  ARG 26  24  24  ARG ARG A . n 
A 1 27  ASP 27  25  25  ASP ASP A . n 
A 1 28  GLN 28  26  26  GLN GLN A . n 
A 1 29  HIS 29  27  27  HIS HIS A . n 
A 1 30  PRO 30  28  28  PRO PRO A . n 
A 1 31  SER 31  29  29  SER SER A . n 
A 1 32  LYS 32  30  30  LYS LYS A . n 
A 1 33  ILE 33  31  31  ILE ILE A . n 
A 1 34  PRO 34  32  32  PRO PRO A . n 
A 1 35  VAL 35  33  33  VAL VAL A . n 
A 1 36  ILE 36  34  34  ILE ILE A . n 
A 1 37  ILE 37  35  35  ILE ILE A . n 
A 1 38  GLU 38  36  36  GLU GLU A . n 
A 1 39  ARG 39  37  37  ARG ARG A . n 
A 1 40  TYR 40  38  38  TYR TYR A . n 
A 1 41  LYS 41  39  39  LYS LYS A . n 
A 1 42  GLY 42  40  40  GLY GLY A . n 
A 1 43  GLU 43  41  41  GLU GLU A . n 
A 1 44  LYS 44  42  42  LYS LYS A . n 
A 1 45  GLN 45  43  43  GLN GLN A . n 
A 1 46  LEU 46  44  44  LEU LEU A . n 
A 1 47  PRO 47  45  45  PRO PRO A . n 
A 1 48  VAL 48  46  46  VAL VAL A . n 
A 1 49  LEU 49  47  47  LEU LEU A . n 
A 1 50  ASP 50  48  48  ASP ASP A . n 
A 1 51  LYS 51  49  49  LYS LYS A . n 
A 1 52  THR 52  50  50  THR THR A . n 
A 1 53  LYS 53  51  51  LYS LYS A . n 
A 1 54  PHE 54  52  52  PHE PHE A . n 
A 1 55  LEU 55  53  53  LEU LEU A . n 
A 1 56  VAL 56  54  54  VAL VAL A . n 
A 1 57  PRO 57  55  55  PRO PRO A . n 
A 1 58  ASP 58  56  56  ASP ASP A . n 
A 1 59  HIS 59  57  57  HIS HIS A . n 
A 1 60  VAL 60  58  58  VAL VAL A . n 
A 1 61  ASN 61  59  59  ASN ASN A . n 
A 1 62  MET 62  60  60  MET MET A . n 
A 1 63  SER 63  61  61  SER SER A . n 
A 1 64  GLU 64  62  62  GLU GLU A . n 
A 1 65  LEU 65  63  63  LEU LEU A . n 
A 1 66  VAL 66  64  64  VAL VAL A . n 
A 1 67  LYS 67  65  65  LYS LYS A . n 
A 1 68  ILE 68  66  66  ILE ILE A . n 
A 1 69  ILE 69  67  67  ILE ILE A . n 
A 1 70  ARG 70  68  68  ARG ARG A . n 
A 1 71  ARG 71  69  69  ARG ARG A . n 
A 1 72  ARG 72  70  70  ARG ARG A . n 
A 1 73  LEU 73  71  71  LEU LEU A . n 
A 1 74  GLN 74  72  72  GLN GLN A . n 
A 1 75  LEU 75  73  73  LEU LEU A . n 
A 1 76  ASN 76  74  74  ASN ASN A . n 
A 1 77  PRO 77  75  75  PRO PRO A . n 
A 1 78  THR 78  76  76  THR THR A . n 
A 1 79  GLN 79  77  77  GLN GLN A . n 
A 1 80  ALA 80  78  78  ALA ALA A . n 
A 1 81  PHE 81  79  79  PHE PHE A . n 
A 1 82  PHE 82  80  80  PHE PHE A . n 
A 1 83  LEU 83  81  81  LEU LEU A . n 
A 1 84  LEU 84  82  82  LEU LEU A . n 
A 1 85  VAL 85  83  83  VAL VAL A . n 
A 1 86  ASN 86  84  84  ASN ASN A . n 
A 1 87  GLN 87  85  85  GLN GLN A . n 
A 1 88  HIS 88  86  86  HIS HIS A . n 
A 1 89  SER 89  87  87  SER SER A . n 
A 1 90  MET 90  88  88  MET MET A . n 
A 1 91  VAL 91  89  89  VAL VAL A . n 
A 1 92  SER 92  90  90  SER SER A . n 
A 1 93  VAL 93  91  91  VAL VAL A . n 
A 1 94  SER 94  92  92  SER SER A . n 
A 1 95  THR 95  93  93  THR THR A . n 
A 1 96  PRO 96  94  94  PRO PRO A . n 
A 1 97  ILE 97  95  95  ILE ILE A . n 
A 1 98  ALA 98  96  96  ALA ALA A . n 
A 1 99  ASP 99  97  97  ASP ASP A . n 
A 1 100 ILE 100 98  98  ILE ILE A . n 
A 1 101 TYR 101 99  99  TYR TYR A . n 
A 1 102 GLU 102 100 100 GLU GLU A . n 
A 1 103 GLN 103 101 101 GLN GLN A . n 
A 1 104 GLU 104 102 102 GLU GLU A . n 
A 1 105 LYS 105 103 103 LYS LYS A . n 
A 1 106 ASP 106 104 104 ASP ASP A . n 
A 1 107 GLU 107 105 105 GLU GLU A . n 
A 1 108 ASP 108 106 106 ASP ASP A . n 
A 1 109 GLY 109 107 107 GLY GLY A . n 
A 1 110 PHE 110 108 108 PHE PHE A . n 
A 1 111 LEU 111 109 109 LEU LEU A . n 
A 1 112 TYR 112 110 110 TYR TYR A . n 
A 1 113 MET 113 111 111 MET MET A . n 
A 1 114 VAL 114 112 112 VAL VAL A . n 
A 1 115 TYR 115 113 113 TYR TYR A . n 
A 1 116 ALA 116 114 114 ALA ALA A . n 
A 1 117 SER 117 115 115 SER SER A . n 
A 1 118 GLN 118 116 116 GLN GLN A . n 
A 1 119 GLU 119 117 117 GLU GLU A . n 
A 1 120 THR 120 118 118 THR THR A . n 
A 1 121 PHE 121 119 ?   ?   ?   A . n 
A 1 122 GLY 122 120 ?   ?   ?   A . n 
# 
loop_
_pdbx_nonpoly_scheme.asym_id 
_pdbx_nonpoly_scheme.entity_id 
_pdbx_nonpoly_scheme.mon_id 
_pdbx_nonpoly_scheme.ndb_seq_num 
_pdbx_nonpoly_scheme.pdb_seq_num 
_pdbx_nonpoly_scheme.auth_seq_num 
_pdbx_nonpoly_scheme.pdb_mon_id 
_pdbx_nonpoly_scheme.auth_mon_id 
_pdbx_nonpoly_scheme.pdb_strand_id 
_pdbx_nonpoly_scheme.pdb_ins_code 
B 2 2LZ 1  201 1  2LZ DRG A . 
C 3 HOH 1  301 7  HOH HOH A . 
C 3 HOH 2  302 62 HOH HOH A . 
C 3 HOH 3  303 51 HOH HOH A . 
C 3 HOH 4  304 11 HOH HOH A . 
C 3 HOH 5  305 3  HOH HOH A . 
C 3 HOH 6  306 61 HOH HOH A . 
C 3 HOH 7  307 2  HOH HOH A . 
C 3 HOH 8  308 28 HOH HOH A . 
C 3 HOH 9  309 38 HOH HOH A . 
C 3 HOH 10 310 66 HOH HOH A . 
C 3 HOH 11 311 14 HOH HOH A . 
C 3 HOH 12 312 63 HOH HOH A . 
C 3 HOH 13 313 32 HOH HOH A . 
C 3 HOH 14 314 10 HOH HOH A . 
C 3 HOH 15 315 24 HOH HOH A . 
C 3 HOH 16 316 6  HOH HOH A . 
C 3 HOH 17 317 16 HOH HOH A . 
C 3 HOH 18 318 18 HOH HOH A . 
C 3 HOH 19 319 20 HOH HOH A . 
C 3 HOH 20 320 57 HOH HOH A . 
C 3 HOH 21 321 33 HOH HOH A . 
C 3 HOH 22 322 69 HOH HOH A . 
C 3 HOH 23 323 25 HOH HOH A . 
C 3 HOH 24 324 15 HOH HOH A . 
C 3 HOH 25 325 8  HOH HOH A . 
C 3 HOH 26 326 50 HOH HOH A . 
C 3 HOH 27 327 22 HOH HOH A . 
C 3 HOH 28 328 45 HOH HOH A . 
C 3 HOH 29 329 4  HOH HOH A . 
C 3 HOH 30 330 26 HOH HOH A . 
C 3 HOH 31 331 13 HOH HOH A . 
C 3 HOH 32 332 9  HOH HOH A . 
C 3 HOH 33 333 5  HOH HOH A . 
C 3 HOH 34 334 43 HOH HOH A . 
C 3 HOH 35 335 42 HOH HOH A . 
C 3 HOH 36 336 1  HOH HOH A . 
C 3 HOH 37 337 54 HOH HOH A . 
C 3 HOH 38 338 27 HOH HOH A . 
C 3 HOH 39 339 34 HOH HOH A . 
C 3 HOH 40 340 48 HOH HOH A . 
C 3 HOH 41 341 29 HOH HOH A . 
C 3 HOH 42 342 12 HOH HOH A . 
C 3 HOH 43 343 19 HOH HOH A . 
C 3 HOH 44 344 17 HOH HOH A . 
C 3 HOH 45 345 21 HOH HOH A . 
C 3 HOH 46 346 39 HOH HOH A . 
C 3 HOH 47 347 44 HOH HOH A . 
C 3 HOH 48 348 40 HOH HOH A . 
C 3 HOH 49 349 55 HOH HOH A . 
C 3 HOH 50 350 35 HOH HOH A . 
C 3 HOH 51 351 59 HOH HOH A . 
C 3 HOH 52 352 30 HOH HOH A . 
C 3 HOH 53 353 64 HOH HOH A . 
C 3 HOH 54 354 60 HOH HOH A . 
C 3 HOH 55 355 67 HOH HOH A . 
C 3 HOH 56 356 58 HOH HOH A . 
C 3 HOH 57 357 56 HOH HOH A . 
C 3 HOH 58 358 37 HOH HOH A . 
C 3 HOH 59 359 52 HOH HOH A . 
C 3 HOH 60 360 47 HOH HOH A . 
C 3 HOH 61 361 41 HOH HOH A . 
C 3 HOH 62 362 31 HOH HOH A . 
C 3 HOH 63 363 46 HOH HOH A . 
C 3 HOH 64 364 53 HOH HOH A . 
C 3 HOH 65 365 49 HOH HOH A . 
C 3 HOH 66 366 23 HOH HOH A . 
C 3 HOH 67 367 36 HOH HOH A . 
C 3 HOH 68 368 65 HOH HOH A . 
C 3 HOH 69 369 68 HOH HOH A . 
# 
_pdbx_struct_assembly.id                   1 
_pdbx_struct_assembly.details              author_and_software_defined_assembly 
_pdbx_struct_assembly.method_details       PISA 
_pdbx_struct_assembly.oligomeric_details   monomeric 
_pdbx_struct_assembly.oligomeric_count     1 
# 
_pdbx_struct_assembly_gen.assembly_id       1 
_pdbx_struct_assembly_gen.oper_expression   1 
_pdbx_struct_assembly_gen.asym_id_list      A,B,C 
# 
_pdbx_struct_oper_list.id                   1 
_pdbx_struct_oper_list.type                 'identity operation' 
_pdbx_struct_oper_list.name                 1_555 
_pdbx_struct_oper_list.symmetry_operation   x,y,z 
_pdbx_struct_oper_list.matrix[1][1]         1.0000000000 
_pdbx_struct_oper_list.matrix[1][2]         0.0000000000 
_pdbx_struct_oper_list.matrix[1][3]         0.0000000000 
_pdbx_struct_oper_list.vector[1]            0.0000000000 
_pdbx_struct_oper_list.matrix[2][1]         0.0000000000 
_pdbx_struct_oper_list.matrix[2][2]         1.0000000000 
_pdbx_struct_oper_list.matrix[2][3]         0.0000000000 
_pdbx_struct_oper_list.vector[2]            0.0000000000 
_pdbx_struct_oper_list.matrix[3][1]         0.0000000000 
_pdbx_struct_oper_list.matrix[3][2]         0.0000000000 
_pdbx_struct_oper_list.matrix[3][3]         1.0000000000 
_pdbx_struct_oper_list.vector[3]            0.0000000000 
# 
loop_
_pdbx_audit_revision_history.ordinal 
_pdbx_audit_revision_history.data_content_type 
_pdbx_audit_revision_history.major_revision 
_pdbx_audit_revision_history.minor_revision 
_pdbx_audit_revision_history.revision_date 
1 'Structure model' 1 0 2022-01-12 
2 'Structure model' 1 1 2023-02-15 
3 'Structure model' 1 2 2023-10-25 
# 
_pdbx_audit_revision_details.ordinal             1 
_pdbx_audit_revision_details.revision_ordinal    1 
_pdbx_audit_revision_details.data_content_type   'Structure model' 
_pdbx_audit_revision_details.provider            repository 
_pdbx_audit_revision_details.type                'Initial release' 
_pdbx_audit_revision_details.description         ? 
_pdbx_audit_revision_details.details             ? 
# 
loop_
_pdbx_audit_revision_group.ordinal 
_pdbx_audit_revision_group.revision_ordinal 
_pdbx_audit_revision_group.data_content_type 
_pdbx_audit_revision_group.group 
1 2 'Structure model' 'Database references'    
2 3 'Structure model' 'Data collection'        
3 3 'Structure model' 'Refinement description' 
# 
loop_
_pdbx_audit_revision_category.ordinal 
_pdbx_audit_revision_category.revision_ordinal 
_pdbx_audit_revision_category.data_content_type 
_pdbx_audit_revision_category.category 
1 2 'Structure model' citation                      
2 3 'Structure model' chem_comp_atom                
3 3 'Structure model' chem_comp_bond                
4 3 'Structure model' pdbx_initial_refinement_model 
# 
loop_
_pdbx_audit_revision_item.ordinal 
_pdbx_audit_revision_item.revision_ordinal 
_pdbx_audit_revision_item.data_content_type 
_pdbx_audit_revision_item.item 
1 2 'Structure model' '_citation.journal_volume' 
2 2 'Structure model' '_citation.page_first'     
3 2 'Structure model' '_citation.page_last'      
4 2 'Structure model' '_citation.year'           
# 
loop_
_space_group_symop.id 
_space_group_symop.operation_xyz 
1 x,y,z               
2 -y+1/2,x,z+3/4      
3 y+1/2,-x,z+3/4      
4 -x,-y,z             
5 x+1/2,y+1/2,z+1/2   
6 -y+1,x+1/2,z+5/4    
7 y+1,-x+1/2,z+5/4    
8 -x+1/2,-y+1/2,z+1/2 
# 
loop_
_software.citation_id 
_software.classification 
_software.compiler_name 
_software.compiler_version 
_software.contact_author 
_software.contact_author_email 
_software.date 
_software.description 
_software.dependencies 
_software.hardware 
_software.language 
_software.location 
_software.mods 
_software.name 
_software.os 
_software.os_version 
_software.type 
_software.version 
_software.pdbx_ordinal 
? refinement       ? ? ? ? ? ? ? ? ? ? ? PHENIX  ? ? ? 1.18.2_3874 1 
? 'data reduction' ? ? ? ? ? ? ? ? ? ? ? XDS     ? ? ? .           2 
? 'data scaling'   ? ? ? ? ? ? ? ? ? ? ? Aimless ? ? ? .           3 
? phasing          ? ? ? ? ? ? ? ? ? ? ? PHASER  ? ? ? .           4 
# 
_pdbx_entry_details.entry_id                 7R9Z 
_pdbx_entry_details.has_ligand_of_interest   Y 
_pdbx_entry_details.compound_details         ? 
_pdbx_entry_details.source_details           ? 
_pdbx_entry_details.nonpolymer_details       ? 
_pdbx_entry_details.sequence_details         ? 
# 
_pdbx_validate_torsion.id              1 
_pdbx_validate_torsion.PDB_model_num   1 
_pdbx_validate_torsion.auth_comp_id    SER 
_pdbx_validate_torsion.auth_asym_id    A 
_pdbx_validate_torsion.auth_seq_id     92 
_pdbx_validate_torsion.PDB_ins_code    ? 
_pdbx_validate_torsion.label_alt_id    ? 
_pdbx_validate_torsion.phi             -88.30 
_pdbx_validate_torsion.psi             41.59 
# 
loop_
_pdbx_unobs_or_zero_occ_residues.id 
_pdbx_unobs_or_zero_occ_residues.PDB_model_num 
_pdbx_unobs_or_zero_occ_residues.polymer_flag 
_pdbx_unobs_or_zero_occ_residues.occupancy_flag 
_pdbx_unobs_or_zero_occ_residues.auth_asym_id 
_pdbx_unobs_or_zero_occ_residues.auth_comp_id 
_pdbx_unobs_or_zero_occ_residues.auth_seq_id 
_pdbx_unobs_or_zero_occ_residues.PDB_ins_code 
_pdbx_unobs_or_zero_occ_residues.label_asym_id 
_pdbx_unobs_or_zero_occ_residues.label_comp_id 
_pdbx_unobs_or_zero_occ_residues.label_seq_id 
1 1 Y 1 A GLY -1  ? A GLY 1   
2 1 Y 1 A SER 0   ? A SER 2   
3 1 Y 1 A MET 1   ? A MET 3   
4 1 Y 1 A PRO 2   ? A PRO 4   
5 1 Y 1 A SER 3   ? A SER 5   
6 1 Y 1 A PHE 119 ? A PHE 121 
7 1 Y 1 A GLY 120 ? A GLY 122 
# 
loop_
_chem_comp_atom.comp_id 
_chem_comp_atom.atom_id 
_chem_comp_atom.type_symbol 
_chem_comp_atom.pdbx_aromatic_flag 
_chem_comp_atom.pdbx_stereo_config 
_chem_comp_atom.pdbx_ordinal 
2LZ C4   C Y N 1   
2LZ C5   C Y N 2   
2LZ C6   C Y N 3   
2LZ C8   C Y N 4   
2LZ C9   C Y N 5   
2LZ C12  C N N 6   
2LZ C13  C N N 7   
2LZ C3   C Y N 8   
2LZ C1   C Y N 9   
2LZ C2   C Y N 10  
2LZ F7   F N N 11  
2LZ N10  N Y N 12  
2LZ O14  O N N 13  
2LZ O15  O N N 14  
2LZ H1   H N N 15  
2LZ H2   H N N 16  
2LZ H3   H N N 17  
2LZ H4   H N N 18  
2LZ H5   H N N 19  
2LZ H6   H N N 20  
2LZ H7   H N N 21  
2LZ H8   H N N 22  
ALA N    N N N 23  
ALA CA   C N S 24  
ALA C    C N N 25  
ALA O    O N N 26  
ALA CB   C N N 27  
ALA OXT  O N N 28  
ALA H    H N N 29  
ALA H2   H N N 30  
ALA HA   H N N 31  
ALA HB1  H N N 32  
ALA HB2  H N N 33  
ALA HB3  H N N 34  
ALA HXT  H N N 35  
ARG N    N N N 36  
ARG CA   C N S 37  
ARG C    C N N 38  
ARG O    O N N 39  
ARG CB   C N N 40  
ARG CG   C N N 41  
ARG CD   C N N 42  
ARG NE   N N N 43  
ARG CZ   C N N 44  
ARG NH1  N N N 45  
ARG NH2  N N N 46  
ARG OXT  O N N 47  
ARG H    H N N 48  
ARG H2   H N N 49  
ARG HA   H N N 50  
ARG HB2  H N N 51  
ARG HB3  H N N 52  
ARG HG2  H N N 53  
ARG HG3  H N N 54  
ARG HD2  H N N 55  
ARG HD3  H N N 56  
ARG HE   H N N 57  
ARG HH11 H N N 58  
ARG HH12 H N N 59  
ARG HH21 H N N 60  
ARG HH22 H N N 61  
ARG HXT  H N N 62  
ASN N    N N N 63  
ASN CA   C N S 64  
ASN C    C N N 65  
ASN O    O N N 66  
ASN CB   C N N 67  
ASN CG   C N N 68  
ASN OD1  O N N 69  
ASN ND2  N N N 70  
ASN OXT  O N N 71  
ASN H    H N N 72  
ASN H2   H N N 73  
ASN HA   H N N 74  
ASN HB2  H N N 75  
ASN HB3  H N N 76  
ASN HD21 H N N 77  
ASN HD22 H N N 78  
ASN HXT  H N N 79  
ASP N    N N N 80  
ASP CA   C N S 81  
ASP C    C N N 82  
ASP O    O N N 83  
ASP CB   C N N 84  
ASP CG   C N N 85  
ASP OD1  O N N 86  
ASP OD2  O N N 87  
ASP OXT  O N N 88  
ASP H    H N N 89  
ASP H2   H N N 90  
ASP HA   H N N 91  
ASP HB2  H N N 92  
ASP HB3  H N N 93  
ASP HD2  H N N 94  
ASP HXT  H N N 95  
CYS N    N N N 96  
CYS CA   C N R 97  
CYS C    C N N 98  
CYS O    O N N 99  
CYS CB   C N N 100 
CYS SG   S N N 101 
CYS OXT  O N N 102 
CYS H    H N N 103 
CYS H2   H N N 104 
CYS HA   H N N 105 
CYS HB2  H N N 106 
CYS HB3  H N N 107 
CYS HG   H N N 108 
CYS HXT  H N N 109 
GLN N    N N N 110 
GLN CA   C N S 111 
GLN C    C N N 112 
GLN O    O N N 113 
GLN CB   C N N 114 
GLN CG   C N N 115 
GLN CD   C N N 116 
GLN OE1  O N N 117 
GLN NE2  N N N 118 
GLN OXT  O N N 119 
GLN H    H N N 120 
GLN H2   H N N 121 
GLN HA   H N N 122 
GLN HB2  H N N 123 
GLN HB3  H N N 124 
GLN HG2  H N N 125 
GLN HG3  H N N 126 
GLN HE21 H N N 127 
GLN HE22 H N N 128 
GLN HXT  H N N 129 
GLU N    N N N 130 
GLU CA   C N S 131 
GLU C    C N N 132 
GLU O    O N N 133 
GLU CB   C N N 134 
GLU CG   C N N 135 
GLU CD   C N N 136 
GLU OE1  O N N 137 
GLU OE2  O N N 138 
GLU OXT  O N N 139 
GLU H    H N N 140 
GLU H2   H N N 141 
GLU HA   H N N 142 
GLU HB2  H N N 143 
GLU HB3  H N N 144 
GLU HG2  H N N 145 
GLU HG3  H N N 146 
GLU HE2  H N N 147 
GLU HXT  H N N 148 
GLY N    N N N 149 
GLY CA   C N N 150 
GLY C    C N N 151 
GLY O    O N N 152 
GLY OXT  O N N 153 
GLY H    H N N 154 
GLY H2   H N N 155 
GLY HA2  H N N 156 
GLY HA3  H N N 157 
GLY HXT  H N N 158 
HIS N    N N N 159 
HIS CA   C N S 160 
HIS C    C N N 161 
HIS O    O N N 162 
HIS CB   C N N 163 
HIS CG   C Y N 164 
HIS ND1  N Y N 165 
HIS CD2  C Y N 166 
HIS CE1  C Y N 167 
HIS NE2  N Y N 168 
HIS OXT  O N N 169 
HIS H    H N N 170 
HIS H2   H N N 171 
HIS HA   H N N 172 
HIS HB2  H N N 173 
HIS HB3  H N N 174 
HIS HD1  H N N 175 
HIS HD2  H N N 176 
HIS HE1  H N N 177 
HIS HE2  H N N 178 
HIS HXT  H N N 179 
HOH O    O N N 180 
HOH H1   H N N 181 
HOH H2   H N N 182 
ILE N    N N N 183 
ILE CA   C N S 184 
ILE C    C N N 185 
ILE O    O N N 186 
ILE CB   C N S 187 
ILE CG1  C N N 188 
ILE CG2  C N N 189 
ILE CD1  C N N 190 
ILE OXT  O N N 191 
ILE H    H N N 192 
ILE H2   H N N 193 
ILE HA   H N N 194 
ILE HB   H N N 195 
ILE HG12 H N N 196 
ILE HG13 H N N 197 
ILE HG21 H N N 198 
ILE HG22 H N N 199 
ILE HG23 H N N 200 
ILE HD11 H N N 201 
ILE HD12 H N N 202 
ILE HD13 H N N 203 
ILE HXT  H N N 204 
LEU N    N N N 205 
LEU CA   C N S 206 
LEU C    C N N 207 
LEU O    O N N 208 
LEU CB   C N N 209 
LEU CG   C N N 210 
LEU CD1  C N N 211 
LEU CD2  C N N 212 
LEU OXT  O N N 213 
LEU H    H N N 214 
LEU H2   H N N 215 
LEU HA   H N N 216 
LEU HB2  H N N 217 
LEU HB3  H N N 218 
LEU HG   H N N 219 
LEU HD11 H N N 220 
LEU HD12 H N N 221 
LEU HD13 H N N 222 
LEU HD21 H N N 223 
LEU HD22 H N N 224 
LEU HD23 H N N 225 
LEU HXT  H N N 226 
LYS N    N N N 227 
LYS CA   C N S 228 
LYS C    C N N 229 
LYS O    O N N 230 
LYS CB   C N N 231 
LYS CG   C N N 232 
LYS CD   C N N 233 
LYS CE   C N N 234 
LYS NZ   N N N 235 
LYS OXT  O N N 236 
LYS H    H N N 237 
LYS H2   H N N 238 
LYS HA   H N N 239 
LYS HB2  H N N 240 
LYS HB3  H N N 241 
LYS HG2  H N N 242 
LYS HG3  H N N 243 
LYS HD2  H N N 244 
LYS HD3  H N N 245 
LYS HE2  H N N 246 
LYS HE3  H N N 247 
LYS HZ1  H N N 248 
LYS HZ2  H N N 249 
LYS HZ3  H N N 250 
LYS HXT  H N N 251 
MET N    N N N 252 
MET CA   C N S 253 
MET C    C N N 254 
MET O    O N N 255 
MET CB   C N N 256 
MET CG   C N N 257 
MET SD   S N N 258 
MET CE   C N N 259 
MET OXT  O N N 260 
MET H    H N N 261 
MET H2   H N N 262 
MET HA   H N N 263 
MET HB2  H N N 264 
MET HB3  H N N 265 
MET HG2  H N N 266 
MET HG3  H N N 267 
MET HE1  H N N 268 
MET HE2  H N N 269 
MET HE3  H N N 270 
MET HXT  H N N 271 
PHE N    N N N 272 
PHE CA   C N S 273 
PHE C    C N N 274 
PHE O    O N N 275 
PHE CB   C N N 276 
PHE CG   C Y N 277 
PHE CD1  C Y N 278 
PHE CD2  C Y N 279 
PHE CE1  C Y N 280 
PHE CE2  C Y N 281 
PHE CZ   C Y N 282 
PHE OXT  O N N 283 
PHE H    H N N 284 
PHE H2   H N N 285 
PHE HA   H N N 286 
PHE HB2  H N N 287 
PHE HB3  H N N 288 
PHE HD1  H N N 289 
PHE HD2  H N N 290 
PHE HE1  H N N 291 
PHE HE2  H N N 292 
PHE HZ   H N N 293 
PHE HXT  H N N 294 
PRO N    N N N 295 
PRO CA   C N S 296 
PRO C    C N N 297 
PRO O    O N N 298 
PRO CB   C N N 299 
PRO CG   C N N 300 
PRO CD   C N N 301 
PRO OXT  O N N 302 
PRO H    H N N 303 
PRO HA   H N N 304 
PRO HB2  H N N 305 
PRO HB3  H N N 306 
PRO HG2  H N N 307 
PRO HG3  H N N 308 
PRO HD2  H N N 309 
PRO HD3  H N N 310 
PRO HXT  H N N 311 
SER N    N N N 312 
SER CA   C N S 313 
SER C    C N N 314 
SER O    O N N 315 
SER CB   C N N 316 
SER OG   O N N 317 
SER OXT  O N N 318 
SER H    H N N 319 
SER H2   H N N 320 
SER HA   H N N 321 
SER HB2  H N N 322 
SER HB3  H N N 323 
SER HG   H N N 324 
SER HXT  H N N 325 
THR N    N N N 326 
THR CA   C N S 327 
THR C    C N N 328 
THR O    O N N 329 
THR CB   C N R 330 
THR OG1  O N N 331 
THR CG2  C N N 332 
THR OXT  O N N 333 
THR H    H N N 334 
THR H2   H N N 335 
THR HA   H N N 336 
THR HB   H N N 337 
THR HG1  H N N 338 
THR HG21 H N N 339 
THR HG22 H N N 340 
THR HG23 H N N 341 
THR HXT  H N N 342 
TYR N    N N N 343 
TYR CA   C N S 344 
TYR C    C N N 345 
TYR O    O N N 346 
TYR CB   C N N 347 
TYR CG   C Y N 348 
TYR CD1  C Y N 349 
TYR CD2  C Y N 350 
TYR CE1  C Y N 351 
TYR CE2  C Y N 352 
TYR CZ   C Y N 353 
TYR OH   O N N 354 
TYR OXT  O N N 355 
TYR H    H N N 356 
TYR H2   H N N 357 
TYR HA   H N N 358 
TYR HB2  H N N 359 
TYR HB3  H N N 360 
TYR HD1  H N N 361 
TYR HD2  H N N 362 
TYR HE1  H N N 363 
TYR HE2  H N N 364 
TYR HH   H N N 365 
TYR HXT  H N N 366 
VAL N    N N N 367 
VAL CA   C N S 368 
VAL C    C N N 369 
VAL O    O N N 370 
VAL CB   C N N 371 
VAL CG1  C N N 372 
VAL CG2  C N N 373 
VAL OXT  O N N 374 
VAL H    H N N 375 
VAL H2   H N N 376 
VAL HA   H N N 377 
VAL HB   H N N 378 
VAL HG11 H N N 379 
VAL HG12 H N N 380 
VAL HG13 H N N 381 
VAL HG21 H N N 382 
VAL HG22 H N N 383 
VAL HG23 H N N 384 
VAL HXT  H N N 385 
# 
loop_
_chem_comp_bond.comp_id 
_chem_comp_bond.atom_id_1 
_chem_comp_bond.atom_id_2 
_chem_comp_bond.value_order 
_chem_comp_bond.pdbx_aromatic_flag 
_chem_comp_bond.pdbx_stereo_config 
_chem_comp_bond.pdbx_ordinal 
2LZ O14 C13  doub N N 1   
2LZ C13 C12  sing N N 2   
2LZ C13 O15  sing N N 3   
2LZ C12 C8   sing N N 4   
2LZ F7  C6   sing N N 5   
2LZ C5  C6   doub Y N 6   
2LZ C5  C4   sing Y N 7   
2LZ C8  C4   sing Y N 8   
2LZ C8  C9   doub Y N 9   
2LZ C6  C1   sing Y N 10  
2LZ C4  C3   doub Y N 11  
2LZ C9  N10  sing Y N 12  
2LZ C1  C2   doub Y N 13  
2LZ C3  N10  sing Y N 14  
2LZ C3  C2   sing Y N 15  
2LZ C5  H1   sing N N 16  
2LZ C9  H2   sing N N 17  
2LZ C12 H3   sing N N 18  
2LZ C12 H4   sing N N 19  
2LZ C1  H5   sing N N 20  
2LZ C2  H6   sing N N 21  
2LZ N10 H7   sing N N 22  
2LZ O15 H8   sing N N 23  
ALA N   CA   sing N N 24  
ALA N   H    sing N N 25  
ALA N   H2   sing N N 26  
ALA CA  C    sing N N 27  
ALA CA  CB   sing N N 28  
ALA CA  HA   sing N N 29  
ALA C   O    doub N N 30  
ALA C   OXT  sing N N 31  
ALA CB  HB1  sing N N 32  
ALA CB  HB2  sing N N 33  
ALA CB  HB3  sing N N 34  
ALA OXT HXT  sing N N 35  
ARG N   CA   sing N N 36  
ARG N   H    sing N N 37  
ARG N   H2   sing N N 38  
ARG CA  C    sing N N 39  
ARG CA  CB   sing N N 40  
ARG CA  HA   sing N N 41  
ARG C   O    doub N N 42  
ARG C   OXT  sing N N 43  
ARG CB  CG   sing N N 44  
ARG CB  HB2  sing N N 45  
ARG CB  HB3  sing N N 46  
ARG CG  CD   sing N N 47  
ARG CG  HG2  sing N N 48  
ARG CG  HG3  sing N N 49  
ARG CD  NE   sing N N 50  
ARG CD  HD2  sing N N 51  
ARG CD  HD3  sing N N 52  
ARG NE  CZ   sing N N 53  
ARG NE  HE   sing N N 54  
ARG CZ  NH1  sing N N 55  
ARG CZ  NH2  doub N N 56  
ARG NH1 HH11 sing N N 57  
ARG NH1 HH12 sing N N 58  
ARG NH2 HH21 sing N N 59  
ARG NH2 HH22 sing N N 60  
ARG OXT HXT  sing N N 61  
ASN N   CA   sing N N 62  
ASN N   H    sing N N 63  
ASN N   H2   sing N N 64  
ASN CA  C    sing N N 65  
ASN CA  CB   sing N N 66  
ASN CA  HA   sing N N 67  
ASN C   O    doub N N 68  
ASN C   OXT  sing N N 69  
ASN CB  CG   sing N N 70  
ASN CB  HB2  sing N N 71  
ASN CB  HB3  sing N N 72  
ASN CG  OD1  doub N N 73  
ASN CG  ND2  sing N N 74  
ASN ND2 HD21 sing N N 75  
ASN ND2 HD22 sing N N 76  
ASN OXT HXT  sing N N 77  
ASP N   CA   sing N N 78  
ASP N   H    sing N N 79  
ASP N   H2   sing N N 80  
ASP CA  C    sing N N 81  
ASP CA  CB   sing N N 82  
ASP CA  HA   sing N N 83  
ASP C   O    doub N N 84  
ASP C   OXT  sing N N 85  
ASP CB  CG   sing N N 86  
ASP CB  HB2  sing N N 87  
ASP CB  HB3  sing N N 88  
ASP CG  OD1  doub N N 89  
ASP CG  OD2  sing N N 90  
ASP OD2 HD2  sing N N 91  
ASP OXT HXT  sing N N 92  
CYS N   CA   sing N N 93  
CYS N   H    sing N N 94  
CYS N   H2   sing N N 95  
CYS CA  C    sing N N 96  
CYS CA  CB   sing N N 97  
CYS CA  HA   sing N N 98  
CYS C   O    doub N N 99  
CYS C   OXT  sing N N 100 
CYS CB  SG   sing N N 101 
CYS CB  HB2  sing N N 102 
CYS CB  HB3  sing N N 103 
CYS SG  HG   sing N N 104 
CYS OXT HXT  sing N N 105 
GLN N   CA   sing N N 106 
GLN N   H    sing N N 107 
GLN N   H2   sing N N 108 
GLN CA  C    sing N N 109 
GLN CA  CB   sing N N 110 
GLN CA  HA   sing N N 111 
GLN C   O    doub N N 112 
GLN C   OXT  sing N N 113 
GLN CB  CG   sing N N 114 
GLN CB  HB2  sing N N 115 
GLN CB  HB3  sing N N 116 
GLN CG  CD   sing N N 117 
GLN CG  HG2  sing N N 118 
GLN CG  HG3  sing N N 119 
GLN CD  OE1  doub N N 120 
GLN CD  NE2  sing N N 121 
GLN NE2 HE21 sing N N 122 
GLN NE2 HE22 sing N N 123 
GLN OXT HXT  sing N N 124 
GLU N   CA   sing N N 125 
GLU N   H    sing N N 126 
GLU N   H2   sing N N 127 
GLU CA  C    sing N N 128 
GLU CA  CB   sing N N 129 
GLU CA  HA   sing N N 130 
GLU C   O    doub N N 131 
GLU C   OXT  sing N N 132 
GLU CB  CG   sing N N 133 
GLU CB  HB2  sing N N 134 
GLU CB  HB3  sing N N 135 
GLU CG  CD   sing N N 136 
GLU CG  HG2  sing N N 137 
GLU CG  HG3  sing N N 138 
GLU CD  OE1  doub N N 139 
GLU CD  OE2  sing N N 140 
GLU OE2 HE2  sing N N 141 
GLU OXT HXT  sing N N 142 
GLY N   CA   sing N N 143 
GLY N   H    sing N N 144 
GLY N   H2   sing N N 145 
GLY CA  C    sing N N 146 
GLY CA  HA2  sing N N 147 
GLY CA  HA3  sing N N 148 
GLY C   O    doub N N 149 
GLY C   OXT  sing N N 150 
GLY OXT HXT  sing N N 151 
HIS N   CA   sing N N 152 
HIS N   H    sing N N 153 
HIS N   H2   sing N N 154 
HIS CA  C    sing N N 155 
HIS CA  CB   sing N N 156 
HIS CA  HA   sing N N 157 
HIS C   O    doub N N 158 
HIS C   OXT  sing N N 159 
HIS CB  CG   sing N N 160 
HIS CB  HB2  sing N N 161 
HIS CB  HB3  sing N N 162 
HIS CG  ND1  sing Y N 163 
HIS CG  CD2  doub Y N 164 
HIS ND1 CE1  doub Y N 165 
HIS ND1 HD1  sing N N 166 
HIS CD2 NE2  sing Y N 167 
HIS CD2 HD2  sing N N 168 
HIS CE1 NE2  sing Y N 169 
HIS CE1 HE1  sing N N 170 
HIS NE2 HE2  sing N N 171 
HIS OXT HXT  sing N N 172 
HOH O   H1   sing N N 173 
HOH O   H2   sing N N 174 
ILE N   CA   sing N N 175 
ILE N   H    sing N N 176 
ILE N   H2   sing N N 177 
ILE CA  C    sing N N 178 
ILE CA  CB   sing N N 179 
ILE CA  HA   sing N N 180 
ILE C   O    doub N N 181 
ILE C   OXT  sing N N 182 
ILE CB  CG1  sing N N 183 
ILE CB  CG2  sing N N 184 
ILE CB  HB   sing N N 185 
ILE CG1 CD1  sing N N 186 
ILE CG1 HG12 sing N N 187 
ILE CG1 HG13 sing N N 188 
ILE CG2 HG21 sing N N 189 
ILE CG2 HG22 sing N N 190 
ILE CG2 HG23 sing N N 191 
ILE CD1 HD11 sing N N 192 
ILE CD1 HD12 sing N N 193 
ILE CD1 HD13 sing N N 194 
ILE OXT HXT  sing N N 195 
LEU N   CA   sing N N 196 
LEU N   H    sing N N 197 
LEU N   H2   sing N N 198 
LEU CA  C    sing N N 199 
LEU CA  CB   sing N N 200 
LEU CA  HA   sing N N 201 
LEU C   O    doub N N 202 
LEU C   OXT  sing N N 203 
LEU CB  CG   sing N N 204 
LEU CB  HB2  sing N N 205 
LEU CB  HB3  sing N N 206 
LEU CG  CD1  sing N N 207 
LEU CG  CD2  sing N N 208 
LEU CG  HG   sing N N 209 
LEU CD1 HD11 sing N N 210 
LEU CD1 HD12 sing N N 211 
LEU CD1 HD13 sing N N 212 
LEU CD2 HD21 sing N N 213 
LEU CD2 HD22 sing N N 214 
LEU CD2 HD23 sing N N 215 
LEU OXT HXT  sing N N 216 
LYS N   CA   sing N N 217 
LYS N   H    sing N N 218 
LYS N   H2   sing N N 219 
LYS CA  C    sing N N 220 
LYS CA  CB   sing N N 221 
LYS CA  HA   sing N N 222 
LYS C   O    doub N N 223 
LYS C   OXT  sing N N 224 
LYS CB  CG   sing N N 225 
LYS CB  HB2  sing N N 226 
LYS CB  HB3  sing N N 227 
LYS CG  CD   sing N N 228 
LYS CG  HG2  sing N N 229 
LYS CG  HG3  sing N N 230 
LYS CD  CE   sing N N 231 
LYS CD  HD2  sing N N 232 
LYS CD  HD3  sing N N 233 
LYS CE  NZ   sing N N 234 
LYS CE  HE2  sing N N 235 
LYS CE  HE3  sing N N 236 
LYS NZ  HZ1  sing N N 237 
LYS NZ  HZ2  sing N N 238 
LYS NZ  HZ3  sing N N 239 
LYS OXT HXT  sing N N 240 
MET N   CA   sing N N 241 
MET N   H    sing N N 242 
MET N   H2   sing N N 243 
MET CA  C    sing N N 244 
MET CA  CB   sing N N 245 
MET CA  HA   sing N N 246 
MET C   O    doub N N 247 
MET C   OXT  sing N N 248 
MET CB  CG   sing N N 249 
MET CB  HB2  sing N N 250 
MET CB  HB3  sing N N 251 
MET CG  SD   sing N N 252 
MET CG  HG2  sing N N 253 
MET CG  HG3  sing N N 254 
MET SD  CE   sing N N 255 
MET CE  HE1  sing N N 256 
MET CE  HE2  sing N N 257 
MET CE  HE3  sing N N 258 
MET OXT HXT  sing N N 259 
PHE N   CA   sing N N 260 
PHE N   H    sing N N 261 
PHE N   H2   sing N N 262 
PHE CA  C    sing N N 263 
PHE CA  CB   sing N N 264 
PHE CA  HA   sing N N 265 
PHE C   O    doub N N 266 
PHE C   OXT  sing N N 267 
PHE CB  CG   sing N N 268 
PHE CB  HB2  sing N N 269 
PHE CB  HB3  sing N N 270 
PHE CG  CD1  doub Y N 271 
PHE CG  CD2  sing Y N 272 
PHE CD1 CE1  sing Y N 273 
PHE CD1 HD1  sing N N 274 
PHE CD2 CE2  doub Y N 275 
PHE CD2 HD2  sing N N 276 
PHE CE1 CZ   doub Y N 277 
PHE CE1 HE1  sing N N 278 
PHE CE2 CZ   sing Y N 279 
PHE CE2 HE2  sing N N 280 
PHE CZ  HZ   sing N N 281 
PHE OXT HXT  sing N N 282 
PRO N   CA   sing N N 283 
PRO N   CD   sing N N 284 
PRO N   H    sing N N 285 
PRO CA  C    sing N N 286 
PRO CA  CB   sing N N 287 
PRO CA  HA   sing N N 288 
PRO C   O    doub N N 289 
PRO C   OXT  sing N N 290 
PRO CB  CG   sing N N 291 
PRO CB  HB2  sing N N 292 
PRO CB  HB3  sing N N 293 
PRO CG  CD   sing N N 294 
PRO CG  HG2  sing N N 295 
PRO CG  HG3  sing N N 296 
PRO CD  HD2  sing N N 297 
PRO CD  HD3  sing N N 298 
PRO OXT HXT  sing N N 299 
SER N   CA   sing N N 300 
SER N   H    sing N N 301 
SER N   H2   sing N N 302 
SER CA  C    sing N N 303 
SER CA  CB   sing N N 304 
SER CA  HA   sing N N 305 
SER C   O    doub N N 306 
SER C   OXT  sing N N 307 
SER CB  OG   sing N N 308 
SER CB  HB2  sing N N 309 
SER CB  HB3  sing N N 310 
SER OG  HG   sing N N 311 
SER OXT HXT  sing N N 312 
THR N   CA   sing N N 313 
THR N   H    sing N N 314 
THR N   H2   sing N N 315 
THR CA  C    sing N N 316 
THR CA  CB   sing N N 317 
THR CA  HA   sing N N 318 
THR C   O    doub N N 319 
THR C   OXT  sing N N 320 
THR CB  OG1  sing N N 321 
THR CB  CG2  sing N N 322 
THR CB  HB   sing N N 323 
THR OG1 HG1  sing N N 324 
THR CG2 HG21 sing N N 325 
THR CG2 HG22 sing N N 326 
THR CG2 HG23 sing N N 327 
THR OXT HXT  sing N N 328 
TYR N   CA   sing N N 329 
TYR N   H    sing N N 330 
TYR N   H2   sing N N 331 
TYR CA  C    sing N N 332 
TYR CA  CB   sing N N 333 
TYR CA  HA   sing N N 334 
TYR C   O    doub N N 335 
TYR C   OXT  sing N N 336 
TYR CB  CG   sing N N 337 
TYR CB  HB2  sing N N 338 
TYR CB  HB3  sing N N 339 
TYR CG  CD1  doub Y N 340 
TYR CG  CD2  sing Y N 341 
TYR CD1 CE1  sing Y N 342 
TYR CD1 HD1  sing N N 343 
TYR CD2 CE2  doub Y N 344 
TYR CD2 HD2  sing N N 345 
TYR CE1 CZ   doub Y N 346 
TYR CE1 HE1  sing N N 347 
TYR CE2 CZ   sing Y N 348 
TYR CE2 HE2  sing N N 349 
TYR CZ  OH   sing N N 350 
TYR OH  HH   sing N N 351 
TYR OXT HXT  sing N N 352 
VAL N   CA   sing N N 353 
VAL N   H    sing N N 354 
VAL N   H2   sing N N 355 
VAL CA  C    sing N N 356 
VAL CA  CB   sing N N 357 
VAL CA  HA   sing N N 358 
VAL C   O    doub N N 359 
VAL C   OXT  sing N N 360 
VAL CB  CG1  sing N N 361 
VAL CB  CG2  sing N N 362 
VAL CB  HB   sing N N 363 
VAL CG1 HG11 sing N N 364 
VAL CG1 HG12 sing N N 365 
VAL CG1 HG13 sing N N 366 
VAL CG2 HG21 sing N N 367 
VAL CG2 HG22 sing N N 368 
VAL CG2 HG23 sing N N 369 
VAL OXT HXT  sing N N 370 
# 
_pdbx_entity_instance_feature.ordinal        1 
_pdbx_entity_instance_feature.comp_id        2LZ 
_pdbx_entity_instance_feature.asym_id        ? 
_pdbx_entity_instance_feature.seq_num        ? 
_pdbx_entity_instance_feature.auth_comp_id   2LZ 
_pdbx_entity_instance_feature.auth_asym_id   ? 
_pdbx_entity_instance_feature.auth_seq_num   ? 
_pdbx_entity_instance_feature.feature_type   'SUBJECT OF INVESTIGATION' 
_pdbx_entity_instance_feature.details        ? 
# 
loop_
_pdbx_entity_nonpoly.entity_id 
_pdbx_entity_nonpoly.name 
_pdbx_entity_nonpoly.comp_id 
2 '(5-fluoro-1H-indol-3-yl)acetic acid' 2LZ 
3 water                                 HOH 
# 
_pdbx_initial_refinement_model.id               1 
_pdbx_initial_refinement_model.entity_id_list   ? 
_pdbx_initial_refinement_model.type             'experimental model' 
_pdbx_initial_refinement_model.source_name      PDB 
_pdbx_initial_refinement_model.accession_code   3WAL 
_pdbx_initial_refinement_model.details          ? 
# 
_pdbx_struct_assembly_auth_evidence.id                     1 
_pdbx_struct_assembly_auth_evidence.assembly_id            1 
_pdbx_struct_assembly_auth_evidence.experimental_support   'gel filtration' 
_pdbx_struct_assembly_auth_evidence.details                ? 
# 
_space_group.name_H-M_alt     'I 41' 
_space_group.name_Hall        'I 4bw' 
_space_group.IT_number        80 
_space_group.crystal_system   tetragonal 
_space_group.id               1 
# 
